data_5YHB
# 
_entry.id   5YHB 
# 
_audit_conform.dict_name       mmcif_pdbx.dic 
_audit_conform.dict_version    5.397 
_audit_conform.dict_location   http://mmcif.pdb.org/dictionaries/ascii/mmcif_pdbx.dic 
# 
loop_
_database_2.database_id 
_database_2.database_code 
_database_2.pdbx_database_accession 
_database_2.pdbx_DOI 
PDB   5YHB         pdb_00005yhb 10.2210/pdb5yhb/pdb 
WWPDB D_1300005265 ?            ?                   
# 
loop_
_pdbx_audit_revision_history.ordinal 
_pdbx_audit_revision_history.data_content_type 
_pdbx_audit_revision_history.major_revision 
_pdbx_audit_revision_history.minor_revision 
_pdbx_audit_revision_history.revision_date 
1 'Structure model' 1 0 2017-11-29 
2 'Structure model' 1 1 2018-02-14 
3 'Structure model' 1 2 2023-11-22 
4 'Structure model' 1 3 2024-10-30 
# 
_pdbx_audit_revision_details.ordinal             1 
_pdbx_audit_revision_details.revision_ordinal    1 
_pdbx_audit_revision_details.data_content_type   'Structure model' 
_pdbx_audit_revision_details.provider            repository 
_pdbx_audit_revision_details.type                'Initial release' 
_pdbx_audit_revision_details.description         ? 
_pdbx_audit_revision_details.details             ? 
# 
loop_
_pdbx_audit_revision_group.ordinal 
_pdbx_audit_revision_group.revision_ordinal 
_pdbx_audit_revision_group.data_content_type 
_pdbx_audit_revision_group.group 
1 2 'Structure model' 'Database references'    
2 3 'Structure model' 'Data collection'        
3 3 'Structure model' 'Database references'    
4 3 'Structure model' 'Derived calculations'   
5 3 'Structure model' 'Refinement description' 
6 4 'Structure model' 'Structure summary'      
# 
loop_
_pdbx_audit_revision_category.ordinal 
_pdbx_audit_revision_category.revision_ordinal 
_pdbx_audit_revision_category.data_content_type 
_pdbx_audit_revision_category.category 
1 2 'Structure model' citation                      
2 3 'Structure model' chem_comp_atom                
3 3 'Structure model' chem_comp_bond                
4 3 'Structure model' database_2                    
5 3 'Structure model' pdbx_initial_refinement_model 
6 3 'Structure model' pdbx_struct_conn_angle        
7 3 'Structure model' struct_conn                   
8 4 'Structure model' pdbx_entry_details            
# 
loop_
_pdbx_audit_revision_item.ordinal 
_pdbx_audit_revision_item.revision_ordinal 
_pdbx_audit_revision_item.data_content_type 
_pdbx_audit_revision_item.item 
1  2 'Structure model' '_citation.journal_volume'                    
2  2 'Structure model' '_citation.page_first'                        
3  2 'Structure model' '_citation.page_last'                         
4  2 'Structure model' '_citation.year'                              
5  3 'Structure model' '_database_2.pdbx_DOI'                        
6  3 'Structure model' '_database_2.pdbx_database_accession'         
7  3 'Structure model' '_pdbx_struct_conn_angle.ptnr1_auth_comp_id'  
8  3 'Structure model' '_pdbx_struct_conn_angle.ptnr1_auth_seq_id'   
9  3 'Structure model' '_pdbx_struct_conn_angle.ptnr1_label_asym_id' 
10 3 'Structure model' '_pdbx_struct_conn_angle.ptnr1_label_atom_id' 
11 3 'Structure model' '_pdbx_struct_conn_angle.ptnr1_label_comp_id' 
12 3 'Structure model' '_pdbx_struct_conn_angle.ptnr1_label_seq_id'  
13 3 'Structure model' '_pdbx_struct_conn_angle.ptnr1_symmetry'      
14 3 'Structure model' '_pdbx_struct_conn_angle.ptnr2_auth_comp_id'  
15 3 'Structure model' '_pdbx_struct_conn_angle.ptnr2_auth_seq_id'   
16 3 'Structure model' '_pdbx_struct_conn_angle.ptnr2_label_asym_id' 
17 3 'Structure model' '_pdbx_struct_conn_angle.ptnr2_label_comp_id' 
18 3 'Structure model' '_pdbx_struct_conn_angle.ptnr2_symmetry'      
19 3 'Structure model' '_pdbx_struct_conn_angle.ptnr3_auth_comp_id'  
20 3 'Structure model' '_pdbx_struct_conn_angle.ptnr3_auth_seq_id'   
21 3 'Structure model' '_pdbx_struct_conn_angle.ptnr3_label_asym_id' 
22 3 'Structure model' '_pdbx_struct_conn_angle.ptnr3_label_atom_id' 
23 3 'Structure model' '_pdbx_struct_conn_angle.ptnr3_label_comp_id' 
24 3 'Structure model' '_pdbx_struct_conn_angle.ptnr3_label_seq_id'  
25 3 'Structure model' '_pdbx_struct_conn_angle.ptnr3_symmetry'      
26 3 'Structure model' '_pdbx_struct_conn_angle.value'               
27 3 'Structure model' '_struct_conn.pdbx_dist_value'                
28 3 'Structure model' '_struct_conn.ptnr1_auth_comp_id'             
29 3 'Structure model' '_struct_conn.ptnr1_auth_seq_id'              
30 3 'Structure model' '_struct_conn.ptnr1_label_asym_id'            
31 3 'Structure model' '_struct_conn.ptnr1_label_atom_id'            
32 3 'Structure model' '_struct_conn.ptnr1_label_comp_id'            
33 3 'Structure model' '_struct_conn.ptnr1_label_seq_id'             
34 3 'Structure model' '_struct_conn.ptnr2_auth_comp_id'             
35 3 'Structure model' '_struct_conn.ptnr2_auth_seq_id'              
36 3 'Structure model' '_struct_conn.ptnr2_label_asym_id'            
37 3 'Structure model' '_struct_conn.ptnr2_label_atom_id'            
38 3 'Structure model' '_struct_conn.ptnr2_label_comp_id'            
39 3 'Structure model' '_struct_conn.ptnr2_symmetry'                 
# 
_pdbx_database_status.status_code                     REL 
_pdbx_database_status.status_code_sf                  REL 
_pdbx_database_status.status_code_mr                  ? 
_pdbx_database_status.entry_id                        5YHB 
_pdbx_database_status.recvd_initial_deposition_date   2017-09-27 
_pdbx_database_status.SG_entry                        N 
_pdbx_database_status.deposit_site                    PDBJ 
_pdbx_database_status.process_site                    PDBJ 
_pdbx_database_status.status_code_cs                  ? 
_pdbx_database_status.methods_development_category    ? 
_pdbx_database_status.pdb_format_compatible           Y 
_pdbx_database_status.status_code_nmr_data            ? 
# 
loop_
_audit_author.name 
_audit_author.pdbx_ordinal 
_audit_author.identifier_ORCID 
'Abe, S.'       1 ? 
'Atsumi, K.'    2 ? 
'Yamashita, K.' 3 ? 
'Hirata, K.'    4 ? 
'Mori, H.'      5 ? 
'Ueno, T.'      6 ? 
# 
_citation.abstract                  ? 
_citation.abstract_id_CAS           ? 
_citation.book_id_ISBN              ? 
_citation.book_publisher            ? 
_citation.book_publisher_city       ? 
_citation.book_title                ? 
_citation.coordinate_linkage        ? 
_citation.country                   UK 
_citation.database_id_Medline       ? 
_citation.details                   ? 
_citation.id                        primary 
_citation.journal_abbrev            'Phys Chem Chem Phys' 
_citation.journal_id_ASTM           ? 
_citation.journal_id_CSD            ? 
_citation.journal_id_ISSN           1463-9084 
_citation.journal_full              ? 
_citation.journal_issue             ? 
_citation.journal_volume            20 
_citation.language                  ? 
_citation.page_first                2986 
_citation.page_last                 2989 
_citation.title                     'Structure of in cell protein crystals containing organometallic complexes.' 
_citation.year                      2018 
_citation.database_id_CSD           ? 
_citation.pdbx_database_id_DOI      10.1039/c7cp06651a 
_citation.pdbx_database_id_PubMed   29138769 
_citation.unpublished_flag          ? 
# 
loop_
_citation_author.citation_id 
_citation_author.name 
_citation_author.ordinal 
_citation_author.identifier_ORCID 
primary 'Abe, S.'       1 ? 
primary 'Atsumi, K.'    2 ? 
primary 'Yamashita, K.' 3 ? 
primary 'Hirata, K.'    4 ? 
primary 'Mori, H.'      5 ? 
primary 'Ueno, T.'      6 ? 
# 
loop_
_entity.id 
_entity.type 
_entity.src_method 
_entity.pdbx_description 
_entity.formula_weight 
_entity.pdbx_number_of_molecules 
_entity.pdbx_ec 
_entity.pdbx_mutation 
_entity.pdbx_fragment 
_entity.details 
1 polymer     man Polyhedrin                    28172.107 1  ? 'deletion 192-194' ? ? 
2 non-polymer syn 'PALLADIUM ION'               106.420   7  ? ?                  ? ? 
3 non-polymer syn 'Palladium(II) allyl complex' 147.492   1  ? ?                  ? ? 
4 water       nat water                         18.015    21 ? ?                  ? ? 
# 
_entity_name_com.entity_id   1 
_entity_name_com.name        C-polyhedrin 
# 
_entity_poly.entity_id                      1 
_entity_poly.type                           'polypeptide(L)' 
_entity_poly.nstd_linkage                   no 
_entity_poly.nstd_monomer                   yes 
_entity_poly.pdbx_seq_one_letter_code       
;(ACE)ADVAGTSNRDFRGREQRLFNSEQYNYNNSLNGEVSVWVYAYYSDGSVLVINKNSQYKVGISETFKALKEYREGQH
NDSYDEYEVNQSIYYPNGGDARKFHSNAKPRAIQIIFSPSVNVRTIKMAKGNAVSVPDEYLQRSHPWEATGIKYRKIKRD
GEIVGYSHYFELPHEYNSISLAVSGVHKNPSSYNVHNVMDVFQSCDLALRFCNRYWAELELVNHYISPNAYPYLDINNHS
YGVALSNRQ
;
_entity_poly.pdbx_seq_one_letter_code_can   
;XADVAGTSNRDFRGREQRLFNSEQYNYNNSLNGEVSVWVYAYYSDGSVLVINKNSQYKVGISETFKALKEYREGQHNDSY
DEYEVNQSIYYPNGGDARKFHSNAKPRAIQIIFSPSVNVRTIKMAKGNAVSVPDEYLQRSHPWEATGIKYRKIKRDGEIV
GYSHYFELPHEYNSISLAVSGVHKNPSSYNVHNVMDVFQSCDLALRFCNRYWAELELVNHYISPNAYPYLDINNHSYGVA
LSNRQ
;
_entity_poly.pdbx_strand_id                 A 
_entity_poly.pdbx_target_identifier         ? 
# 
loop_
_pdbx_entity_nonpoly.entity_id 
_pdbx_entity_nonpoly.name 
_pdbx_entity_nonpoly.comp_id 
2 'PALLADIUM ION'               PD  
3 'Palladium(II) allyl complex' PLL 
4 water                         HOH 
# 
loop_
_entity_poly_seq.entity_id 
_entity_poly_seq.num 
_entity_poly_seq.mon_id 
_entity_poly_seq.hetero 
1 1   ACE n 
1 2   ALA n 
1 3   ASP n 
1 4   VAL n 
1 5   ALA n 
1 6   GLY n 
1 7   THR n 
1 8   SER n 
1 9   ASN n 
1 10  ARG n 
1 11  ASP n 
1 12  PHE n 
1 13  ARG n 
1 14  GLY n 
1 15  ARG n 
1 16  GLU n 
1 17  GLN n 
1 18  ARG n 
1 19  LEU n 
1 20  PHE n 
1 21  ASN n 
1 22  SER n 
1 23  GLU n 
1 24  GLN n 
1 25  TYR n 
1 26  ASN n 
1 27  TYR n 
1 28  ASN n 
1 29  ASN n 
1 30  SER n 
1 31  LEU n 
1 32  ASN n 
1 33  GLY n 
1 34  GLU n 
1 35  VAL n 
1 36  SER n 
1 37  VAL n 
1 38  TRP n 
1 39  VAL n 
1 40  TYR n 
1 41  ALA n 
1 42  TYR n 
1 43  TYR n 
1 44  SER n 
1 45  ASP n 
1 46  GLY n 
1 47  SER n 
1 48  VAL n 
1 49  LEU n 
1 50  VAL n 
1 51  ILE n 
1 52  ASN n 
1 53  LYS n 
1 54  ASN n 
1 55  SER n 
1 56  GLN n 
1 57  TYR n 
1 58  LYS n 
1 59  VAL n 
1 60  GLY n 
1 61  ILE n 
1 62  SER n 
1 63  GLU n 
1 64  THR n 
1 65  PHE n 
1 66  LYS n 
1 67  ALA n 
1 68  LEU n 
1 69  LYS n 
1 70  GLU n 
1 71  TYR n 
1 72  ARG n 
1 73  GLU n 
1 74  GLY n 
1 75  GLN n 
1 76  HIS n 
1 77  ASN n 
1 78  ASP n 
1 79  SER n 
1 80  TYR n 
1 81  ASP n 
1 82  GLU n 
1 83  TYR n 
1 84  GLU n 
1 85  VAL n 
1 86  ASN n 
1 87  GLN n 
1 88  SER n 
1 89  ILE n 
1 90  TYR n 
1 91  TYR n 
1 92  PRO n 
1 93  ASN n 
1 94  GLY n 
1 95  GLY n 
1 96  ASP n 
1 97  ALA n 
1 98  ARG n 
1 99  LYS n 
1 100 PHE n 
1 101 HIS n 
1 102 SER n 
1 103 ASN n 
1 104 ALA n 
1 105 LYS n 
1 106 PRO n 
1 107 ARG n 
1 108 ALA n 
1 109 ILE n 
1 110 GLN n 
1 111 ILE n 
1 112 ILE n 
1 113 PHE n 
1 114 SER n 
1 115 PRO n 
1 116 SER n 
1 117 VAL n 
1 118 ASN n 
1 119 VAL n 
1 120 ARG n 
1 121 THR n 
1 122 ILE n 
1 123 LYS n 
1 124 MET n 
1 125 ALA n 
1 126 LYS n 
1 127 GLY n 
1 128 ASN n 
1 129 ALA n 
1 130 VAL n 
1 131 SER n 
1 132 VAL n 
1 133 PRO n 
1 134 ASP n 
1 135 GLU n 
1 136 TYR n 
1 137 LEU n 
1 138 GLN n 
1 139 ARG n 
1 140 SER n 
1 141 HIS n 
1 142 PRO n 
1 143 TRP n 
1 144 GLU n 
1 145 ALA n 
1 146 THR n 
1 147 GLY n 
1 148 ILE n 
1 149 LYS n 
1 150 TYR n 
1 151 ARG n 
1 152 LYS n 
1 153 ILE n 
1 154 LYS n 
1 155 ARG n 
1 156 ASP n 
1 157 GLY n 
1 158 GLU n 
1 159 ILE n 
1 160 VAL n 
1 161 GLY n 
1 162 TYR n 
1 163 SER n 
1 164 HIS n 
1 165 TYR n 
1 166 PHE n 
1 167 GLU n 
1 168 LEU n 
1 169 PRO n 
1 170 HIS n 
1 171 GLU n 
1 172 TYR n 
1 173 ASN n 
1 174 SER n 
1 175 ILE n 
1 176 SER n 
1 177 LEU n 
1 178 ALA n 
1 179 VAL n 
1 180 SER n 
1 181 GLY n 
1 182 VAL n 
1 183 HIS n 
1 184 LYS n 
1 185 ASN n 
1 186 PRO n 
1 187 SER n 
1 188 SER n 
1 189 TYR n 
1 190 ASN n 
1 191 VAL n 
1 192 HIS n 
1 193 ASN n 
1 194 VAL n 
1 195 MET n 
1 196 ASP n 
1 197 VAL n 
1 198 PHE n 
1 199 GLN n 
1 200 SER n 
1 201 CYS n 
1 202 ASP n 
1 203 LEU n 
1 204 ALA n 
1 205 LEU n 
1 206 ARG n 
1 207 PHE n 
1 208 CYS n 
1 209 ASN n 
1 210 ARG n 
1 211 TYR n 
1 212 TRP n 
1 213 ALA n 
1 214 GLU n 
1 215 LEU n 
1 216 GLU n 
1 217 LEU n 
1 218 VAL n 
1 219 ASN n 
1 220 HIS n 
1 221 TYR n 
1 222 ILE n 
1 223 SER n 
1 224 PRO n 
1 225 ASN n 
1 226 ALA n 
1 227 TYR n 
1 228 PRO n 
1 229 TYR n 
1 230 LEU n 
1 231 ASP n 
1 232 ILE n 
1 233 ASN n 
1 234 ASN n 
1 235 HIS n 
1 236 SER n 
1 237 TYR n 
1 238 GLY n 
1 239 VAL n 
1 240 ALA n 
1 241 LEU n 
1 242 SER n 
1 243 ASN n 
1 244 ARG n 
1 245 GLN n 
# 
_entity_src_gen.entity_id                          1 
_entity_src_gen.pdbx_src_id                        1 
_entity_src_gen.pdbx_alt_source_flag               sample 
_entity_src_gen.pdbx_seq_type                      'Biological sequence' 
_entity_src_gen.pdbx_beg_seq_num                   1 
_entity_src_gen.pdbx_end_seq_num                   245 
_entity_src_gen.gene_src_common_name               BmCPV 
_entity_src_gen.gene_src_genus                     ? 
_entity_src_gen.pdbx_gene_src_gene                 ? 
_entity_src_gen.gene_src_species                   ? 
_entity_src_gen.gene_src_strain                    ? 
_entity_src_gen.gene_src_tissue                    ? 
_entity_src_gen.gene_src_tissue_fraction           ? 
_entity_src_gen.gene_src_details                   ? 
_entity_src_gen.pdbx_gene_src_fragment             ? 
_entity_src_gen.pdbx_gene_src_scientific_name      'Bombyx mori cytoplasmic polyhedrosis virus' 
_entity_src_gen.pdbx_gene_src_ncbi_taxonomy_id     110829 
_entity_src_gen.pdbx_gene_src_variant              ? 
_entity_src_gen.pdbx_gene_src_cell_line            ? 
_entity_src_gen.pdbx_gene_src_atcc                 ? 
_entity_src_gen.pdbx_gene_src_organ                ? 
_entity_src_gen.pdbx_gene_src_organelle            ? 
_entity_src_gen.pdbx_gene_src_cell                 ? 
_entity_src_gen.pdbx_gene_src_cellular_location    ? 
_entity_src_gen.host_org_common_name               'fall armyworm' 
_entity_src_gen.pdbx_host_org_scientific_name      'Spodoptera frugiperda' 
_entity_src_gen.pdbx_host_org_ncbi_taxonomy_id     7108 
_entity_src_gen.host_org_genus                     ? 
_entity_src_gen.pdbx_host_org_gene                 ? 
_entity_src_gen.pdbx_host_org_organ                ? 
_entity_src_gen.host_org_species                   ? 
_entity_src_gen.pdbx_host_org_tissue               ? 
_entity_src_gen.pdbx_host_org_tissue_fraction      ? 
_entity_src_gen.pdbx_host_org_strain               ? 
_entity_src_gen.pdbx_host_org_variant              ? 
_entity_src_gen.pdbx_host_org_cell_line            ? 
_entity_src_gen.pdbx_host_org_atcc                 ? 
_entity_src_gen.pdbx_host_org_culture_collection   ? 
_entity_src_gen.pdbx_host_org_cell                 ? 
_entity_src_gen.pdbx_host_org_organelle            ? 
_entity_src_gen.pdbx_host_org_cellular_location    ? 
_entity_src_gen.pdbx_host_org_vector_type          baculovirus 
_entity_src_gen.pdbx_host_org_vector               ? 
_entity_src_gen.host_org_details                   ? 
_entity_src_gen.expression_system_id               ? 
_entity_src_gen.plasmid_name                       ? 
_entity_src_gen.plasmid_details                    ? 
_entity_src_gen.pdbx_description                   ? 
# 
loop_
_chem_comp.id 
_chem_comp.type 
_chem_comp.mon_nstd_flag 
_chem_comp.name 
_chem_comp.pdbx_synonyms 
_chem_comp.formula 
_chem_comp.formula_weight 
ACE non-polymer         . 'ACETYL GROUP'                ? 'C2 H4 O'        44.053  
ALA 'L-peptide linking' y ALANINE                       ? 'C3 H7 N O2'     89.093  
ARG 'L-peptide linking' y ARGININE                      ? 'C6 H15 N4 O2 1' 175.209 
ASN 'L-peptide linking' y ASPARAGINE                    ? 'C4 H8 N2 O3'    132.118 
ASP 'L-peptide linking' y 'ASPARTIC ACID'               ? 'C4 H7 N O4'     133.103 
CYS 'L-peptide linking' y CYSTEINE                      ? 'C3 H7 N O2 S'   121.158 
GLN 'L-peptide linking' y GLUTAMINE                     ? 'C5 H10 N2 O3'   146.144 
GLU 'L-peptide linking' y 'GLUTAMIC ACID'               ? 'C5 H9 N O4'     147.129 
GLY 'peptide linking'   y GLYCINE                       ? 'C2 H5 N O2'     75.067  
HIS 'L-peptide linking' y HISTIDINE                     ? 'C6 H10 N3 O2 1' 156.162 
HOH non-polymer         . WATER                         ? 'H2 O'           18.015  
ILE 'L-peptide linking' y ISOLEUCINE                    ? 'C6 H13 N O2'    131.173 
LEU 'L-peptide linking' y LEUCINE                       ? 'C6 H13 N O2'    131.173 
LYS 'L-peptide linking' y LYSINE                        ? 'C6 H15 N2 O2 1' 147.195 
MET 'L-peptide linking' y METHIONINE                    ? 'C5 H11 N O2 S'  149.211 
PD  non-polymer         . 'PALLADIUM ION'               ? 'Pd 2'           106.420 
PHE 'L-peptide linking' y PHENYLALANINE                 ? 'C9 H11 N O2'    165.189 
PLL non-polymer         . 'Palladium(II) allyl complex' ? 'C3 H5 Pd'       147.492 
PRO 'L-peptide linking' y PROLINE                       ? 'C5 H9 N O2'     115.130 
SER 'L-peptide linking' y SERINE                        ? 'C3 H7 N O3'     105.093 
THR 'L-peptide linking' y THREONINE                     ? 'C4 H9 N O3'     119.119 
TRP 'L-peptide linking' y TRYPTOPHAN                    ? 'C11 H12 N2 O2'  204.225 
TYR 'L-peptide linking' y TYROSINE                      ? 'C9 H11 N O3'    181.189 
VAL 'L-peptide linking' y VALINE                        ? 'C5 H11 N O2'    117.146 
# 
loop_
_pdbx_poly_seq_scheme.asym_id 
_pdbx_poly_seq_scheme.entity_id 
_pdbx_poly_seq_scheme.seq_id 
_pdbx_poly_seq_scheme.mon_id 
_pdbx_poly_seq_scheme.ndb_seq_num 
_pdbx_poly_seq_scheme.pdb_seq_num 
_pdbx_poly_seq_scheme.auth_seq_num 
_pdbx_poly_seq_scheme.pdb_mon_id 
_pdbx_poly_seq_scheme.auth_mon_id 
_pdbx_poly_seq_scheme.pdb_strand_id 
_pdbx_poly_seq_scheme.pdb_ins_code 
_pdbx_poly_seq_scheme.hetero 
A 1 1   ACE 1   1   ?   ?   ?   A . n 
A 1 2   ALA 2   2   ?   ?   ?   A . n 
A 1 3   ASP 3   3   ?   ?   ?   A . n 
A 1 4   VAL 4   4   ?   ?   ?   A . n 
A 1 5   ALA 5   5   ?   ?   ?   A . n 
A 1 6   GLY 6   6   ?   ?   ?   A . n 
A 1 7   THR 7   7   ?   ?   ?   A . n 
A 1 8   SER 8   8   ?   ?   ?   A . n 
A 1 9   ASN 9   9   ?   ?   ?   A . n 
A 1 10  ARG 10  10  ?   ?   ?   A . n 
A 1 11  ASP 11  11  11  ASP ASP A . n 
A 1 12  PHE 12  12  12  PHE PHE A . n 
A 1 13  ARG 13  13  13  ARG ARG A . n 
A 1 14  GLY 14  14  14  GLY GLY A . n 
A 1 15  ARG 15  15  15  ARG ARG A . n 
A 1 16  GLU 16  16  16  GLU GLU A . n 
A 1 17  GLN 17  17  17  GLN GLN A . n 
A 1 18  ARG 18  18  18  ARG ARG A . n 
A 1 19  LEU 19  19  19  LEU LEU A . n 
A 1 20  PHE 20  20  20  PHE PHE A . n 
A 1 21  ASN 21  21  21  ASN ASN A . n 
A 1 22  SER 22  22  22  SER SER A . n 
A 1 23  GLU 23  23  23  GLU GLU A . n 
A 1 24  GLN 24  24  24  GLN GLN A . n 
A 1 25  TYR 25  25  25  TYR TYR A . n 
A 1 26  ASN 26  26  26  ASN ASN A . n 
A 1 27  TYR 27  27  27  TYR TYR A . n 
A 1 28  ASN 28  28  28  ASN ASN A . n 
A 1 29  ASN 29  29  29  ASN ASN A . n 
A 1 30  SER 30  30  30  SER SER A . n 
A 1 31  LEU 31  31  31  LEU LEU A . n 
A 1 32  ASN 32  32  32  ASN ASN A . n 
A 1 33  GLY 33  33  33  GLY GLY A . n 
A 1 34  GLU 34  34  34  GLU GLU A . n 
A 1 35  VAL 35  35  35  VAL VAL A . n 
A 1 36  SER 36  36  36  SER SER A . n 
A 1 37  VAL 37  37  37  VAL VAL A . n 
A 1 38  TRP 38  38  38  TRP TRP A . n 
A 1 39  VAL 39  39  39  VAL VAL A . n 
A 1 40  TYR 40  40  40  TYR TYR A . n 
A 1 41  ALA 41  41  41  ALA ALA A . n 
A 1 42  TYR 42  42  42  TYR TYR A . n 
A 1 43  TYR 43  43  43  TYR TYR A . n 
A 1 44  SER 44  44  44  SER SER A . n 
A 1 45  ASP 45  45  45  ASP ASP A . n 
A 1 46  GLY 46  46  46  GLY GLY A . n 
A 1 47  SER 47  47  47  SER SER A . n 
A 1 48  VAL 48  48  48  VAL VAL A . n 
A 1 49  LEU 49  49  49  LEU LEU A . n 
A 1 50  VAL 50  50  50  VAL VAL A . n 
A 1 51  ILE 51  51  51  ILE ILE A . n 
A 1 52  ASN 52  52  52  ASN ASN A . n 
A 1 53  LYS 53  53  53  LYS LYS A . n 
A 1 54  ASN 54  54  54  ASN ASN A . n 
A 1 55  SER 55  55  55  SER SER A . n 
A 1 56  GLN 56  56  56  GLN GLN A . n 
A 1 57  TYR 57  57  57  TYR TYR A . n 
A 1 58  LYS 58  58  58  LYS LYS A . n 
A 1 59  VAL 59  59  59  VAL VAL A . n 
A 1 60  GLY 60  60  60  GLY GLY A . n 
A 1 61  ILE 61  61  61  ILE ILE A . n 
A 1 62  SER 62  62  62  SER SER A . n 
A 1 63  GLU 63  63  63  GLU GLU A . n 
A 1 64  THR 64  64  64  THR THR A . n 
A 1 65  PHE 65  65  65  PHE PHE A . n 
A 1 66  LYS 66  66  66  LYS LYS A . n 
A 1 67  ALA 67  67  67  ALA ALA A . n 
A 1 68  LEU 68  68  ?   ?   ?   A . n 
A 1 69  LYS 69  69  ?   ?   ?   A . n 
A 1 70  GLU 70  70  ?   ?   ?   A . n 
A 1 71  TYR 71  71  ?   ?   ?   A . n 
A 1 72  ARG 72  72  ?   ?   ?   A . n 
A 1 73  GLU 73  73  ?   ?   ?   A . n 
A 1 74  GLY 74  74  ?   ?   ?   A . n 
A 1 75  GLN 75  75  ?   ?   ?   A . n 
A 1 76  HIS 76  76  ?   ?   ?   A . n 
A 1 77  ASN 77  77  ?   ?   ?   A . n 
A 1 78  ASP 78  78  ?   ?   ?   A . n 
A 1 79  SER 79  79  ?   ?   ?   A . n 
A 1 80  TYR 80  80  ?   ?   ?   A . n 
A 1 81  ASP 81  81  ?   ?   ?   A . n 
A 1 82  GLU 82  82  ?   ?   ?   A . n 
A 1 83  TYR 83  83  ?   ?   ?   A . n 
A 1 84  GLU 84  84  ?   ?   ?   A . n 
A 1 85  VAL 85  85  ?   ?   ?   A . n 
A 1 86  ASN 86  86  ?   ?   ?   A . n 
A 1 87  GLN 87  87  ?   ?   ?   A . n 
A 1 88  SER 88  88  ?   ?   ?   A . n 
A 1 89  ILE 89  89  ?   ?   ?   A . n 
A 1 90  TYR 90  90  ?   ?   ?   A . n 
A 1 91  TYR 91  91  ?   ?   ?   A . n 
A 1 92  PRO 92  92  ?   ?   ?   A . n 
A 1 93  ASN 93  93  ?   ?   ?   A . n 
A 1 94  GLY 94  94  ?   ?   ?   A . n 
A 1 95  GLY 95  95  ?   ?   ?   A . n 
A 1 96  ASP 96  96  ?   ?   ?   A . n 
A 1 97  ALA 97  97  ?   ?   ?   A . n 
A 1 98  ARG 98  98  ?   ?   ?   A . n 
A 1 99  LYS 99  99  ?   ?   ?   A . n 
A 1 100 PHE 100 100 ?   ?   ?   A . n 
A 1 101 HIS 101 101 ?   ?   ?   A . n 
A 1 102 SER 102 102 ?   ?   ?   A . n 
A 1 103 ASN 103 103 103 ASN ASN A . n 
A 1 104 ALA 104 104 104 ALA ALA A . n 
A 1 105 LYS 105 105 105 LYS LYS A . n 
A 1 106 PRO 106 106 106 PRO PRO A . n 
A 1 107 ARG 107 107 107 ARG ARG A . n 
A 1 108 ALA 108 108 108 ALA ALA A . n 
A 1 109 ILE 109 109 109 ILE ILE A . n 
A 1 110 GLN 110 110 110 GLN GLN A . n 
A 1 111 ILE 111 111 111 ILE ILE A . n 
A 1 112 ILE 112 112 112 ILE ILE A . n 
A 1 113 PHE 113 113 113 PHE PHE A . n 
A 1 114 SER 114 114 114 SER SER A . n 
A 1 115 PRO 115 115 115 PRO PRO A . n 
A 1 116 SER 116 116 116 SER SER A . n 
A 1 117 VAL 117 117 117 VAL VAL A . n 
A 1 118 ASN 118 118 118 ASN ASN A . n 
A 1 119 VAL 119 119 119 VAL VAL A . n 
A 1 120 ARG 120 120 120 ARG ARG A . n 
A 1 121 THR 121 121 121 THR THR A . n 
A 1 122 ILE 122 122 122 ILE ILE A . n 
A 1 123 LYS 123 123 123 LYS LYS A . n 
A 1 124 MET 124 124 124 MET MET A . n 
A 1 125 ALA 125 125 125 ALA ALA A . n 
A 1 126 LYS 126 126 126 LYS LYS A . n 
A 1 127 GLY 127 127 127 GLY GLY A . n 
A 1 128 ASN 128 128 128 ASN ALA A . n 
A 1 129 ALA 129 129 ?   ?   ?   A . n 
A 1 130 VAL 130 130 ?   ?   ?   A . n 
A 1 131 SER 131 131 ?   ?   ?   A . n 
A 1 132 VAL 132 132 ?   ?   ?   A . n 
A 1 133 PRO 133 133 ?   ?   ?   A . n 
A 1 134 ASP 134 134 ?   ?   ?   A . n 
A 1 135 GLU 135 135 135 GLU GLU A . n 
A 1 136 TYR 136 136 136 TYR TYR A . n 
A 1 137 LEU 137 137 137 LEU LEU A . n 
A 1 138 GLN 138 138 138 GLN GLN A . n 
A 1 139 ARG 139 139 139 ARG ARG A . n 
A 1 140 SER 140 140 140 SER SER A . n 
A 1 141 HIS 141 141 141 HIS HIS A . n 
A 1 142 PRO 142 142 142 PRO PRO A . n 
A 1 143 TRP 143 143 143 TRP TRP A . n 
A 1 144 GLU 144 144 144 GLU GLU A . n 
A 1 145 ALA 145 145 145 ALA ALA A . n 
A 1 146 THR 146 146 146 THR THR A . n 
A 1 147 GLY 147 147 147 GLY GLY A . n 
A 1 148 ILE 148 148 148 ILE ILE A . n 
A 1 149 LYS 149 149 149 LYS LYS A . n 
A 1 150 TYR 150 150 150 TYR TYR A . n 
A 1 151 ARG 151 151 151 ARG ARG A . n 
A 1 152 LYS 152 152 152 LYS LYS A . n 
A 1 153 ILE 153 153 153 ILE ILE A . n 
A 1 154 LYS 154 154 154 LYS LYS A . n 
A 1 155 ARG 155 155 155 ARG ARG A . n 
A 1 156 ASP 156 156 156 ASP ASP A . n 
A 1 157 GLY 157 157 157 GLY GLY A . n 
A 1 158 GLU 158 158 158 GLU GLU A . n 
A 1 159 ILE 159 159 159 ILE ILE A . n 
A 1 160 VAL 160 160 160 VAL VAL A . n 
A 1 161 GLY 161 161 161 GLY GLY A . n 
A 1 162 TYR 162 162 162 TYR TYR A . n 
A 1 163 SER 163 163 163 SER SER A . n 
A 1 164 HIS 164 164 164 HIS HIS A . n 
A 1 165 TYR 165 165 165 TYR TYR A . n 
A 1 166 PHE 166 166 166 PHE PHE A . n 
A 1 167 GLU 167 167 167 GLU GLU A . n 
A 1 168 LEU 168 168 168 LEU LEU A . n 
A 1 169 PRO 169 169 169 PRO PRO A . n 
A 1 170 HIS 170 170 170 HIS HIS A . n 
A 1 171 GLU 171 171 171 GLU ALA A . n 
A 1 172 TYR 172 172 172 TYR TYR A . n 
A 1 173 ASN 173 173 173 ASN ASN A . n 
A 1 174 SER 174 174 174 SER SER A . n 
A 1 175 ILE 175 175 175 ILE ILE A . n 
A 1 176 SER 176 176 176 SER SER A . n 
A 1 177 LEU 177 177 177 LEU LEU A . n 
A 1 178 ALA 178 178 178 ALA ALA A . n 
A 1 179 VAL 179 179 179 VAL VAL A . n 
A 1 180 SER 180 180 180 SER SER A . n 
A 1 181 GLY 181 181 181 GLY GLY A . n 
A 1 182 VAL 182 182 182 VAL VAL A . n 
A 1 183 HIS 183 183 183 HIS HIS A . n 
A 1 184 LYS 184 184 184 LYS LYS A . n 
A 1 185 ASN 185 185 185 ASN ASN A . n 
A 1 186 PRO 186 189 ?   ?   ?   A . n 
A 1 187 SER 187 190 ?   ?   ?   A . n 
A 1 188 SER 188 191 ?   ?   ?   A . n 
A 1 189 TYR 189 192 ?   ?   ?   A . n 
A 1 190 ASN 190 193 ?   ?   ?   A . n 
A 1 191 VAL 191 194 ?   ?   ?   A . n 
A 1 192 HIS 192 195 ?   ?   ?   A . n 
A 1 193 ASN 193 196 ?   ?   ?   A . n 
A 1 194 VAL 194 197 ?   ?   ?   A . n 
A 1 195 MET 195 198 ?   ?   ?   A . n 
A 1 196 ASP 196 199 ?   ?   ?   A . n 
A 1 197 VAL 197 200 ?   ?   ?   A . n 
A 1 198 PHE 198 201 ?   ?   ?   A . n 
A 1 199 GLN 199 202 ?   ?   ?   A . n 
A 1 200 SER 200 203 ?   ?   ?   A . n 
A 1 201 CYS 201 204 ?   ?   ?   A . n 
A 1 202 ASP 202 205 205 ASP ASP A . n 
A 1 203 LEU 203 206 206 LEU LEU A . n 
A 1 204 ALA 204 207 207 ALA ALA A . n 
A 1 205 LEU 205 208 208 LEU LEU A . n 
A 1 206 ARG 206 209 209 ARG ARG A . n 
A 1 207 PHE 207 210 210 PHE PHE A . n 
A 1 208 CYS 208 211 211 CYS CYS A . n 
A 1 209 ASN 209 212 212 ASN ASN A . n 
A 1 210 ARG 210 213 213 ARG ARG A . n 
A 1 211 TYR 211 214 214 TYR TYR A . n 
A 1 212 TRP 212 215 215 TRP TRP A . n 
A 1 213 ALA 213 216 216 ALA ALA A . n 
A 1 214 GLU 214 217 217 GLU GLU A . n 
A 1 215 LEU 215 218 218 LEU LEU A . n 
A 1 216 GLU 216 219 219 GLU GLU A . n 
A 1 217 LEU 217 220 220 LEU LEU A . n 
A 1 218 VAL 218 221 221 VAL VAL A . n 
A 1 219 ASN 219 222 222 ASN ASN A . n 
A 1 220 HIS 220 223 223 HIS HIS A . n 
A 1 221 TYR 221 224 224 TYR TYR A . n 
A 1 222 ILE 222 225 225 ILE ILE A . n 
A 1 223 SER 223 226 226 SER SER A . n 
A 1 224 PRO 224 227 227 PRO PRO A . n 
A 1 225 ASN 225 228 228 ASN ASN A . n 
A 1 226 ALA 226 229 229 ALA ALA A . n 
A 1 227 TYR 227 230 230 TYR TYR A . n 
A 1 228 PRO 228 231 231 PRO PRO A . n 
A 1 229 TYR 229 232 232 TYR TYR A . n 
A 1 230 LEU 230 233 233 LEU LEU A . n 
A 1 231 ASP 231 234 234 ASP ASP A . n 
A 1 232 ILE 232 235 235 ILE ILE A . n 
A 1 233 ASN 233 236 236 ASN ASN A . n 
A 1 234 ASN 234 237 237 ASN ASN A . n 
A 1 235 HIS 235 238 238 HIS HIS A . n 
A 1 236 SER 236 239 239 SER SER A . n 
A 1 237 TYR 237 240 240 TYR TYR A . n 
A 1 238 GLY 238 241 241 GLY GLY A . n 
A 1 239 VAL 239 242 242 VAL VAL A . n 
A 1 240 ALA 240 243 243 ALA ALA A . n 
A 1 241 LEU 241 244 244 LEU LEU A . n 
A 1 242 SER 242 245 245 SER SER A . n 
A 1 243 ASN 243 246 246 ASN ASN A . n 
A 1 244 ARG 244 247 247 ARG ARG A . n 
A 1 245 GLN 245 248 248 GLN GLN A . n 
# 
loop_
_pdbx_entity_instance_feature.ordinal 
_pdbx_entity_instance_feature.comp_id 
_pdbx_entity_instance_feature.asym_id 
_pdbx_entity_instance_feature.seq_num 
_pdbx_entity_instance_feature.auth_comp_id 
_pdbx_entity_instance_feature.auth_asym_id 
_pdbx_entity_instance_feature.auth_seq_num 
_pdbx_entity_instance_feature.feature_type 
_pdbx_entity_instance_feature.details 
1 PD  ? ? PD  ? ? 'SUBJECT OF INVESTIGATION' ? 
2 PLL ? ? PLL ? ? 'SUBJECT OF INVESTIGATION' ? 
# 
loop_
_pdbx_nonpoly_scheme.asym_id 
_pdbx_nonpoly_scheme.entity_id 
_pdbx_nonpoly_scheme.mon_id 
_pdbx_nonpoly_scheme.ndb_seq_num 
_pdbx_nonpoly_scheme.pdb_seq_num 
_pdbx_nonpoly_scheme.auth_seq_num 
_pdbx_nonpoly_scheme.pdb_mon_id 
_pdbx_nonpoly_scheme.auth_mon_id 
_pdbx_nonpoly_scheme.pdb_strand_id 
_pdbx_nonpoly_scheme.pdb_ins_code 
B 2 PD  1  301 1   PD  PD  A . 
C 2 PD  1  302 2   PD  PD  A . 
D 2 PD  1  303 3   PD  PD  A . 
E 2 PD  1  304 4   PD  PD  A . 
F 2 PD  1  305 5   PD  PD  A . 
G 2 PD  1  306 6   PD  PD  A . 
H 2 PD  1  307 7   PD  PD  A . 
I 3 PLL 1  308 1   PLL PLL A . 
J 4 HOH 1  401 387 HOH HOH A . 
J 4 HOH 2  402 256 HOH HOH A . 
J 4 HOH 3  403 265 HOH HOH A . 
J 4 HOH 4  404 385 HOH HOH A . 
J 4 HOH 5  405 258 HOH HOH A . 
J 4 HOH 6  406 255 HOH HOH A . 
J 4 HOH 7  407 333 HOH HOH A . 
J 4 HOH 8  408 320 HOH HOH A . 
J 4 HOH 9  409 257 HOH HOH A . 
J 4 HOH 10 410 274 HOH HOH A . 
J 4 HOH 11 411 321 HOH HOH A . 
J 4 HOH 12 412 386 HOH HOH A . 
J 4 HOH 13 413 374 HOH HOH A . 
J 4 HOH 14 414 259 HOH HOH A . 
J 4 HOH 15 415 379 HOH HOH A . 
J 4 HOH 16 416 315 HOH HOH A . 
J 4 HOH 17 417 325 HOH HOH A . 
J 4 HOH 18 418 263 HOH HOH A . 
J 4 HOH 19 419 388 HOH HOH A . 
J 4 HOH 20 420 389 HOH HOH A . 
J 4 HOH 21 421 319 HOH HOH A . 
# 
loop_
_pdbx_unobs_or_zero_occ_atoms.id 
_pdbx_unobs_or_zero_occ_atoms.PDB_model_num 
_pdbx_unobs_or_zero_occ_atoms.polymer_flag 
_pdbx_unobs_or_zero_occ_atoms.occupancy_flag 
_pdbx_unobs_or_zero_occ_atoms.auth_asym_id 
_pdbx_unobs_or_zero_occ_atoms.auth_comp_id 
_pdbx_unobs_or_zero_occ_atoms.auth_seq_id 
_pdbx_unobs_or_zero_occ_atoms.PDB_ins_code 
_pdbx_unobs_or_zero_occ_atoms.auth_atom_id 
_pdbx_unobs_or_zero_occ_atoms.label_alt_id 
_pdbx_unobs_or_zero_occ_atoms.label_asym_id 
_pdbx_unobs_or_zero_occ_atoms.label_comp_id 
_pdbx_unobs_or_zero_occ_atoms.label_seq_id 
_pdbx_unobs_or_zero_occ_atoms.label_atom_id 
1 1 Y 1 A ASN 128 ? CG  ? A ASN 128 CG  
2 1 Y 1 A ASN 128 ? OD1 ? A ASN 128 OD1 
3 1 Y 1 A ASN 128 ? ND2 ? A ASN 128 ND2 
4 1 Y 1 A GLU 171 ? CG  ? A GLU 171 CG  
5 1 Y 1 A GLU 171 ? CD  ? A GLU 171 CD  
6 1 Y 1 A GLU 171 ? OE1 ? A GLU 171 OE1 
7 1 Y 1 A GLU 171 ? OE2 ? A GLU 171 OE2 
# 
loop_
_software.citation_id 
_software.classification 
_software.compiler_name 
_software.compiler_version 
_software.contact_author 
_software.contact_author_email 
_software.date 
_software.description 
_software.dependencies 
_software.hardware 
_software.language 
_software.location 
_software.mods 
_software.name 
_software.os 
_software.os_version 
_software.type 
_software.version 
_software.pdbx_ordinal 
? refinement       ? ? ? ? ? ? ? ? ? ? ? REFMAC ? ? ? 5.8.0103 1 
? 'data reduction' ? ? ? ? ? ? ? ? ? ? ? XDS    ? ? ? .        2 
? 'data scaling'   ? ? ? ? ? ? ? ? ? ? ? XSCALE ? ? ? .        3 
? phasing          ? ? ? ? ? ? ? ? ? ? ? PHENIX ? ? ? .        4 
# 
_cell.angle_alpha                  90.00 
_cell.angle_alpha_esd              ? 
_cell.angle_beta                   90.00 
_cell.angle_beta_esd               ? 
_cell.angle_gamma                  90.00 
_cell.angle_gamma_esd              ? 
_cell.entry_id                     5YHB 
_cell.details                      ? 
_cell.formula_units_Z              ? 
_cell.length_a                     105.920 
_cell.length_a_esd                 ? 
_cell.length_b                     105.920 
_cell.length_b_esd                 ? 
_cell.length_c                     105.920 
_cell.length_c_esd                 ? 
_cell.volume                       ? 
_cell.volume_esd                   ? 
_cell.Z_PDB                        24 
_cell.reciprocal_angle_alpha       ? 
_cell.reciprocal_angle_beta        ? 
_cell.reciprocal_angle_gamma       ? 
_cell.reciprocal_angle_alpha_esd   ? 
_cell.reciprocal_angle_beta_esd    ? 
_cell.reciprocal_angle_gamma_esd   ? 
_cell.reciprocal_length_a          ? 
_cell.reciprocal_length_b          ? 
_cell.reciprocal_length_c          ? 
_cell.reciprocal_length_a_esd      ? 
_cell.reciprocal_length_b_esd      ? 
_cell.reciprocal_length_c_esd      ? 
_cell.pdbx_unique_axis             ? 
# 
_symmetry.entry_id                         5YHB 
_symmetry.cell_setting                     ? 
_symmetry.Int_Tables_number                197 
_symmetry.space_group_name_Hall            ? 
_symmetry.space_group_name_H-M             'I 2 3' 
_symmetry.pdbx_full_space_group_name_H-M   ? 
# 
_exptl.absorpt_coefficient_mu     ? 
_exptl.absorpt_correction_T_max   ? 
_exptl.absorpt_correction_T_min   ? 
_exptl.absorpt_correction_type    ? 
_exptl.absorpt_process_details    ? 
_exptl.entry_id                   5YHB 
_exptl.crystals_number            1 
_exptl.details                    ? 
_exptl.method                     'X-RAY DIFFRACTION' 
_exptl.method_details             ? 
# 
_exptl_crystal.colour                      ? 
_exptl_crystal.density_diffrn              ? 
_exptl_crystal.density_Matthews            1.76 
_exptl_crystal.density_method              ? 
_exptl_crystal.density_percent_sol         30.02 
_exptl_crystal.description                 ? 
_exptl_crystal.F_000                       ? 
_exptl_crystal.id                          1 
_exptl_crystal.preparation                 ? 
_exptl_crystal.size_max                    ? 
_exptl_crystal.size_mid                    ? 
_exptl_crystal.size_min                    ? 
_exptl_crystal.size_rad                    ? 
_exptl_crystal.colour_lustre               ? 
_exptl_crystal.colour_modifier             ? 
_exptl_crystal.colour_primary              ? 
_exptl_crystal.density_meas                ? 
_exptl_crystal.density_meas_esd            ? 
_exptl_crystal.density_meas_gt             ? 
_exptl_crystal.density_meas_lt             ? 
_exptl_crystal.density_meas_temp           ? 
_exptl_crystal.density_meas_temp_esd       ? 
_exptl_crystal.density_meas_temp_gt        ? 
_exptl_crystal.density_meas_temp_lt        ? 
_exptl_crystal.pdbx_crystal_image_url      ? 
_exptl_crystal.pdbx_crystal_image_format   ? 
_exptl_crystal.pdbx_mosaicity              ? 
_exptl_crystal.pdbx_mosaicity_esd          ? 
# 
_exptl_crystal_grow.apparatus       ? 
_exptl_crystal_grow.atmosphere      ? 
_exptl_crystal_grow.crystal_id      1 
_exptl_crystal_grow.details         ? 
_exptl_crystal_grow.method          'IN CELL' 
_exptl_crystal_grow.method_ref      ? 
_exptl_crystal_grow.pH              ? 
_exptl_crystal_grow.pressure        ? 
_exptl_crystal_grow.pressure_esd    ? 
_exptl_crystal_grow.seeding         ? 
_exptl_crystal_grow.seeding_ref     ? 
_exptl_crystal_grow.temp            300 
_exptl_crystal_grow.temp_details    ? 
_exptl_crystal_grow.temp_esd        ? 
_exptl_crystal_grow.time            ? 
_exptl_crystal_grow.pdbx_details    'in vivo crystallization' 
_exptl_crystal_grow.pdbx_pH_range   ? 
# 
_diffrn.ambient_environment    ? 
_diffrn.ambient_temp           100 
_diffrn.ambient_temp_details   ? 
_diffrn.ambient_temp_esd       ? 
_diffrn.crystal_id             1 
_diffrn.crystal_support        ? 
_diffrn.crystal_treatment      ? 
_diffrn.details                ? 
_diffrn.id                     1 
_diffrn.ambient_pressure       ? 
_diffrn.ambient_pressure_esd   ? 
_diffrn.ambient_pressure_gt    ? 
_diffrn.ambient_pressure_lt    ? 
_diffrn.ambient_temp_gt        ? 
_diffrn.ambient_temp_lt        ? 
# 
_diffrn_detector.details                      ? 
_diffrn_detector.detector                     PIXEL 
_diffrn_detector.diffrn_id                    1 
_diffrn_detector.type                         'DECTRIS EIGER X 9M' 
_diffrn_detector.area_resol_mean              ? 
_diffrn_detector.dtime                        ? 
_diffrn_detector.pdbx_frames_total            ? 
_diffrn_detector.pdbx_collection_time_total   ? 
_diffrn_detector.pdbx_collection_date         2016-12-10 
# 
_diffrn_radiation.collimation                      ? 
_diffrn_radiation.diffrn_id                        1 
_diffrn_radiation.filter_edge                      ? 
_diffrn_radiation.inhomogeneity                    ? 
_diffrn_radiation.monochromator                    ? 
_diffrn_radiation.polarisn_norm                    ? 
_diffrn_radiation.polarisn_ratio                   ? 
_diffrn_radiation.probe                            ? 
_diffrn_radiation.type                             ? 
_diffrn_radiation.xray_symbol                      ? 
_diffrn_radiation.wavelength_id                    1 
_diffrn_radiation.pdbx_monochromatic_or_laue_m_l   M 
_diffrn_radiation.pdbx_wavelength_list             ? 
_diffrn_radiation.pdbx_wavelength                  ? 
_diffrn_radiation.pdbx_diffrn_protocol             'SINGLE WAVELENGTH' 
_diffrn_radiation.pdbx_analyzer                    ? 
_diffrn_radiation.pdbx_scattering_type             x-ray 
# 
_diffrn_radiation_wavelength.id           1 
_diffrn_radiation_wavelength.wavelength   1 
_diffrn_radiation_wavelength.wt           1.0 
# 
_diffrn_source.current                     ? 
_diffrn_source.details                     ? 
_diffrn_source.diffrn_id                   1 
_diffrn_source.power                       ? 
_diffrn_source.size                        ? 
_diffrn_source.source                      SYNCHROTRON 
_diffrn_source.target                      ? 
_diffrn_source.type                        'SPRING-8 BEAMLINE BL32XU' 
_diffrn_source.voltage                     ? 
_diffrn_source.take-off_angle              ? 
_diffrn_source.pdbx_wavelength_list        1 
_diffrn_source.pdbx_wavelength             ? 
_diffrn_source.pdbx_synchrotron_beamline   BL32XU 
_diffrn_source.pdbx_synchrotron_site       SPring-8 
# 
_reflns.B_iso_Wilson_estimate            ? 
_reflns.entry_id                         5YHB 
_reflns.data_reduction_details           ? 
_reflns.data_reduction_method            ? 
_reflns.d_resolution_high                2.08 
_reflns.d_resolution_low                 50 
_reflns.details                          ? 
_reflns.limit_h_max                      ? 
_reflns.limit_h_min                      ? 
_reflns.limit_k_max                      ? 
_reflns.limit_k_min                      ? 
_reflns.limit_l_max                      ? 
_reflns.limit_l_min                      ? 
_reflns.number_all                       ? 
_reflns.number_obs                       12029 
_reflns.observed_criterion               ? 
_reflns.observed_criterion_F_max         ? 
_reflns.observed_criterion_F_min         ? 
_reflns.observed_criterion_I_max         ? 
_reflns.observed_criterion_I_min         ? 
_reflns.observed_criterion_sigma_F       ? 
_reflns.observed_criterion_sigma_I       ? 
_reflns.percent_possible_obs             100 
_reflns.R_free_details                   ? 
_reflns.Rmerge_F_all                     ? 
_reflns.Rmerge_F_obs                     ? 
_reflns.Friedel_coverage                 ? 
_reflns.number_gt                        ? 
_reflns.threshold_expression             ? 
_reflns.pdbx_redundancy                  68.9 
_reflns.pdbx_Rmerge_I_obs                ? 
_reflns.pdbx_Rmerge_I_all                ? 
_reflns.pdbx_Rsym_value                  ? 
_reflns.pdbx_netI_over_av_sigmaI         ? 
_reflns.pdbx_netI_over_sigmaI            9.78 
_reflns.pdbx_res_netI_over_av_sigmaI_2   ? 
_reflns.pdbx_res_netI_over_sigmaI_2      ? 
_reflns.pdbx_chi_squared                 ? 
_reflns.pdbx_scaling_rejects             ? 
_reflns.pdbx_d_res_high_opt              ? 
_reflns.pdbx_d_res_low_opt               ? 
_reflns.pdbx_d_res_opt_method            ? 
_reflns.phase_calculation_details        ? 
_reflns.pdbx_Rrim_I_all                  0.908 
_reflns.pdbx_Rpim_I_all                  ? 
_reflns.pdbx_d_opt                       ? 
_reflns.pdbx_number_measured_all         ? 
_reflns.pdbx_diffrn_id                   1 
_reflns.pdbx_ordinal                     1 
_reflns.pdbx_CC_half                     0.994 
_reflns.pdbx_R_split                     ? 
# 
_reflns_shell.d_res_high                  2.08 
_reflns_shell.d_res_low                   2.21 
_reflns_shell.meanI_over_sigI_all         ? 
_reflns_shell.meanI_over_sigI_obs         0.95 
_reflns_shell.number_measured_all         ? 
_reflns_shell.number_measured_obs         ? 
_reflns_shell.number_possible             ? 
_reflns_shell.number_unique_all           ? 
_reflns_shell.number_unique_obs           3781 
_reflns_shell.percent_possible_all        100 
_reflns_shell.percent_possible_obs        ? 
_reflns_shell.Rmerge_F_all                ? 
_reflns_shell.Rmerge_F_obs                ? 
_reflns_shell.Rmerge_I_all                ? 
_reflns_shell.Rmerge_I_obs                ? 
_reflns_shell.meanI_over_sigI_gt          ? 
_reflns_shell.meanI_over_uI_all           ? 
_reflns_shell.meanI_over_uI_gt            ? 
_reflns_shell.number_measured_gt          ? 
_reflns_shell.number_unique_gt            ? 
_reflns_shell.percent_possible_gt         ? 
_reflns_shell.Rmerge_F_gt                 ? 
_reflns_shell.Rmerge_I_gt                 ? 
_reflns_shell.pdbx_redundancy             69.1 
_reflns_shell.pdbx_Rsym_value             ? 
_reflns_shell.pdbx_chi_squared            ? 
_reflns_shell.pdbx_netI_over_sigmaI_all   ? 
_reflns_shell.pdbx_netI_over_sigmaI_obs   ? 
_reflns_shell.pdbx_Rrim_I_all             14.8 
_reflns_shell.pdbx_Rpim_I_all             ? 
_reflns_shell.pdbx_rejects                ? 
_reflns_shell.pdbx_ordinal                1 
_reflns_shell.pdbx_diffrn_id              1 
_reflns_shell.pdbx_CC_half                0.386 
_reflns_shell.pdbx_R_split                ? 
# 
_refine.aniso_B[1][1]                            0.00 
_refine.aniso_B[1][2]                            0.00 
_refine.aniso_B[1][3]                            0.00 
_refine.aniso_B[2][2]                            0.00 
_refine.aniso_B[2][3]                            0.00 
_refine.aniso_B[3][3]                            0.00 
_refine.B_iso_max                                ? 
_refine.B_iso_mean                               36.449 
_refine.B_iso_min                                ? 
_refine.correlation_coeff_Fo_to_Fc               0.953 
_refine.correlation_coeff_Fo_to_Fc_free          0.926 
_refine.details                                  ? 
_refine.diff_density_max                         ? 
_refine.diff_density_max_esd                     ? 
_refine.diff_density_min                         ? 
_refine.diff_density_min_esd                     ? 
_refine.diff_density_rms                         ? 
_refine.diff_density_rms_esd                     ? 
_refine.entry_id                                 5YHB 
_refine.pdbx_refine_id                           'X-RAY DIFFRACTION' 
_refine.ls_abs_structure_details                 ? 
_refine.ls_abs_structure_Flack                   ? 
_refine.ls_abs_structure_Flack_esd               ? 
_refine.ls_abs_structure_Rogers                  ? 
_refine.ls_abs_structure_Rogers_esd              ? 
_refine.ls_d_res_high                            2.08 
_refine.ls_d_res_low                             43.2 
_refine.ls_extinction_coef                       ? 
_refine.ls_extinction_coef_esd                   ? 
_refine.ls_extinction_expression                 ? 
_refine.ls_extinction_method                     ? 
_refine.ls_goodness_of_fit_all                   ? 
_refine.ls_goodness_of_fit_all_esd               ? 
_refine.ls_goodness_of_fit_obs                   ? 
_refine.ls_goodness_of_fit_obs_esd               ? 
_refine.ls_hydrogen_treatment                    ? 
_refine.ls_matrix_type                           ? 
_refine.ls_number_constraints                    ? 
_refine.ls_number_parameters                     ? 
_refine.ls_number_reflns_all                     ? 
_refine.ls_number_reflns_obs                     10839 
_refine.ls_number_reflns_R_free                  1190 
_refine.ls_number_reflns_R_work                  ? 
_refine.ls_number_restraints                     ? 
_refine.ls_percent_reflns_obs                    99.98 
_refine.ls_percent_reflns_R_free                 9.9 
_refine.ls_R_factor_all                          ? 
_refine.ls_R_factor_obs                          0.19371 
_refine.ls_R_factor_R_free                       0.24367 
_refine.ls_R_factor_R_free_error                 ? 
_refine.ls_R_factor_R_free_error_details         ? 
_refine.ls_R_factor_R_work                       0.18824 
_refine.ls_R_Fsqd_factor_obs                     ? 
_refine.ls_R_I_factor_obs                        ? 
_refine.ls_redundancy_reflns_all                 ? 
_refine.ls_redundancy_reflns_obs                 ? 
_refine.ls_restrained_S_all                      ? 
_refine.ls_restrained_S_obs                      ? 
_refine.ls_shift_over_esd_max                    ? 
_refine.ls_shift_over_esd_mean                   ? 
_refine.ls_structure_factor_coef                 ? 
_refine.ls_weighting_details                     ? 
_refine.ls_weighting_scheme                      ? 
_refine.ls_wR_factor_all                         ? 
_refine.ls_wR_factor_obs                         ? 
_refine.ls_wR_factor_R_free                      ? 
_refine.ls_wR_factor_R_work                      ? 
_refine.occupancy_max                            ? 
_refine.occupancy_min                            ? 
_refine.solvent_model_details                    ? 
_refine.solvent_model_param_bsol                 ? 
_refine.solvent_model_param_ksol                 ? 
_refine.ls_R_factor_gt                           ? 
_refine.ls_goodness_of_fit_gt                    ? 
_refine.ls_goodness_of_fit_ref                   ? 
_refine.ls_shift_over_su_max                     ? 
_refine.ls_shift_over_su_max_lt                  ? 
_refine.ls_shift_over_su_mean                    ? 
_refine.ls_shift_over_su_mean_lt                 ? 
_refine.pdbx_ls_sigma_I                          ? 
_refine.pdbx_ls_sigma_F                          ? 
_refine.pdbx_ls_sigma_Fsqd                       ? 
_refine.pdbx_data_cutoff_high_absF               ? 
_refine.pdbx_data_cutoff_high_rms_absF           ? 
_refine.pdbx_data_cutoff_low_absF                ? 
_refine.pdbx_isotropic_thermal_model             ? 
_refine.pdbx_ls_cross_valid_method               THROUGHOUT 
_refine.pdbx_method_to_determine_struct          'MOLECULAR REPLACEMENT' 
_refine.pdbx_starting_model                      5GQK 
_refine.pdbx_stereochemistry_target_values       ? 
_refine.pdbx_R_Free_selection_details            RANDOM 
_refine.pdbx_stereochem_target_val_spec_case     ? 
_refine.pdbx_overall_ESU_R                       0.225 
_refine.pdbx_overall_ESU_R_Free                  0.195 
_refine.pdbx_solvent_vdw_probe_radii             1.20 
_refine.pdbx_solvent_ion_probe_radii             0.80 
_refine.pdbx_solvent_shrinkage_radii             0.80 
_refine.pdbx_real_space_R                        ? 
_refine.pdbx_density_correlation                 ? 
_refine.pdbx_pd_number_of_powder_patterns        ? 
_refine.pdbx_pd_number_of_points                 ? 
_refine.pdbx_pd_meas_number_of_points            ? 
_refine.pdbx_pd_proc_ls_prof_R_factor            ? 
_refine.pdbx_pd_proc_ls_prof_wR_factor           ? 
_refine.pdbx_pd_Marquardt_correlation_coeff      ? 
_refine.pdbx_pd_Fsqrd_R_factor                   ? 
_refine.pdbx_pd_ls_matrix_band_width             ? 
_refine.pdbx_overall_phase_error                 ? 
_refine.pdbx_overall_SU_R_free_Cruickshank_DPI   ? 
_refine.pdbx_overall_SU_R_free_Blow_DPI          ? 
_refine.pdbx_overall_SU_R_Blow_DPI               ? 
_refine.pdbx_TLS_residual_ADP_flag               ? 
_refine.pdbx_diffrn_id                           1 
_refine.overall_SU_B                             6.072 
_refine.overall_SU_ML                            0.156 
_refine.overall_SU_R_Cruickshank_DPI             ? 
_refine.overall_SU_R_free                        ? 
_refine.overall_FOM_free_R_set                   ? 
_refine.overall_FOM_work_R_set                   ? 
_refine.pdbx_average_fsc_overall                 ? 
_refine.pdbx_average_fsc_work                    ? 
_refine.pdbx_average_fsc_free                    ? 
# 
_refine_hist.pdbx_refine_id                   'X-RAY DIFFRACTION' 
_refine_hist.cycle_id                         1 
_refine_hist.pdbx_number_atoms_protein        1459 
_refine_hist.pdbx_number_atoms_nucleic_acid   0 
_refine_hist.pdbx_number_atoms_ligand         11 
_refine_hist.number_atoms_solvent             21 
_refine_hist.number_atoms_total               1491 
_refine_hist.d_res_high                       2.08 
_refine_hist.d_res_low                        43.2 
# 
loop_
_refine_ls_restr.pdbx_refine_id 
_refine_ls_restr.criterion 
_refine_ls_restr.dev_ideal 
_refine_ls_restr.dev_ideal_target 
_refine_ls_restr.number 
_refine_ls_restr.rejects 
_refine_ls_restr.type 
_refine_ls_restr.weight 
_refine_ls_restr.pdbx_restraint_function 
'X-RAY DIFFRACTION' ? 0.015  0.019  1505 ? r_bond_refined_d             ? ? 
'X-RAY DIFFRACTION' ? 0.003  0.020  1395 ? r_bond_other_d               ? ? 
'X-RAY DIFFRACTION' ? 1.762  1.930  2039 ? r_angle_refined_deg          ? ? 
'X-RAY DIFFRACTION' ? 1.114  3.000  3186 ? r_angle_other_deg            ? ? 
'X-RAY DIFFRACTION' ? 7.359  5.000  176  ? r_dihedral_angle_1_deg       ? ? 
'X-RAY DIFFRACTION' ? 36.410 23.375 80   ? r_dihedral_angle_2_deg       ? ? 
'X-RAY DIFFRACTION' ? 18.523 15.000 244  ? r_dihedral_angle_3_deg       ? ? 
'X-RAY DIFFRACTION' ? 16.436 15.000 11   ? r_dihedral_angle_4_deg       ? ? 
'X-RAY DIFFRACTION' ? 0.101  0.200  211  ? r_chiral_restr               ? ? 
'X-RAY DIFFRACTION' ? 0.008  0.020  1724 ? r_gen_planes_refined         ? ? 
'X-RAY DIFFRACTION' ? 0.002  0.020  395  ? r_gen_planes_other           ? ? 
'X-RAY DIFFRACTION' ? ?      ?      ?    ? r_nbd_refined                ? ? 
'X-RAY DIFFRACTION' ? ?      ?      ?    ? r_nbd_other                  ? ? 
'X-RAY DIFFRACTION' ? ?      ?      ?    ? r_nbtor_refined              ? ? 
'X-RAY DIFFRACTION' ? ?      ?      ?    ? r_nbtor_other                ? ? 
'X-RAY DIFFRACTION' ? ?      ?      ?    ? r_xyhbond_nbd_refined        ? ? 
'X-RAY DIFFRACTION' ? ?      ?      ?    ? r_xyhbond_nbd_other          ? ? 
'X-RAY DIFFRACTION' ? ?      ?      ?    ? r_metal_ion_refined          ? ? 
'X-RAY DIFFRACTION' ? ?      ?      ?    ? r_metal_ion_other            ? ? 
'X-RAY DIFFRACTION' ? ?      ?      ?    ? r_symmetry_vdw_refined       ? ? 
'X-RAY DIFFRACTION' ? ?      ?      ?    ? r_symmetry_vdw_other         ? ? 
'X-RAY DIFFRACTION' ? ?      ?      ?    ? r_symmetry_hbond_refined     ? ? 
'X-RAY DIFFRACTION' ? ?      ?      ?    ? r_symmetry_hbond_other       ? ? 
'X-RAY DIFFRACTION' ? ?      ?      ?    ? r_symmetry_metal_ion_refined ? ? 
'X-RAY DIFFRACTION' ? ?      ?      ?    ? r_symmetry_metal_ion_other   ? ? 
'X-RAY DIFFRACTION' ? 2.713  3.322  710  ? r_mcbond_it                  ? ? 
'X-RAY DIFFRACTION' ? 2.687  3.319  709  ? r_mcbond_other               ? ? 
'X-RAY DIFFRACTION' ? 4.084  4.954  881  ? r_mcangle_it                 ? ? 
'X-RAY DIFFRACTION' ? 4.087  4.957  882  ? r_mcangle_other              ? ? 
'X-RAY DIFFRACTION' ? 3.774  3.872  795  ? r_scbond_it                  ? ? 
'X-RAY DIFFRACTION' ? 3.773  3.872  796  ? r_scbond_other               ? ? 
'X-RAY DIFFRACTION' ? ?      ?      ?    ? r_scangle_it                 ? ? 
'X-RAY DIFFRACTION' ? 5.815  5.626  1151 ? r_scangle_other              ? ? 
'X-RAY DIFFRACTION' ? 7.501  27.686 1670 ? r_long_range_B_refined       ? ? 
'X-RAY DIFFRACTION' ? 7.457  27.690 1667 ? r_long_range_B_other         ? ? 
'X-RAY DIFFRACTION' ? ?      ?      ?    ? r_rigid_bond_restr           ? ? 
'X-RAY DIFFRACTION' ? ?      ?      ?    ? r_sphericity_free            ? ? 
'X-RAY DIFFRACTION' ? ?      ?      ?    ? r_sphericity_bonded          ? ? 
# 
_refine_ls_shell.pdbx_refine_id                   'X-RAY DIFFRACTION' 
_refine_ls_shell.d_res_high                       2.080 
_refine_ls_shell.d_res_low                        2.134 
_refine_ls_shell.number_reflns_all                ? 
_refine_ls_shell.number_reflns_obs                ? 
_refine_ls_shell.number_reflns_R_free             86 
_refine_ls_shell.number_reflns_R_work             788 
_refine_ls_shell.percent_reflns_obs               100.00 
_refine_ls_shell.percent_reflns_R_free            ? 
_refine_ls_shell.R_factor_all                     ? 
_refine_ls_shell.R_factor_obs                     ? 
_refine_ls_shell.R_factor_R_free                  0.298 
_refine_ls_shell.R_factor_R_free_error            ? 
_refine_ls_shell.R_factor_R_work                  0.295 
_refine_ls_shell.redundancy_reflns_all            ? 
_refine_ls_shell.redundancy_reflns_obs            ? 
_refine_ls_shell.wR_factor_all                    ? 
_refine_ls_shell.wR_factor_obs                    ? 
_refine_ls_shell.wR_factor_R_free                 ? 
_refine_ls_shell.wR_factor_R_work                 ? 
_refine_ls_shell.pdbx_total_number_of_bins_used   20 
_refine_ls_shell.pdbx_phase_error                 ? 
_refine_ls_shell.pdbx_fsc_work                    ? 
_refine_ls_shell.pdbx_fsc_free                    ? 
# 
_struct.entry_id                     5YHB 
_struct.title                        'Crystal structure of Pd(allyl)/polyhedra mutant with deletion of Gly192-Ala194' 
_struct.pdbx_model_details           ? 
_struct.pdbx_formula_weight          ? 
_struct.pdbx_formula_weight_method   ? 
_struct.pdbx_model_type_details      ? 
_struct.pdbx_CASP_flag               N 
# 
_struct_keywords.entry_id        5YHB 
_struct_keywords.text            'In vivo protein crystal, Polyhedra, VIRAL PROTEIN, metal complexes' 
_struct_keywords.pdbx_keywords   'VIRAL PROTEIN' 
# 
loop_
_struct_asym.id 
_struct_asym.pdbx_blank_PDB_chainid_flag 
_struct_asym.pdbx_modified 
_struct_asym.entity_id 
_struct_asym.details 
A N N 1 ? 
B N N 2 ? 
C N N 2 ? 
D N N 2 ? 
E N N 2 ? 
F N N 2 ? 
G N N 2 ? 
H N N 2 ? 
I N N 3 ? 
J N N 4 ? 
# 
_struct_ref.id                         1 
_struct_ref.db_name                    UNP 
_struct_ref.db_code                    PYHD_CPVBM 
_struct_ref.pdbx_db_accession          P11041 
_struct_ref.pdbx_db_isoform            ? 
_struct_ref.entity_id                  1 
_struct_ref.pdbx_seq_one_letter_code   
;ADVAGTSNRDFRGREQRLFNSEQYNYNNSLNGEVSVWVYAYYSDGSVLVINKNSQYKVGISETFKALKEYREGQHNDSYD
EYEVNQSIYYPNGGDARKFHSNAKPRAIQIIFSPSVNVRTIKMAKGNAVSVPDEYLQRSHPWEATGIKYRKIKRDGEIVG
YSHYFELPHEYNSISLAVSGVHKNPSSYNVGSAHNVMDVFQSCDLALRFCNRYWAELELVNHYISPNAYPYLDINNHSYG
VALSNRQ
;
_struct_ref.pdbx_align_begin           2 
# 
_struct_ref_seq.align_id                      1 
_struct_ref_seq.ref_id                        1 
_struct_ref_seq.pdbx_PDB_id_code              5YHB 
_struct_ref_seq.pdbx_strand_id                A 
_struct_ref_seq.seq_align_beg                 2 
_struct_ref_seq.pdbx_seq_align_beg_ins_code   ? 
_struct_ref_seq.seq_align_end                 245 
_struct_ref_seq.pdbx_seq_align_end_ins_code   ? 
_struct_ref_seq.pdbx_db_accession             P11041 
_struct_ref_seq.db_align_beg                  2 
_struct_ref_seq.pdbx_db_align_beg_ins_code    ? 
_struct_ref_seq.db_align_end                  248 
_struct_ref_seq.pdbx_db_align_end_ins_code    ? 
_struct_ref_seq.pdbx_auth_seq_align_beg       2 
_struct_ref_seq.pdbx_auth_seq_align_end       248 
# 
loop_
_struct_ref_seq_dif.align_id 
_struct_ref_seq_dif.pdbx_pdb_id_code 
_struct_ref_seq_dif.mon_id 
_struct_ref_seq_dif.pdbx_pdb_strand_id 
_struct_ref_seq_dif.seq_num 
_struct_ref_seq_dif.pdbx_pdb_ins_code 
_struct_ref_seq_dif.pdbx_seq_db_name 
_struct_ref_seq_dif.pdbx_seq_db_accession_code 
_struct_ref_seq_dif.db_mon_id 
_struct_ref_seq_dif.pdbx_seq_db_seq_num 
_struct_ref_seq_dif.details 
_struct_ref_seq_dif.pdbx_auth_seq_num 
_struct_ref_seq_dif.pdbx_ordinal 
1 5YHB ACE A 1 ? UNP P11041 ?   ?   acetylation 1 1 
1 5YHB ?   A ? ? UNP P11041 GLY 192 deletion    ? 2 
1 5YHB ?   A ? ? UNP P11041 SER 193 deletion    ? 3 
1 5YHB ?   A ? ? UNP P11041 ALA 194 deletion    ? 4 
# 
_pdbx_struct_assembly.id                   1 
_pdbx_struct_assembly.details              author_and_software_defined_assembly 
_pdbx_struct_assembly.method_details       PISA 
_pdbx_struct_assembly.oligomeric_details   trimeric 
_pdbx_struct_assembly.oligomeric_count     3 
# 
loop_
_pdbx_struct_assembly_prop.biol_id 
_pdbx_struct_assembly_prop.type 
_pdbx_struct_assembly_prop.value 
_pdbx_struct_assembly_prop.details 
1 'ABSA (A^2)' 7040  ? 
1 MORE         -123  ? 
1 'SSA (A^2)'  28820 ? 
# 
_pdbx_struct_assembly_gen.assembly_id       1 
_pdbx_struct_assembly_gen.oper_expression   1,2,3 
_pdbx_struct_assembly_gen.asym_id_list      A,B,C,D,E,F,G,H,I,J 
# 
_pdbx_struct_assembly_auth_evidence.id                     1 
_pdbx_struct_assembly_auth_evidence.assembly_id            1 
_pdbx_struct_assembly_auth_evidence.experimental_support   none 
_pdbx_struct_assembly_auth_evidence.details                ? 
# 
loop_
_pdbx_struct_oper_list.id 
_pdbx_struct_oper_list.type 
_pdbx_struct_oper_list.name 
_pdbx_struct_oper_list.symmetry_operation 
_pdbx_struct_oper_list.matrix[1][1] 
_pdbx_struct_oper_list.matrix[1][2] 
_pdbx_struct_oper_list.matrix[1][3] 
_pdbx_struct_oper_list.vector[1] 
_pdbx_struct_oper_list.matrix[2][1] 
_pdbx_struct_oper_list.matrix[2][2] 
_pdbx_struct_oper_list.matrix[2][3] 
_pdbx_struct_oper_list.vector[2] 
_pdbx_struct_oper_list.matrix[3][1] 
_pdbx_struct_oper_list.matrix[3][2] 
_pdbx_struct_oper_list.matrix[3][3] 
_pdbx_struct_oper_list.vector[3] 
1 'identity operation'         1_555 x,y,z 1.0000000000 0.0000000000  0.0000000000 0.0000000000  0.0000000000  1.0000000000  0.0000000000  0.0000000000   0.0000000000 0.0000000000  1.0000000000  0.0000000000   
2 'crystal symmetry operation' 5_555 z,x,y 0.5860045404 -0.1736726952 0.7914773993 4.7203746622  0.6713004936  -0.4429943852 -0.5942319597 -33.1890501019 0.4538219099 0.8795417953  -0.1430101551 5.0293911334   
3 'crystal symmetry operation' 9_555 y,z,x 0.5860045404 0.6713004936  0.4538219099 17.2312168417 -0.1736726952 -0.4429943852 0.8795417953  -18.3063223636 0.7914773993 -0.5942319597 -0.1430101551 -22.7388101374 
# 
loop_
_struct_conf.conf_type_id 
_struct_conf.id 
_struct_conf.pdbx_PDB_helix_id 
_struct_conf.beg_label_comp_id 
_struct_conf.beg_label_asym_id 
_struct_conf.beg_label_seq_id 
_struct_conf.pdbx_beg_PDB_ins_code 
_struct_conf.end_label_comp_id 
_struct_conf.end_label_asym_id 
_struct_conf.end_label_seq_id 
_struct_conf.pdbx_end_PDB_ins_code 
_struct_conf.beg_auth_comp_id 
_struct_conf.beg_auth_asym_id 
_struct_conf.beg_auth_seq_id 
_struct_conf.end_auth_comp_id 
_struct_conf.end_auth_asym_id 
_struct_conf.end_auth_seq_id 
_struct_conf.pdbx_PDB_helix_class 
_struct_conf.details 
_struct_conf.pdbx_PDB_helix_length 
HELX_P HELX_P1 AA1 ASP A 11  ? ASN A 26  ? ASP A 11  ASN A 26  1 ? 16 
HELX_P HELX_P2 AA2 TYR A 27  ? SER A 30  ? TYR A 27  SER A 30  5 ? 4  
HELX_P HELX_P3 AA3 TYR A 136 ? SER A 140 ? TYR A 136 SER A 140 5 ? 5  
HELX_P HELX_P4 AA4 GLY A 147 ? TYR A 150 ? GLY A 147 TYR A 150 5 ? 4  
HELX_P HELX_P5 AA5 ALA A 213 ? TYR A 221 ? ALA A 216 TYR A 224 1 ? 9  
HELX_P HELX_P6 AA6 TYR A 221 ? ALA A 226 ? TYR A 224 ALA A 229 1 ? 6  
# 
_struct_conf_type.id          HELX_P 
_struct_conf_type.criteria    ? 
_struct_conf_type.reference   ? 
# 
loop_
_struct_conn.id 
_struct_conn.conn_type_id 
_struct_conn.pdbx_leaving_atom_flag 
_struct_conn.pdbx_PDB_id 
_struct_conn.ptnr1_label_asym_id 
_struct_conn.ptnr1_label_comp_id 
_struct_conn.ptnr1_label_seq_id 
_struct_conn.ptnr1_label_atom_id 
_struct_conn.pdbx_ptnr1_label_alt_id 
_struct_conn.pdbx_ptnr1_PDB_ins_code 
_struct_conn.pdbx_ptnr1_standard_comp_id 
_struct_conn.ptnr1_symmetry 
_struct_conn.ptnr2_label_asym_id 
_struct_conn.ptnr2_label_comp_id 
_struct_conn.ptnr2_label_seq_id 
_struct_conn.ptnr2_label_atom_id 
_struct_conn.pdbx_ptnr2_label_alt_id 
_struct_conn.pdbx_ptnr2_PDB_ins_code 
_struct_conn.ptnr1_auth_asym_id 
_struct_conn.ptnr1_auth_comp_id 
_struct_conn.ptnr1_auth_seq_id 
_struct_conn.ptnr2_auth_asym_id 
_struct_conn.ptnr2_auth_comp_id 
_struct_conn.ptnr2_auth_seq_id 
_struct_conn.ptnr2_symmetry 
_struct_conn.pdbx_ptnr3_label_atom_id 
_struct_conn.pdbx_ptnr3_label_seq_id 
_struct_conn.pdbx_ptnr3_label_comp_id 
_struct_conn.pdbx_ptnr3_label_asym_id 
_struct_conn.pdbx_ptnr3_label_alt_id 
_struct_conn.pdbx_ptnr3_PDB_ins_code 
_struct_conn.details 
_struct_conn.pdbx_dist_value 
_struct_conn.pdbx_value_order 
_struct_conn.pdbx_role 
metalc1  metalc ? ? A HIS 141 ND1 ? ? ? 1_555 I PLL . PD ? ? A HIS 141 A PLL 308 24_554 ? ? ? ? ? ? ? 2.035 ? ? 
metalc2  metalc ? ? A HIS 183 NE2 ? ? ? 1_555 B PD  . PD ? ? A HIS 183 A PD  301 1_555  ? ? ? ? ? ? ? 2.260 ? ? 
metalc3  metalc ? ? A ARG 206 NH2 ? ? ? 1_555 E PD  . PD ? ? A ARG 209 A PD  304 1_555  ? ? ? ? ? ? ? 2.593 ? ? 
metalc4  metalc ? ? A ARG 206 NH1 ? ? ? 1_555 G PD  . PD ? ? A ARG 209 A PD  306 1_555  ? ? ? ? ? ? ? 2.599 ? ? 
metalc5  metalc ? ? A CYS 208 SG  ? ? ? 1_555 E PD  . PD ? ? A CYS 211 A PD  304 1_555  ? ? ? ? ? ? ? 2.269 ? ? 
metalc6  metalc ? ? A CYS 208 SG  ? ? ? 1_555 F PD  . PD ? ? A CYS 211 A PD  305 1_555  ? ? ? ? ? ? ? 2.492 ? ? 
metalc7  metalc ? ? A CYS 208 SG  ? ? ? 1_555 G PD  . PD ? ? A CYS 211 A PD  306 1_555  ? ? ? ? ? ? ? 2.261 ? ? 
metalc8  metalc ? ? A GLU 216 OE1 ? ? ? 1_555 C PD  . PD ? ? A GLU 219 A PD  302 1_555  ? ? ? ? ? ? ? 2.297 ? ? 
metalc9  metalc ? ? A HIS 220 NE2 ? ? ? 1_555 C PD  . PD ? ? A HIS 223 A PD  302 1_555  ? ? ? ? ? ? ? 2.356 ? ? 
metalc10 metalc ? ? A HIS 220 ND1 ? ? ? 1_555 D PD  . PD ? ? A HIS 223 A PD  303 1_555  ? ? ? ? ? ? ? 2.386 ? ? 
metalc11 metalc ? ? A HIS 235 ND1 ? ? ? 1_555 H PD  . PD ? ? A HIS 238 A PD  307 1_555  ? ? ? ? ? ? ? 2.554 ? ? 
metalc12 metalc ? ? A HIS 235 NE2 ? ? ? 1_555 I PLL . PD ? ? A HIS 238 A PLL 308 1_555  ? ? ? ? ? ? ? 2.287 ? ? 
metalc13 metalc ? ? B PD  .   PD  ? ? ? 1_555 J HOH . O  ? ? A PD  301 A HOH 420 1_555  ? ? ? ? ? ? ? 2.407 ? ? 
metalc14 metalc ? ? D PD  .   PD  ? ? ? 1_555 J HOH . O  ? ? A PD  303 A HOH 419 1_555  ? ? ? ? ? ? ? 2.286 ? ? 
metalc15 metalc ? ? G PD  .   PD  ? ? ? 1_555 J HOH . O  ? ? A PD  306 A HOH 401 1_555  ? ? ? ? ? ? ? 2.022 ? ? 
# 
_struct_conn_type.id          metalc 
_struct_conn_type.criteria    ? 
_struct_conn_type.reference   ? 
# 
loop_
_pdbx_struct_conn_angle.id 
_pdbx_struct_conn_angle.ptnr1_label_atom_id 
_pdbx_struct_conn_angle.ptnr1_label_alt_id 
_pdbx_struct_conn_angle.ptnr1_label_asym_id 
_pdbx_struct_conn_angle.ptnr1_label_comp_id 
_pdbx_struct_conn_angle.ptnr1_label_seq_id 
_pdbx_struct_conn_angle.ptnr1_auth_atom_id 
_pdbx_struct_conn_angle.ptnr1_auth_asym_id 
_pdbx_struct_conn_angle.ptnr1_auth_comp_id 
_pdbx_struct_conn_angle.ptnr1_auth_seq_id 
_pdbx_struct_conn_angle.ptnr1_PDB_ins_code 
_pdbx_struct_conn_angle.ptnr1_symmetry 
_pdbx_struct_conn_angle.ptnr2_label_atom_id 
_pdbx_struct_conn_angle.ptnr2_label_alt_id 
_pdbx_struct_conn_angle.ptnr2_label_asym_id 
_pdbx_struct_conn_angle.ptnr2_label_comp_id 
_pdbx_struct_conn_angle.ptnr2_label_seq_id 
_pdbx_struct_conn_angle.ptnr2_auth_atom_id 
_pdbx_struct_conn_angle.ptnr2_auth_asym_id 
_pdbx_struct_conn_angle.ptnr2_auth_comp_id 
_pdbx_struct_conn_angle.ptnr2_auth_seq_id 
_pdbx_struct_conn_angle.ptnr2_PDB_ins_code 
_pdbx_struct_conn_angle.ptnr2_symmetry 
_pdbx_struct_conn_angle.ptnr3_label_atom_id 
_pdbx_struct_conn_angle.ptnr3_label_alt_id 
_pdbx_struct_conn_angle.ptnr3_label_asym_id 
_pdbx_struct_conn_angle.ptnr3_label_comp_id 
_pdbx_struct_conn_angle.ptnr3_label_seq_id 
_pdbx_struct_conn_angle.ptnr3_auth_atom_id 
_pdbx_struct_conn_angle.ptnr3_auth_asym_id 
_pdbx_struct_conn_angle.ptnr3_auth_comp_id 
_pdbx_struct_conn_angle.ptnr3_auth_seq_id 
_pdbx_struct_conn_angle.ptnr3_PDB_ins_code 
_pdbx_struct_conn_angle.ptnr3_symmetry 
_pdbx_struct_conn_angle.value 
_pdbx_struct_conn_angle.value_esd 
1  ND1 ? A HIS 141 ? A HIS 141 ? 1_555  PD ? I PLL . ? A PLL 308 ? 24_554 C19 ? I PLL .   ? A PLL 308 ? 24_554 160.4 ? 
2  ND1 ? A HIS 141 ? A HIS 141 ? 1_555  PD ? I PLL . ? A PLL 308 ? 24_554 C20 ? I PLL .   ? A PLL 308 ? 24_554 100.2 ? 
3  C19 ? I PLL .   ? A PLL 308 ? 24_554 PD ? I PLL . ? A PLL 308 ? 24_554 C20 ? I PLL .   ? A PLL 308 ? 24_554 81.8  ? 
4  ND1 ? A HIS 141 ? A HIS 141 ? 1_555  PD ? I PLL . ? A PLL 308 ? 24_554 C21 ? I PLL .   ? A PLL 308 ? 24_554 144.3 ? 
5  C19 ? I PLL .   ? A PLL 308 ? 24_554 PD ? I PLL . ? A PLL 308 ? 24_554 C21 ? I PLL .   ? A PLL 308 ? 24_554 45.1  ? 
6  C20 ? I PLL .   ? A PLL 308 ? 24_554 PD ? I PLL . ? A PLL 308 ? 24_554 C21 ? I PLL .   ? A PLL 308 ? 24_554 45.4  ? 
7  ND1 ? A HIS 141 ? A HIS 141 ? 1_555  PD ? I PLL . ? A PLL 308 ? 24_554 NE2 ? A HIS 235 ? A HIS 238 ? 1_555  81.8  ? 
8  C19 ? I PLL .   ? A PLL 308 ? 24_554 PD ? I PLL . ? A PLL 308 ? 24_554 NE2 ? A HIS 235 ? A HIS 238 ? 1_555  95.9  ? 
9  C20 ? I PLL .   ? A PLL 308 ? 24_554 PD ? I PLL . ? A PLL 308 ? 24_554 NE2 ? A HIS 235 ? A HIS 238 ? 1_555  20.7  ? 
10 C21 ? I PLL .   ? A PLL 308 ? 24_554 PD ? I PLL . ? A PLL 308 ? 24_554 NE2 ? A HIS 235 ? A HIS 238 ? 1_555  65.5  ? 
11 NE2 ? A HIS 183 ? A HIS 183 ? 1_555  PD ? B PD  . ? A PD  301 ? 1_555  O   ? J HOH .   ? A HOH 420 ? 1_555  103.8 ? 
12 NH2 ? A ARG 206 ? A ARG 209 ? 1_555  PD ? E PD  . ? A PD  304 ? 1_555  SG  ? A CYS 208 ? A CYS 211 ? 1_555  88.0  ? 
13 NH1 ? A ARG 206 ? A ARG 209 ? 1_555  PD ? G PD  . ? A PD  306 ? 1_555  SG  ? A CYS 208 ? A CYS 211 ? 1_555  68.8  ? 
14 NH1 ? A ARG 206 ? A ARG 209 ? 1_555  PD ? G PD  . ? A PD  306 ? 1_555  O   ? J HOH .   ? A HOH 401 ? 1_555  131.4 ? 
15 SG  ? A CYS 208 ? A CYS 211 ? 1_555  PD ? G PD  . ? A PD  306 ? 1_555  O   ? J HOH .   ? A HOH 401 ? 1_555  91.6  ? 
16 OE1 ? A GLU 216 ? A GLU 219 ? 1_555  PD ? C PD  . ? A PD  302 ? 1_555  NE2 ? A HIS 220 ? A HIS 223 ? 1_555  122.4 ? 
17 ND1 ? A HIS 220 ? A HIS 223 ? 1_555  PD ? D PD  . ? A PD  303 ? 1_555  O   ? J HOH .   ? A HOH 419 ? 1_555  102.9 ? 
# 
loop_
_struct_sheet.id 
_struct_sheet.type 
_struct_sheet.number_strands 
_struct_sheet.details 
AA1 ? 6 ? 
AA2 ? 4 ? 
AA3 ? 2 ? 
# 
loop_
_struct_sheet_order.sheet_id 
_struct_sheet_order.range_id_1 
_struct_sheet_order.range_id_2 
_struct_sheet_order.offset 
_struct_sheet_order.sense 
AA1 1 2 ? anti-parallel 
AA1 2 3 ? anti-parallel 
AA1 3 4 ? anti-parallel 
AA1 4 5 ? anti-parallel 
AA1 5 6 ? anti-parallel 
AA2 1 2 ? anti-parallel 
AA2 2 3 ? anti-parallel 
AA2 3 4 ? anti-parallel 
AA3 1 2 ? anti-parallel 
# 
loop_
_struct_sheet_range.sheet_id 
_struct_sheet_range.id 
_struct_sheet_range.beg_label_comp_id 
_struct_sheet_range.beg_label_asym_id 
_struct_sheet_range.beg_label_seq_id 
_struct_sheet_range.pdbx_beg_PDB_ins_code 
_struct_sheet_range.end_label_comp_id 
_struct_sheet_range.end_label_asym_id 
_struct_sheet_range.end_label_seq_id 
_struct_sheet_range.pdbx_end_PDB_ins_code 
_struct_sheet_range.beg_auth_comp_id 
_struct_sheet_range.beg_auth_asym_id 
_struct_sheet_range.beg_auth_seq_id 
_struct_sheet_range.end_auth_comp_id 
_struct_sheet_range.end_auth_asym_id 
_struct_sheet_range.end_auth_seq_id 
AA1 1 ARG A 151 ? ARG A 155 ? ARG A 151 ARG A 155 
AA1 2 GLU A 158 ? GLU A 167 ? GLU A 158 GLU A 167 
AA1 3 PRO A 106 ? PHE A 113 ? PRO A 106 PHE A 113 
AA1 4 GLU A 34  ? TYR A 43  ? GLU A 34  TYR A 43  
AA1 5 VAL A 48  ? GLN A 56  ? VAL A 48  GLN A 56  
AA1 6 LEU A 205 ? TYR A 211 ? LEU A 208 TYR A 214 
AA2 1 LYS A 58  ? PHE A 65  ? LYS A 58  PHE A 65  
AA2 2 ILE A 175 ? HIS A 183 ? ILE A 175 HIS A 183 
AA2 3 VAL A 117 ? GLY A 127 ? VAL A 117 GLY A 127 
AA2 4 GLU A 144 ? ALA A 145 ? GLU A 144 ALA A 145 
AA3 1 TYR A 229 ? LEU A 230 ? TYR A 232 LEU A 233 
AA3 2 SER A 236 ? TYR A 237 ? SER A 239 TYR A 240 
# 
loop_
_pdbx_struct_sheet_hbond.sheet_id 
_pdbx_struct_sheet_hbond.range_id_1 
_pdbx_struct_sheet_hbond.range_id_2 
_pdbx_struct_sheet_hbond.range_1_label_atom_id 
_pdbx_struct_sheet_hbond.range_1_label_comp_id 
_pdbx_struct_sheet_hbond.range_1_label_asym_id 
_pdbx_struct_sheet_hbond.range_1_label_seq_id 
_pdbx_struct_sheet_hbond.range_1_PDB_ins_code 
_pdbx_struct_sheet_hbond.range_1_auth_atom_id 
_pdbx_struct_sheet_hbond.range_1_auth_comp_id 
_pdbx_struct_sheet_hbond.range_1_auth_asym_id 
_pdbx_struct_sheet_hbond.range_1_auth_seq_id 
_pdbx_struct_sheet_hbond.range_2_label_atom_id 
_pdbx_struct_sheet_hbond.range_2_label_comp_id 
_pdbx_struct_sheet_hbond.range_2_label_asym_id 
_pdbx_struct_sheet_hbond.range_2_label_seq_id 
_pdbx_struct_sheet_hbond.range_2_PDB_ins_code 
_pdbx_struct_sheet_hbond.range_2_auth_atom_id 
_pdbx_struct_sheet_hbond.range_2_auth_comp_id 
_pdbx_struct_sheet_hbond.range_2_auth_asym_id 
_pdbx_struct_sheet_hbond.range_2_auth_seq_id 
AA1 1 2 N ILE A 153 ? N ILE A 153 O GLY A 161 ? O GLY A 161 
AA1 2 3 O HIS A 164 ? O HIS A 164 N ILE A 111 ? N ILE A 111 
AA1 3 4 O ARG A 107 ? O ARG A 107 N TYR A 42  ? N TYR A 42  
AA1 4 5 N VAL A 39  ? N VAL A 39  O ILE A 51  ? O ILE A 51  
AA1 5 6 N ASN A 52  ? N ASN A 52  O PHE A 207 ? O PHE A 210 
AA2 1 2 N PHE A 65  ? N PHE A 65  O ILE A 175 ? O ILE A 175 
AA2 2 3 O VAL A 182 ? O VAL A 182 N ASN A 118 ? N ASN A 118 
AA2 3 4 N MET A 124 ? N MET A 124 O GLU A 144 ? O GLU A 144 
AA3 1 2 N TYR A 229 ? N TYR A 232 O TYR A 237 ? O TYR A 240 
# 
loop_
_struct_site.id 
_struct_site.pdbx_evidence_code 
_struct_site.pdbx_auth_asym_id 
_struct_site.pdbx_auth_comp_id 
_struct_site.pdbx_auth_seq_id 
_struct_site.pdbx_auth_ins_code 
_struct_site.pdbx_num_residues 
_struct_site.details 
AC1 Software A PD  301 ? 3 'binding site for residue PD A 301'  
AC2 Software A PD  302 ? 2 'binding site for residue PD A 302'  
AC3 Software A PD  303 ? 2 'binding site for residue PD A 303'  
AC4 Software A PD  304 ? 3 'binding site for residue PD A 304'  
AC5 Software A PD  305 ? 2 'binding site for residue PD A 305'  
AC6 Software A PD  306 ? 3 'binding site for residue PD A 306'  
AC7 Software A PD  307 ? 1 'binding site for residue PD A 307'  
AC8 Software A PLL 308 ? 9 'binding site for residue PLL A 308' 
# 
loop_
_struct_site_gen.id 
_struct_site_gen.site_id 
_struct_site_gen.pdbx_num_res 
_struct_site_gen.label_comp_id 
_struct_site_gen.label_asym_id 
_struct_site_gen.label_seq_id 
_struct_site_gen.pdbx_auth_ins_code 
_struct_site_gen.auth_comp_id 
_struct_site_gen.auth_asym_id 
_struct_site_gen.auth_seq_id 
_struct_site_gen.label_atom_id 
_struct_site_gen.label_alt_id 
_struct_site_gen.symmetry 
_struct_site_gen.details 
1  AC1 3 TYR A 57  ? TYR A 57  . ? 1_555  ? 
2  AC1 3 HIS A 183 ? HIS A 183 . ? 1_555  ? 
3  AC1 3 HOH J .   ? HOH A 420 . ? 1_555  ? 
4  AC2 2 GLU A 216 ? GLU A 219 . ? 1_555  ? 
5  AC2 2 HIS A 220 ? HIS A 223 . ? 1_555  ? 
6  AC3 2 HIS A 220 ? HIS A 223 . ? 1_555  ? 
7  AC3 2 HOH J .   ? HOH A 419 . ? 1_555  ? 
8  AC4 3 ARG A 206 ? ARG A 209 . ? 1_555  ? 
9  AC4 3 CYS A 208 ? CYS A 211 . ? 1_555  ? 
10 AC4 3 PD  F .   ? PD  A 305 . ? 1_555  ? 
11 AC5 2 CYS A 208 ? CYS A 211 . ? 1_555  ? 
12 AC5 2 PD  E .   ? PD  A 304 . ? 1_555  ? 
13 AC6 3 ARG A 206 ? ARG A 209 . ? 1_555  ? 
14 AC6 3 CYS A 208 ? CYS A 211 . ? 1_555  ? 
15 AC6 3 HOH J .   ? HOH A 401 . ? 1_555  ? 
16 AC7 1 HIS A 235 ? HIS A 238 . ? 1_555  ? 
17 AC8 9 ASN A 32  ? ASN A 32  . ? 23_555 ? 
18 AC8 9 HIS A 141 ? HIS A 141 . ? 18_555 ? 
19 AC8 9 PRO A 142 ? PRO A 142 . ? 18_555 ? 
20 AC8 9 TRP A 143 ? TRP A 143 . ? 18_555 ? 
21 AC8 9 GLU A 144 ? GLU A 144 . ? 18_555 ? 
22 AC8 9 ARG A 155 ? ARG A 155 . ? 1_555  ? 
23 AC8 9 HIS A 235 ? HIS A 238 . ? 1_555  ? 
24 AC8 9 SER A 236 ? SER A 239 . ? 1_555  ? 
25 AC8 9 TYR A 237 ? TYR A 240 . ? 1_555  ? 
# 
_pdbx_entry_details.entry_id                   5YHB 
_pdbx_entry_details.compound_details           ? 
_pdbx_entry_details.source_details             ? 
_pdbx_entry_details.nonpolymer_details         ? 
_pdbx_entry_details.sequence_details           ? 
_pdbx_entry_details.has_ligand_of_interest     ? 
_pdbx_entry_details.has_protein_modification   N 
# 
_pdbx_validate_rmsd_angle.id                         1 
_pdbx_validate_rmsd_angle.PDB_model_num              1 
_pdbx_validate_rmsd_angle.auth_atom_id_1             NE 
_pdbx_validate_rmsd_angle.auth_asym_id_1             A 
_pdbx_validate_rmsd_angle.auth_comp_id_1             ARG 
_pdbx_validate_rmsd_angle.auth_seq_id_1              120 
_pdbx_validate_rmsd_angle.PDB_ins_code_1             ? 
_pdbx_validate_rmsd_angle.label_alt_id_1             ? 
_pdbx_validate_rmsd_angle.auth_atom_id_2             CZ 
_pdbx_validate_rmsd_angle.auth_asym_id_2             A 
_pdbx_validate_rmsd_angle.auth_comp_id_2             ARG 
_pdbx_validate_rmsd_angle.auth_seq_id_2              120 
_pdbx_validate_rmsd_angle.PDB_ins_code_2             ? 
_pdbx_validate_rmsd_angle.label_alt_id_2             ? 
_pdbx_validate_rmsd_angle.auth_atom_id_3             NH1 
_pdbx_validate_rmsd_angle.auth_asym_id_3             A 
_pdbx_validate_rmsd_angle.auth_comp_id_3             ARG 
_pdbx_validate_rmsd_angle.auth_seq_id_3              120 
_pdbx_validate_rmsd_angle.PDB_ins_code_3             ? 
_pdbx_validate_rmsd_angle.label_alt_id_3             ? 
_pdbx_validate_rmsd_angle.angle_value                117.25 
_pdbx_validate_rmsd_angle.angle_target_value         120.30 
_pdbx_validate_rmsd_angle.angle_deviation            -3.05 
_pdbx_validate_rmsd_angle.angle_standard_deviation   0.50 
_pdbx_validate_rmsd_angle.linker_flag                N 
# 
loop_
_pdbx_validate_torsion.id 
_pdbx_validate_torsion.PDB_model_num 
_pdbx_validate_torsion.auth_comp_id 
_pdbx_validate_torsion.auth_asym_id 
_pdbx_validate_torsion.auth_seq_id 
_pdbx_validate_torsion.PDB_ins_code 
_pdbx_validate_torsion.label_alt_id 
_pdbx_validate_torsion.phi 
_pdbx_validate_torsion.psi 
1 1 TYR A 57  ? ? 79.21   -46.73 
2 1 TYR A 224 ? ? -133.83 -58.27 
# 
loop_
_pdbx_unobs_or_zero_occ_residues.id 
_pdbx_unobs_or_zero_occ_residues.PDB_model_num 
_pdbx_unobs_or_zero_occ_residues.polymer_flag 
_pdbx_unobs_or_zero_occ_residues.occupancy_flag 
_pdbx_unobs_or_zero_occ_residues.auth_asym_id 
_pdbx_unobs_or_zero_occ_residues.auth_comp_id 
_pdbx_unobs_or_zero_occ_residues.auth_seq_id 
_pdbx_unobs_or_zero_occ_residues.PDB_ins_code 
_pdbx_unobs_or_zero_occ_residues.label_asym_id 
_pdbx_unobs_or_zero_occ_residues.label_comp_id 
_pdbx_unobs_or_zero_occ_residues.label_seq_id 
1  1 Y 1 A ACE 1   ? A ACE 1   
2  1 Y 1 A ALA 2   ? A ALA 2   
3  1 Y 1 A ASP 3   ? A ASP 3   
4  1 Y 1 A VAL 4   ? A VAL 4   
5  1 Y 1 A ALA 5   ? A ALA 5   
6  1 Y 1 A GLY 6   ? A GLY 6   
7  1 Y 1 A THR 7   ? A THR 7   
8  1 Y 1 A SER 8   ? A SER 8   
9  1 Y 1 A ASN 9   ? A ASN 9   
10 1 Y 1 A ARG 10  ? A ARG 10  
11 1 Y 1 A LEU 68  ? A LEU 68  
12 1 Y 1 A LYS 69  ? A LYS 69  
13 1 Y 1 A GLU 70  ? A GLU 70  
14 1 Y 1 A TYR 71  ? A TYR 71  
15 1 Y 1 A ARG 72  ? A ARG 72  
16 1 Y 1 A GLU 73  ? A GLU 73  
17 1 Y 1 A GLY 74  ? A GLY 74  
18 1 Y 1 A GLN 75  ? A GLN 75  
19 1 Y 1 A HIS 76  ? A HIS 76  
20 1 Y 1 A ASN 77  ? A ASN 77  
21 1 Y 1 A ASP 78  ? A ASP 78  
22 1 Y 1 A SER 79  ? A SER 79  
23 1 Y 1 A TYR 80  ? A TYR 80  
24 1 Y 1 A ASP 81  ? A ASP 81  
25 1 Y 1 A GLU 82  ? A GLU 82  
26 1 Y 1 A TYR 83  ? A TYR 83  
27 1 Y 1 A GLU 84  ? A GLU 84  
28 1 Y 1 A VAL 85  ? A VAL 85  
29 1 Y 1 A ASN 86  ? A ASN 86  
30 1 Y 1 A GLN 87  ? A GLN 87  
31 1 Y 1 A SER 88  ? A SER 88  
32 1 Y 1 A ILE 89  ? A ILE 89  
33 1 Y 1 A TYR 90  ? A TYR 90  
34 1 Y 1 A TYR 91  ? A TYR 91  
35 1 Y 1 A PRO 92  ? A PRO 92  
36 1 Y 1 A ASN 93  ? A ASN 93  
37 1 Y 1 A GLY 94  ? A GLY 94  
38 1 Y 1 A GLY 95  ? A GLY 95  
39 1 Y 1 A ASP 96  ? A ASP 96  
40 1 Y 1 A ALA 97  ? A ALA 97  
41 1 Y 1 A ARG 98  ? A ARG 98  
42 1 Y 1 A LYS 99  ? A LYS 99  
43 1 Y 1 A PHE 100 ? A PHE 100 
44 1 Y 1 A HIS 101 ? A HIS 101 
45 1 Y 1 A SER 102 ? A SER 102 
46 1 Y 1 A ALA 129 ? A ALA 129 
47 1 Y 1 A VAL 130 ? A VAL 130 
48 1 Y 1 A SER 131 ? A SER 131 
49 1 Y 1 A VAL 132 ? A VAL 132 
50 1 Y 1 A PRO 133 ? A PRO 133 
51 1 Y 1 A ASP 134 ? A ASP 134 
52 1 Y 1 A PRO 189 ? A PRO 186 
53 1 Y 1 A SER 190 ? A SER 187 
54 1 Y 1 A SER 191 ? A SER 188 
55 1 Y 1 A TYR 192 ? A TYR 189 
56 1 Y 1 A ASN 193 ? A ASN 190 
57 1 Y 1 A VAL 194 ? A VAL 191 
58 1 Y 1 A HIS 195 ? A HIS 192 
59 1 Y 1 A ASN 196 ? A ASN 193 
60 1 Y 1 A VAL 197 ? A VAL 194 
61 1 Y 1 A MET 198 ? A MET 195 
62 1 Y 1 A ASP 199 ? A ASP 196 
63 1 Y 1 A VAL 200 ? A VAL 197 
64 1 Y 1 A PHE 201 ? A PHE 198 
65 1 Y 1 A GLN 202 ? A GLN 199 
66 1 Y 1 A SER 203 ? A SER 200 
67 1 Y 1 A CYS 204 ? A CYS 201 
# 
loop_
_chem_comp_atom.comp_id 
_chem_comp_atom.atom_id 
_chem_comp_atom.type_symbol 
_chem_comp_atom.pdbx_aromatic_flag 
_chem_comp_atom.pdbx_stereo_config 
_chem_comp_atom.pdbx_ordinal 
ACE C    C  N N 1   
ACE O    O  N N 2   
ACE CH3  C  N N 3   
ACE H    H  N N 4   
ACE H1   H  N N 5   
ACE H2   H  N N 6   
ACE H3   H  N N 7   
ALA N    N  N N 8   
ALA CA   C  N S 9   
ALA C    C  N N 10  
ALA O    O  N N 11  
ALA CB   C  N N 12  
ALA OXT  O  N N 13  
ALA H    H  N N 14  
ALA H2   H  N N 15  
ALA HA   H  N N 16  
ALA HB1  H  N N 17  
ALA HB2  H  N N 18  
ALA HB3  H  N N 19  
ALA HXT  H  N N 20  
ARG N    N  N N 21  
ARG CA   C  N S 22  
ARG C    C  N N 23  
ARG O    O  N N 24  
ARG CB   C  N N 25  
ARG CG   C  N N 26  
ARG CD   C  N N 27  
ARG NE   N  N N 28  
ARG CZ   C  N N 29  
ARG NH1  N  N N 30  
ARG NH2  N  N N 31  
ARG OXT  O  N N 32  
ARG H    H  N N 33  
ARG H2   H  N N 34  
ARG HA   H  N N 35  
ARG HB2  H  N N 36  
ARG HB3  H  N N 37  
ARG HG2  H  N N 38  
ARG HG3  H  N N 39  
ARG HD2  H  N N 40  
ARG HD3  H  N N 41  
ARG HE   H  N N 42  
ARG HH11 H  N N 43  
ARG HH12 H  N N 44  
ARG HH21 H  N N 45  
ARG HH22 H  N N 46  
ARG HXT  H  N N 47  
ASN N    N  N N 48  
ASN CA   C  N S 49  
ASN C    C  N N 50  
ASN O    O  N N 51  
ASN CB   C  N N 52  
ASN CG   C  N N 53  
ASN OD1  O  N N 54  
ASN ND2  N  N N 55  
ASN OXT  O  N N 56  
ASN H    H  N N 57  
ASN H2   H  N N 58  
ASN HA   H  N N 59  
ASN HB2  H  N N 60  
ASN HB3  H  N N 61  
ASN HD21 H  N N 62  
ASN HD22 H  N N 63  
ASN HXT  H  N N 64  
ASP N    N  N N 65  
ASP CA   C  N S 66  
ASP C    C  N N 67  
ASP O    O  N N 68  
ASP CB   C  N N 69  
ASP CG   C  N N 70  
ASP OD1  O  N N 71  
ASP OD2  O  N N 72  
ASP OXT  O  N N 73  
ASP H    H  N N 74  
ASP H2   H  N N 75  
ASP HA   H  N N 76  
ASP HB2  H  N N 77  
ASP HB3  H  N N 78  
ASP HD2  H  N N 79  
ASP HXT  H  N N 80  
CYS N    N  N N 81  
CYS CA   C  N R 82  
CYS C    C  N N 83  
CYS O    O  N N 84  
CYS CB   C  N N 85  
CYS SG   S  N N 86  
CYS OXT  O  N N 87  
CYS H    H  N N 88  
CYS H2   H  N N 89  
CYS HA   H  N N 90  
CYS HB2  H  N N 91  
CYS HB3  H  N N 92  
CYS HG   H  N N 93  
CYS HXT  H  N N 94  
GLN N    N  N N 95  
GLN CA   C  N S 96  
GLN C    C  N N 97  
GLN O    O  N N 98  
GLN CB   C  N N 99  
GLN CG   C  N N 100 
GLN CD   C  N N 101 
GLN OE1  O  N N 102 
GLN NE2  N  N N 103 
GLN OXT  O  N N 104 
GLN H    H  N N 105 
GLN H2   H  N N 106 
GLN HA   H  N N 107 
GLN HB2  H  N N 108 
GLN HB3  H  N N 109 
GLN HG2  H  N N 110 
GLN HG3  H  N N 111 
GLN HE21 H  N N 112 
GLN HE22 H  N N 113 
GLN HXT  H  N N 114 
GLU N    N  N N 115 
GLU CA   C  N S 116 
GLU C    C  N N 117 
GLU O    O  N N 118 
GLU CB   C  N N 119 
GLU CG   C  N N 120 
GLU CD   C  N N 121 
GLU OE1  O  N N 122 
GLU OE2  O  N N 123 
GLU OXT  O  N N 124 
GLU H    H  N N 125 
GLU H2   H  N N 126 
GLU HA   H  N N 127 
GLU HB2  H  N N 128 
GLU HB3  H  N N 129 
GLU HG2  H  N N 130 
GLU HG3  H  N N 131 
GLU HE2  H  N N 132 
GLU HXT  H  N N 133 
GLY N    N  N N 134 
GLY CA   C  N N 135 
GLY C    C  N N 136 
GLY O    O  N N 137 
GLY OXT  O  N N 138 
GLY H    H  N N 139 
GLY H2   H  N N 140 
GLY HA2  H  N N 141 
GLY HA3  H  N N 142 
GLY HXT  H  N N 143 
HIS N    N  N N 144 
HIS CA   C  N S 145 
HIS C    C  N N 146 
HIS O    O  N N 147 
HIS CB   C  N N 148 
HIS CG   C  Y N 149 
HIS ND1  N  Y N 150 
HIS CD2  C  Y N 151 
HIS CE1  C  Y N 152 
HIS NE2  N  Y N 153 
HIS OXT  O  N N 154 
HIS H    H  N N 155 
HIS H2   H  N N 156 
HIS HA   H  N N 157 
HIS HB2  H  N N 158 
HIS HB3  H  N N 159 
HIS HD1  H  N N 160 
HIS HD2  H  N N 161 
HIS HE1  H  N N 162 
HIS HE2  H  N N 163 
HIS HXT  H  N N 164 
HOH O    O  N N 165 
HOH H1   H  N N 166 
HOH H2   H  N N 167 
ILE N    N  N N 168 
ILE CA   C  N S 169 
ILE C    C  N N 170 
ILE O    O  N N 171 
ILE CB   C  N S 172 
ILE CG1  C  N N 173 
ILE CG2  C  N N 174 
ILE CD1  C  N N 175 
ILE OXT  O  N N 176 
ILE H    H  N N 177 
ILE H2   H  N N 178 
ILE HA   H  N N 179 
ILE HB   H  N N 180 
ILE HG12 H  N N 181 
ILE HG13 H  N N 182 
ILE HG21 H  N N 183 
ILE HG22 H  N N 184 
ILE HG23 H  N N 185 
ILE HD11 H  N N 186 
ILE HD12 H  N N 187 
ILE HD13 H  N N 188 
ILE HXT  H  N N 189 
LEU N    N  N N 190 
LEU CA   C  N S 191 
LEU C    C  N N 192 
LEU O    O  N N 193 
LEU CB   C  N N 194 
LEU CG   C  N N 195 
LEU CD1  C  N N 196 
LEU CD2  C  N N 197 
LEU OXT  O  N N 198 
LEU H    H  N N 199 
LEU H2   H  N N 200 
LEU HA   H  N N 201 
LEU HB2  H  N N 202 
LEU HB3  H  N N 203 
LEU HG   H  N N 204 
LEU HD11 H  N N 205 
LEU HD12 H  N N 206 
LEU HD13 H  N N 207 
LEU HD21 H  N N 208 
LEU HD22 H  N N 209 
LEU HD23 H  N N 210 
LEU HXT  H  N N 211 
LYS N    N  N N 212 
LYS CA   C  N S 213 
LYS C    C  N N 214 
LYS O    O  N N 215 
LYS CB   C  N N 216 
LYS CG   C  N N 217 
LYS CD   C  N N 218 
LYS CE   C  N N 219 
LYS NZ   N  N N 220 
LYS OXT  O  N N 221 
LYS H    H  N N 222 
LYS H2   H  N N 223 
LYS HA   H  N N 224 
LYS HB2  H  N N 225 
LYS HB3  H  N N 226 
LYS HG2  H  N N 227 
LYS HG3  H  N N 228 
LYS HD2  H  N N 229 
LYS HD3  H  N N 230 
LYS HE2  H  N N 231 
LYS HE3  H  N N 232 
LYS HZ1  H  N N 233 
LYS HZ2  H  N N 234 
LYS HZ3  H  N N 235 
LYS HXT  H  N N 236 
MET N    N  N N 237 
MET CA   C  N S 238 
MET C    C  N N 239 
MET O    O  N N 240 
MET CB   C  N N 241 
MET CG   C  N N 242 
MET SD   S  N N 243 
MET CE   C  N N 244 
MET OXT  O  N N 245 
MET H    H  N N 246 
MET H2   H  N N 247 
MET HA   H  N N 248 
MET HB2  H  N N 249 
MET HB3  H  N N 250 
MET HG2  H  N N 251 
MET HG3  H  N N 252 
MET HE1  H  N N 253 
MET HE2  H  N N 254 
MET HE3  H  N N 255 
MET HXT  H  N N 256 
PD  PD   PD N N 257 
PHE N    N  N N 258 
PHE CA   C  N S 259 
PHE C    C  N N 260 
PHE O    O  N N 261 
PHE CB   C  N N 262 
PHE CG   C  Y N 263 
PHE CD1  C  Y N 264 
PHE CD2  C  Y N 265 
PHE CE1  C  Y N 266 
PHE CE2  C  Y N 267 
PHE CZ   C  Y N 268 
PHE OXT  O  N N 269 
PHE H    H  N N 270 
PHE H2   H  N N 271 
PHE HA   H  N N 272 
PHE HB2  H  N N 273 
PHE HB3  H  N N 274 
PHE HD1  H  N N 275 
PHE HD2  H  N N 276 
PHE HE1  H  N N 277 
PHE HE2  H  N N 278 
PHE HZ   H  N N 279 
PHE HXT  H  N N 280 
PLL C20  C  N N 281 
PLL C21  C  N N 282 
PLL PD   PD N N 283 
PLL C19  C  N N 284 
PLL H20  H  N N 285 
PLL H20A H  N N 286 
PLL H21  H  N N 287 
PLL H19  H  N N 288 
PLL H19A H  N N 289 
PRO N    N  N N 290 
PRO CA   C  N S 291 
PRO C    C  N N 292 
PRO O    O  N N 293 
PRO CB   C  N N 294 
PRO CG   C  N N 295 
PRO CD   C  N N 296 
PRO OXT  O  N N 297 
PRO H    H  N N 298 
PRO HA   H  N N 299 
PRO HB2  H  N N 300 
PRO HB3  H  N N 301 
PRO HG2  H  N N 302 
PRO HG3  H  N N 303 
PRO HD2  H  N N 304 
PRO HD3  H  N N 305 
PRO HXT  H  N N 306 
SER N    N  N N 307 
SER CA   C  N S 308 
SER C    C  N N 309 
SER O    O  N N 310 
SER CB   C  N N 311 
SER OG   O  N N 312 
SER OXT  O  N N 313 
SER H    H  N N 314 
SER H2   H  N N 315 
SER HA   H  N N 316 
SER HB2  H  N N 317 
SER HB3  H  N N 318 
SER HG   H  N N 319 
SER HXT  H  N N 320 
THR N    N  N N 321 
THR CA   C  N S 322 
THR C    C  N N 323 
THR O    O  N N 324 
THR CB   C  N R 325 
THR OG1  O  N N 326 
THR CG2  C  N N 327 
THR OXT  O  N N 328 
THR H    H  N N 329 
THR H2   H  N N 330 
THR HA   H  N N 331 
THR HB   H  N N 332 
THR HG1  H  N N 333 
THR HG21 H  N N 334 
THR HG22 H  N N 335 
THR HG23 H  N N 336 
THR HXT  H  N N 337 
TRP N    N  N N 338 
TRP CA   C  N S 339 
TRP C    C  N N 340 
TRP O    O  N N 341 
TRP CB   C  N N 342 
TRP CG   C  Y N 343 
TRP CD1  C  Y N 344 
TRP CD2  C  Y N 345 
TRP NE1  N  Y N 346 
TRP CE2  C  Y N 347 
TRP CE3  C  Y N 348 
TRP CZ2  C  Y N 349 
TRP CZ3  C  Y N 350 
TRP CH2  C  Y N 351 
TRP OXT  O  N N 352 
TRP H    H  N N 353 
TRP H2   H  N N 354 
TRP HA   H  N N 355 
TRP HB2  H  N N 356 
TRP HB3  H  N N 357 
TRP HD1  H  N N 358 
TRP HE1  H  N N 359 
TRP HE3  H  N N 360 
TRP HZ2  H  N N 361 
TRP HZ3  H  N N 362 
TRP HH2  H  N N 363 
TRP HXT  H  N N 364 
TYR N    N  N N 365 
TYR CA   C  N S 366 
TYR C    C  N N 367 
TYR O    O  N N 368 
TYR CB   C  N N 369 
TYR CG   C  Y N 370 
TYR CD1  C  Y N 371 
TYR CD2  C  Y N 372 
TYR CE1  C  Y N 373 
TYR CE2  C  Y N 374 
TYR CZ   C  Y N 375 
TYR OH   O  N N 376 
TYR OXT  O  N N 377 
TYR H    H  N N 378 
TYR H2   H  N N 379 
TYR HA   H  N N 380 
TYR HB2  H  N N 381 
TYR HB3  H  N N 382 
TYR HD1  H  N N 383 
TYR HD2  H  N N 384 
TYR HE1  H  N N 385 
TYR HE2  H  N N 386 
TYR HH   H  N N 387 
TYR HXT  H  N N 388 
VAL N    N  N N 389 
VAL CA   C  N S 390 
VAL C    C  N N 391 
VAL O    O  N N 392 
VAL CB   C  N N 393 
VAL CG1  C  N N 394 
VAL CG2  C  N N 395 
VAL OXT  O  N N 396 
VAL H    H  N N 397 
VAL H2   H  N N 398 
VAL HA   H  N N 399 
VAL HB   H  N N 400 
VAL HG11 H  N N 401 
VAL HG12 H  N N 402 
VAL HG13 H  N N 403 
VAL HG21 H  N N 404 
VAL HG22 H  N N 405 
VAL HG23 H  N N 406 
VAL HXT  H  N N 407 
# 
loop_
_chem_comp_bond.comp_id 
_chem_comp_bond.atom_id_1 
_chem_comp_bond.atom_id_2 
_chem_comp_bond.value_order 
_chem_comp_bond.pdbx_aromatic_flag 
_chem_comp_bond.pdbx_stereo_config 
_chem_comp_bond.pdbx_ordinal 
ACE C   O    doub N N 1   
ACE C   CH3  sing N N 2   
ACE C   H    sing N N 3   
ACE CH3 H1   sing N N 4   
ACE CH3 H2   sing N N 5   
ACE CH3 H3   sing N N 6   
ALA N   CA   sing N N 7   
ALA N   H    sing N N 8   
ALA N   H2   sing N N 9   
ALA CA  C    sing N N 10  
ALA CA  CB   sing N N 11  
ALA CA  HA   sing N N 12  
ALA C   O    doub N N 13  
ALA C   OXT  sing N N 14  
ALA CB  HB1  sing N N 15  
ALA CB  HB2  sing N N 16  
ALA CB  HB3  sing N N 17  
ALA OXT HXT  sing N N 18  
ARG N   CA   sing N N 19  
ARG N   H    sing N N 20  
ARG N   H2   sing N N 21  
ARG CA  C    sing N N 22  
ARG CA  CB   sing N N 23  
ARG CA  HA   sing N N 24  
ARG C   O    doub N N 25  
ARG C   OXT  sing N N 26  
ARG CB  CG   sing N N 27  
ARG CB  HB2  sing N N 28  
ARG CB  HB3  sing N N 29  
ARG CG  CD   sing N N 30  
ARG CG  HG2  sing N N 31  
ARG CG  HG3  sing N N 32  
ARG CD  NE   sing N N 33  
ARG CD  HD2  sing N N 34  
ARG CD  HD3  sing N N 35  
ARG NE  CZ   sing N N 36  
ARG NE  HE   sing N N 37  
ARG CZ  NH1  sing N N 38  
ARG CZ  NH2  doub N N 39  
ARG NH1 HH11 sing N N 40  
ARG NH1 HH12 sing N N 41  
ARG NH2 HH21 sing N N 42  
ARG NH2 HH22 sing N N 43  
ARG OXT HXT  sing N N 44  
ASN N   CA   sing N N 45  
ASN N   H    sing N N 46  
ASN N   H2   sing N N 47  
ASN CA  C    sing N N 48  
ASN CA  CB   sing N N 49  
ASN CA  HA   sing N N 50  
ASN C   O    doub N N 51  
ASN C   OXT  sing N N 52  
ASN CB  CG   sing N N 53  
ASN CB  HB2  sing N N 54  
ASN CB  HB3  sing N N 55  
ASN CG  OD1  doub N N 56  
ASN CG  ND2  sing N N 57  
ASN ND2 HD21 sing N N 58  
ASN ND2 HD22 sing N N 59  
ASN OXT HXT  sing N N 60  
ASP N   CA   sing N N 61  
ASP N   H    sing N N 62  
ASP N   H2   sing N N 63  
ASP CA  C    sing N N 64  
ASP CA  CB   sing N N 65  
ASP CA  HA   sing N N 66  
ASP C   O    doub N N 67  
ASP C   OXT  sing N N 68  
ASP CB  CG   sing N N 69  
ASP CB  HB2  sing N N 70  
ASP CB  HB3  sing N N 71  
ASP CG  OD1  doub N N 72  
ASP CG  OD2  sing N N 73  
ASP OD2 HD2  sing N N 74  
ASP OXT HXT  sing N N 75  
CYS N   CA   sing N N 76  
CYS N   H    sing N N 77  
CYS N   H2   sing N N 78  
CYS CA  C    sing N N 79  
CYS CA  CB   sing N N 80  
CYS CA  HA   sing N N 81  
CYS C   O    doub N N 82  
CYS C   OXT  sing N N 83  
CYS CB  SG   sing N N 84  
CYS CB  HB2  sing N N 85  
CYS CB  HB3  sing N N 86  
CYS SG  HG   sing N N 87  
CYS OXT HXT  sing N N 88  
GLN N   CA   sing N N 89  
GLN N   H    sing N N 90  
GLN N   H2   sing N N 91  
GLN CA  C    sing N N 92  
GLN CA  CB   sing N N 93  
GLN CA  HA   sing N N 94  
GLN C   O    doub N N 95  
GLN C   OXT  sing N N 96  
GLN CB  CG   sing N N 97  
GLN CB  HB2  sing N N 98  
GLN CB  HB3  sing N N 99  
GLN CG  CD   sing N N 100 
GLN CG  HG2  sing N N 101 
GLN CG  HG3  sing N N 102 
GLN CD  OE1  doub N N 103 
GLN CD  NE2  sing N N 104 
GLN NE2 HE21 sing N N 105 
GLN NE2 HE22 sing N N 106 
GLN OXT HXT  sing N N 107 
GLU N   CA   sing N N 108 
GLU N   H    sing N N 109 
GLU N   H2   sing N N 110 
GLU CA  C    sing N N 111 
GLU CA  CB   sing N N 112 
GLU CA  HA   sing N N 113 
GLU C   O    doub N N 114 
GLU C   OXT  sing N N 115 
GLU CB  CG   sing N N 116 
GLU CB  HB2  sing N N 117 
GLU CB  HB3  sing N N 118 
GLU CG  CD   sing N N 119 
GLU CG  HG2  sing N N 120 
GLU CG  HG3  sing N N 121 
GLU CD  OE1  doub N N 122 
GLU CD  OE2  sing N N 123 
GLU OE2 HE2  sing N N 124 
GLU OXT HXT  sing N N 125 
GLY N   CA   sing N N 126 
GLY N   H    sing N N 127 
GLY N   H2   sing N N 128 
GLY CA  C    sing N N 129 
GLY CA  HA2  sing N N 130 
GLY CA  HA3  sing N N 131 
GLY C   O    doub N N 132 
GLY C   OXT  sing N N 133 
GLY OXT HXT  sing N N 134 
HIS N   CA   sing N N 135 
HIS N   H    sing N N 136 
HIS N   H2   sing N N 137 
HIS CA  C    sing N N 138 
HIS CA  CB   sing N N 139 
HIS CA  HA   sing N N 140 
HIS C   O    doub N N 141 
HIS C   OXT  sing N N 142 
HIS CB  CG   sing N N 143 
HIS CB  HB2  sing N N 144 
HIS CB  HB3  sing N N 145 
HIS CG  ND1  sing Y N 146 
HIS CG  CD2  doub Y N 147 
HIS ND1 CE1  doub Y N 148 
HIS ND1 HD1  sing N N 149 
HIS CD2 NE2  sing Y N 150 
HIS CD2 HD2  sing N N 151 
HIS CE1 NE2  sing Y N 152 
HIS CE1 HE1  sing N N 153 
HIS NE2 HE2  sing N N 154 
HIS OXT HXT  sing N N 155 
HOH O   H1   sing N N 156 
HOH O   H2   sing N N 157 
ILE N   CA   sing N N 158 
ILE N   H    sing N N 159 
ILE N   H2   sing N N 160 
ILE CA  C    sing N N 161 
ILE CA  CB   sing N N 162 
ILE CA  HA   sing N N 163 
ILE C   O    doub N N 164 
ILE C   OXT  sing N N 165 
ILE CB  CG1  sing N N 166 
ILE CB  CG2  sing N N 167 
ILE CB  HB   sing N N 168 
ILE CG1 CD1  sing N N 169 
ILE CG1 HG12 sing N N 170 
ILE CG1 HG13 sing N N 171 
ILE CG2 HG21 sing N N 172 
ILE CG2 HG22 sing N N 173 
ILE CG2 HG23 sing N N 174 
ILE CD1 HD11 sing N N 175 
ILE CD1 HD12 sing N N 176 
ILE CD1 HD13 sing N N 177 
ILE OXT HXT  sing N N 178 
LEU N   CA   sing N N 179 
LEU N   H    sing N N 180 
LEU N   H2   sing N N 181 
LEU CA  C    sing N N 182 
LEU CA  CB   sing N N 183 
LEU CA  HA   sing N N 184 
LEU C   O    doub N N 185 
LEU C   OXT  sing N N 186 
LEU CB  CG   sing N N 187 
LEU CB  HB2  sing N N 188 
LEU CB  HB3  sing N N 189 
LEU CG  CD1  sing N N 190 
LEU CG  CD2  sing N N 191 
LEU CG  HG   sing N N 192 
LEU CD1 HD11 sing N N 193 
LEU CD1 HD12 sing N N 194 
LEU CD1 HD13 sing N N 195 
LEU CD2 HD21 sing N N 196 
LEU CD2 HD22 sing N N 197 
LEU CD2 HD23 sing N N 198 
LEU OXT HXT  sing N N 199 
LYS N   CA   sing N N 200 
LYS N   H    sing N N 201 
LYS N   H2   sing N N 202 
LYS CA  C    sing N N 203 
LYS CA  CB   sing N N 204 
LYS CA  HA   sing N N 205 
LYS C   O    doub N N 206 
LYS C   OXT  sing N N 207 
LYS CB  CG   sing N N 208 
LYS CB  HB2  sing N N 209 
LYS CB  HB3  sing N N 210 
LYS CG  CD   sing N N 211 
LYS CG  HG2  sing N N 212 
LYS CG  HG3  sing N N 213 
LYS CD  CE   sing N N 214 
LYS CD  HD2  sing N N 215 
LYS CD  HD3  sing N N 216 
LYS CE  NZ   sing N N 217 
LYS CE  HE2  sing N N 218 
LYS CE  HE3  sing N N 219 
LYS NZ  HZ1  sing N N 220 
LYS NZ  HZ2  sing N N 221 
LYS NZ  HZ3  sing N N 222 
LYS OXT HXT  sing N N 223 
MET N   CA   sing N N 224 
MET N   H    sing N N 225 
MET N   H2   sing N N 226 
MET CA  C    sing N N 227 
MET CA  CB   sing N N 228 
MET CA  HA   sing N N 229 
MET C   O    doub N N 230 
MET C   OXT  sing N N 231 
MET CB  CG   sing N N 232 
MET CB  HB2  sing N N 233 
MET CB  HB3  sing N N 234 
MET CG  SD   sing N N 235 
MET CG  HG2  sing N N 236 
MET CG  HG3  sing N N 237 
MET SD  CE   sing N N 238 
MET CE  HE1  sing N N 239 
MET CE  HE2  sing N N 240 
MET CE  HE3  sing N N 241 
MET OXT HXT  sing N N 242 
PHE N   CA   sing N N 243 
PHE N   H    sing N N 244 
PHE N   H2   sing N N 245 
PHE CA  C    sing N N 246 
PHE CA  CB   sing N N 247 
PHE CA  HA   sing N N 248 
PHE C   O    doub N N 249 
PHE C   OXT  sing N N 250 
PHE CB  CG   sing N N 251 
PHE CB  HB2  sing N N 252 
PHE CB  HB3  sing N N 253 
PHE CG  CD1  doub Y N 254 
PHE CG  CD2  sing Y N 255 
PHE CD1 CE1  sing Y N 256 
PHE CD1 HD1  sing N N 257 
PHE CD2 CE2  doub Y N 258 
PHE CD2 HD2  sing N N 259 
PHE CE1 CZ   doub Y N 260 
PHE CE1 HE1  sing N N 261 
PHE CE2 CZ   sing Y N 262 
PHE CE2 HE2  sing N N 263 
PHE CZ  HZ   sing N N 264 
PHE OXT HXT  sing N N 265 
PLL C20 C21  sing N N 266 
PLL C21 C19  sing N N 267 
PLL PD  C19  sing N N 268 
PLL PD  C20  sing N N 269 
PLL PD  C21  sing N N 270 
PLL C20 H20  sing N N 271 
PLL C20 H20A sing N N 272 
PLL C21 H21  sing N N 273 
PLL C19 H19  sing N N 274 
PLL C19 H19A sing N N 275 
PRO N   CA   sing N N 276 
PRO N   CD   sing N N 277 
PRO N   H    sing N N 278 
PRO CA  C    sing N N 279 
PRO CA  CB   sing N N 280 
PRO CA  HA   sing N N 281 
PRO C   O    doub N N 282 
PRO C   OXT  sing N N 283 
PRO CB  CG   sing N N 284 
PRO CB  HB2  sing N N 285 
PRO CB  HB3  sing N N 286 
PRO CG  CD   sing N N 287 
PRO CG  HG2  sing N N 288 
PRO CG  HG3  sing N N 289 
PRO CD  HD2  sing N N 290 
PRO CD  HD3  sing N N 291 
PRO OXT HXT  sing N N 292 
SER N   CA   sing N N 293 
SER N   H    sing N N 294 
SER N   H2   sing N N 295 
SER CA  C    sing N N 296 
SER CA  CB   sing N N 297 
SER CA  HA   sing N N 298 
SER C   O    doub N N 299 
SER C   OXT  sing N N 300 
SER CB  OG   sing N N 301 
SER CB  HB2  sing N N 302 
SER CB  HB3  sing N N 303 
SER OG  HG   sing N N 304 
SER OXT HXT  sing N N 305 
THR N   CA   sing N N 306 
THR N   H    sing N N 307 
THR N   H2   sing N N 308 
THR CA  C    sing N N 309 
THR CA  CB   sing N N 310 
THR CA  HA   sing N N 311 
THR C   O    doub N N 312 
THR C   OXT  sing N N 313 
THR CB  OG1  sing N N 314 
THR CB  CG2  sing N N 315 
THR CB  HB   sing N N 316 
THR OG1 HG1  sing N N 317 
THR CG2 HG21 sing N N 318 
THR CG2 HG22 sing N N 319 
THR CG2 HG23 sing N N 320 
THR OXT HXT  sing N N 321 
TRP N   CA   sing N N 322 
TRP N   H    sing N N 323 
TRP N   H2   sing N N 324 
TRP CA  C    sing N N 325 
TRP CA  CB   sing N N 326 
TRP CA  HA   sing N N 327 
TRP C   O    doub N N 328 
TRP C   OXT  sing N N 329 
TRP CB  CG   sing N N 330 
TRP CB  HB2  sing N N 331 
TRP CB  HB3  sing N N 332 
TRP CG  CD1  doub Y N 333 
TRP CG  CD2  sing Y N 334 
TRP CD1 NE1  sing Y N 335 
TRP CD1 HD1  sing N N 336 
TRP CD2 CE2  doub Y N 337 
TRP CD2 CE3  sing Y N 338 
TRP NE1 CE2  sing Y N 339 
TRP NE1 HE1  sing N N 340 
TRP CE2 CZ2  sing Y N 341 
TRP CE3 CZ3  doub Y N 342 
TRP CE3 HE3  sing N N 343 
TRP CZ2 CH2  doub Y N 344 
TRP CZ2 HZ2  sing N N 345 
TRP CZ3 CH2  sing Y N 346 
TRP CZ3 HZ3  sing N N 347 
TRP CH2 HH2  sing N N 348 
TRP OXT HXT  sing N N 349 
TYR N   CA   sing N N 350 
TYR N   H    sing N N 351 
TYR N   H2   sing N N 352 
TYR CA  C    sing N N 353 
TYR CA  CB   sing N N 354 
TYR CA  HA   sing N N 355 
TYR C   O    doub N N 356 
TYR C   OXT  sing N N 357 
TYR CB  CG   sing N N 358 
TYR CB  HB2  sing N N 359 
TYR CB  HB3  sing N N 360 
TYR CG  CD1  doub Y N 361 
TYR CG  CD2  sing Y N 362 
TYR CD1 CE1  sing Y N 363 
TYR CD1 HD1  sing N N 364 
TYR CD2 CE2  doub Y N 365 
TYR CD2 HD2  sing N N 366 
TYR CE1 CZ   doub Y N 367 
TYR CE1 HE1  sing N N 368 
TYR CE2 CZ   sing Y N 369 
TYR CE2 HE2  sing N N 370 
TYR CZ  OH   sing N N 371 
TYR OH  HH   sing N N 372 
TYR OXT HXT  sing N N 373 
VAL N   CA   sing N N 374 
VAL N   H    sing N N 375 
VAL N   H2   sing N N 376 
VAL CA  C    sing N N 377 
VAL CA  CB   sing N N 378 
VAL CA  HA   sing N N 379 
VAL C   O    doub N N 380 
VAL C   OXT  sing N N 381 
VAL CB  CG1  sing N N 382 
VAL CB  CG2  sing N N 383 
VAL CB  HB   sing N N 384 
VAL CG1 HG11 sing N N 385 
VAL CG1 HG12 sing N N 386 
VAL CG1 HG13 sing N N 387 
VAL CG2 HG21 sing N N 388 
VAL CG2 HG22 sing N N 389 
VAL CG2 HG23 sing N N 390 
VAL OXT HXT  sing N N 391 
# 
_pdbx_audit_support.funding_organization   'Japan Society for the Promotion of Science' 
_pdbx_audit_support.country                Japan 
_pdbx_audit_support.grant_number           JP16H00827 
_pdbx_audit_support.ordinal                1 
# 
_pdbx_initial_refinement_model.id               1 
_pdbx_initial_refinement_model.entity_id_list   ? 
_pdbx_initial_refinement_model.type             'experimental model' 
_pdbx_initial_refinement_model.source_name      PDB 
_pdbx_initial_refinement_model.accession_code   5GQK 
_pdbx_initial_refinement_model.details          ? 
# 
_atom_sites.entry_id                    5YHB 
_atom_sites.fract_transf_matrix[1][1]   0.00332133 
_atom_sites.fract_transf_matrix[1][2]   0.00862321 
_atom_sites.fract_transf_matrix[1][3]   0.00193431 
_atom_sites.fract_transf_matrix[2][1]   0.00197966 
_atom_sites.fract_transf_matrix[2][2]   -0.00273985 
_atom_sites.fract_transf_matrix[2][3]   0.00881514 
_atom_sites.fract_transf_matrix[3][1]   0.00861291 
_atom_sites.fract_transf_matrix[3][2]   -0.00269555 
_atom_sites.fract_transf_matrix[3][3]   -0.00277205 
_atom_sites.fract_transf_vector[1]      0.421750 
_atom_sites.fract_transf_vector[2]      0.277137 
_atom_sites.fract_transf_vector[3]      0.160960 
# 
loop_
_atom_type.symbol 
C  
N  
O  
PD 
S  
# 
loop_
_atom_site.group_PDB 
_atom_site.id 
_atom_site.type_symbol 
_atom_site.label_atom_id 
_atom_site.label_alt_id 
_atom_site.label_comp_id 
_atom_site.label_asym_id 
_atom_site.label_entity_id 
_atom_site.label_seq_id 
_atom_site.pdbx_PDB_ins_code 
_atom_site.Cartn_x 
_atom_site.Cartn_y 
_atom_site.Cartn_z 
_atom_site.occupancy 
_atom_site.B_iso_or_equiv 
_atom_site.pdbx_formal_charge 
_atom_site.auth_seq_id 
_atom_site.auth_comp_id 
_atom_site.auth_asym_id 
_atom_site.auth_atom_id 
_atom_site.pdbx_PDB_model_num 
ATOM   1    N  N   . ASP A 1 11  ? -7.680  28.673  -24.096 1.00 50.81 ? 11  ASP A N   1 
ATOM   2    C  CA  . ASP A 1 11  ? -6.543  28.251  -23.213 1.00 47.67 ? 11  ASP A CA  1 
ATOM   3    C  C   . ASP A 1 11  ? -6.225  26.781  -23.463 1.00 45.31 ? 11  ASP A C   1 
ATOM   4    O  O   . ASP A 1 11  ? -6.535  25.897  -22.658 1.00 46.08 ? 11  ASP A O   1 
ATOM   5    C  CB  . ASP A 1 11  ? -6.865  28.503  -21.728 1.00 48.82 ? 11  ASP A CB  1 
ATOM   6    C  CG  . ASP A 1 11  ? -5.608  28.477  -20.827 1.00 55.31 ? 11  ASP A CG  1 
ATOM   7    O  OD1 . ASP A 1 11  ? -4.527  28.014  -21.279 1.00 53.29 ? 11  ASP A OD1 1 
ATOM   8    O  OD2 . ASP A 1 11  ? -5.711  28.918  -19.650 1.00 57.74 ? 11  ASP A OD2 1 
ATOM   9    N  N   . PHE A 1 12  ? -5.592  26.515  -24.589 1.00 39.43 ? 12  PHE A N   1 
ATOM   10   C  CA  . PHE A 1 12  ? -5.296  25.150  -24.939 1.00 40.63 ? 12  PHE A CA  1 
ATOM   11   C  C   . PHE A 1 12  ? -4.221  24.576  -24.019 1.00 35.77 ? 12  PHE A C   1 
ATOM   12   O  O   . PHE A 1 12  ? -4.203  23.382  -23.782 1.00 35.35 ? 12  PHE A O   1 
ATOM   13   C  CB  . PHE A 1 12  ? -4.925  25.023  -26.407 1.00 43.16 ? 12  PHE A CB  1 
ATOM   14   C  CG  . PHE A 1 12  ? -6.093  25.196  -27.332 1.00 47.75 ? 12  PHE A CG  1 
ATOM   15   C  CD1 . PHE A 1 12  ? -6.639  26.462  -27.576 1.00 55.22 ? 12  PHE A CD1 1 
ATOM   16   C  CD2 . PHE A 1 12  ? -6.663  24.091  -27.970 1.00 52.06 ? 12  PHE A CD2 1 
ATOM   17   C  CE1 . PHE A 1 12  ? -7.736  26.625  -28.433 1.00 54.53 ? 12  PHE A CE1 1 
ATOM   18   C  CE2 . PHE A 1 12  ? -7.755  24.245  -28.825 1.00 52.31 ? 12  PHE A CE2 1 
ATOM   19   C  CZ  . PHE A 1 12  ? -8.290  25.510  -29.064 1.00 54.19 ? 12  PHE A CZ  1 
ATOM   20   N  N   . ARG A 1 13  ? -3.327  25.435  -23.523 1.00 34.09 ? 13  ARG A N   1 
ATOM   21   C  CA  . ARG A 1 13  ? -2.252  25.061  -22.609 1.00 31.55 ? 13  ARG A CA  1 
ATOM   22   C  C   . ARG A 1 13  ? -2.838  24.479  -21.310 1.00 28.29 ? 13  ARG A C   1 
ATOM   23   O  O   . ARG A 1 13  ? -2.335  23.496  -20.795 1.00 28.24 ? 13  ARG A O   1 
ATOM   24   C  CB  . ARG A 1 13  ? -1.402  26.309  -22.294 1.00 31.34 ? 13  ARG A CB  1 
ATOM   25   C  CG  . ARG A 1 13  ? -0.201  26.105  -21.366 1.00 30.37 ? 13  ARG A CG  1 
ATOM   26   C  CD  . ARG A 1 13  ? 0.683   27.353  -21.299 1.00 27.80 ? 13  ARG A CD  1 
ATOM   27   N  NE  . ARG A 1 13  ? -0.106  28.529  -20.962 1.00 25.72 ? 13  ARG A NE  1 
ATOM   28   C  CZ  . ARG A 1 13  ? 0.187   29.787  -21.321 1.00 27.79 ? 13  ARG A CZ  1 
ATOM   29   N  NH1 . ARG A 1 13  ? 1.301   30.084  -22.001 1.00 27.03 ? 13  ARG A NH1 1 
ATOM   30   N  NH2 . ARG A 1 13  ? -0.622  30.773  -20.973 1.00 26.48 ? 13  ARG A NH2 1 
ATOM   31   N  N   . GLY A 1 14  ? -3.889  25.119  -20.812 1.00 25.90 ? 14  GLY A N   1 
ATOM   32   C  CA  . GLY A 1 14  ? -4.620  24.679  -19.638 1.00 26.82 ? 14  GLY A CA  1 
ATOM   33   C  C   . GLY A 1 14  ? -5.337  23.383  -19.885 1.00 29.11 ? 14  GLY A C   1 
ATOM   34   O  O   . GLY A 1 14  ? -5.305  22.519  -19.031 1.00 32.16 ? 14  GLY A O   1 
ATOM   35   N  N   . ARG A 1 15  ? -5.975  23.241  -21.056 1.00 31.22 ? 15  ARG A N   1 
ATOM   36   C  CA  . ARG A 1 15  ? -6.687  22.010  -21.439 1.00 31.90 ? 15  ARG A CA  1 
ATOM   37   C  C   . ARG A 1 15  ? -5.730  20.877  -21.551 1.00 30.13 ? 15  ARG A C   1 
ATOM   38   O  O   . ARG A 1 15  ? -5.986  19.793  -21.093 1.00 29.25 ? 15  ARG A O   1 
ATOM   39   C  CB  . ARG A 1 15  ? -7.388  22.148  -22.792 1.00 33.91 ? 15  ARG A CB  1 
ATOM   40   C  CG  . ARG A 1 15  ? -8.675  22.927  -22.737 1.00 42.52 ? 15  ARG A CG  1 
ATOM   41   C  CD  . ARG A 1 15  ? -9.415  22.856  -24.066 1.00 51.42 ? 15  ARG A CD  1 
ATOM   42   N  NE  . ARG A 1 15  ? -10.763 23.413  -23.943 1.00 60.36 ? 15  ARG A NE  1 
ATOM   43   C  CZ  . ARG A 1 15  ? -11.852 22.758  -23.512 1.00 69.40 ? 15  ARG A CZ  1 
ATOM   44   N  NH1 . ARG A 1 15  ? -11.805 21.469  -23.157 1.00 69.62 ? 15  ARG A NH1 1 
ATOM   45   N  NH2 . ARG A 1 15  ? -13.023 23.411  -23.434 1.00 70.04 ? 15  ARG A NH2 1 
ATOM   46   N  N   . GLU A 1 16  ? -4.639  21.103  -22.241 1.00 31.41 ? 16  GLU A N   1 
ATOM   47   C  CA  . GLU A 1 16  ? -3.599  20.093  -22.329 1.00 34.60 ? 16  GLU A CA  1 
ATOM   48   C  C   . GLU A 1 16  ? -3.057  19.646  -20.976 1.00 31.23 ? 16  GLU A C   1 
ATOM   49   O  O   . GLU A 1 16  ? -2.726  18.474  -20.845 1.00 27.40 ? 16  GLU A O   1 
ATOM   50   C  CB  . GLU A 1 16  ? -2.444  20.604  -23.190 1.00 39.22 ? 16  GLU A CB  1 
ATOM   51   C  CG  . GLU A 1 16  ? -2.766  20.518  -24.679 1.00 43.69 ? 16  GLU A CG  1 
ATOM   52   C  CD  . GLU A 1 16  ? -2.521  19.132  -25.227 1.00 46.30 ? 16  GLU A CD  1 
ATOM   53   O  OE1 . GLU A 1 16  ? -1.977  18.296  -24.486 1.00 50.83 ? 16  GLU A OE1 1 
ATOM   54   O  OE2 . GLU A 1 16  ? -2.869  18.869  -26.394 1.00 52.91 ? 16  GLU A OE2 1 
ATOM   55   N  N   . GLN A 1 17  ? -2.911  20.581  -20.023 1.00 30.15 ? 17  GLN A N   1 
ATOM   56   C  CA  . GLN A 1 17  ? -2.419  20.248  -18.668 1.00 31.12 ? 17  GLN A CA  1 
ATOM   57   C  C   . GLN A 1 17  ? -3.405  19.321  -17.964 1.00 30.16 ? 17  GLN A C   1 
ATOM   58   O  O   . GLN A 1 17  ? -3.000  18.296  -17.408 1.00 29.20 ? 17  GLN A O   1 
ATOM   59   C  CB  . GLN A 1 17  ? -2.158  21.490  -17.763 1.00 29.82 ? 17  GLN A CB  1 
ATOM   60   C  CG  . GLN A 1 17  ? -1.598  21.130  -16.361 1.00 28.21 ? 17  GLN A CG  1 
ATOM   61   C  CD  . GLN A 1 17  ? -0.170  20.572  -16.337 1.00 28.06 ? 17  GLN A CD  1 
ATOM   62   O  OE1 . GLN A 1 17  ? 0.068   19.411  -16.018 1.00 30.48 ? 17  GLN A OE1 1 
ATOM   63   N  NE2 . GLN A 1 17  ? 0.778   21.414  -16.610 1.00 27.02 ? 17  GLN A NE2 1 
ATOM   64   N  N   . ARG A 1 18  ? -4.686  19.686  -18.007 1.00 28.91 ? 18  ARG A N   1 
ATOM   65   C  CA  . ARG A 1 18  ? -5.730  18.842  -17.442 1.00 31.41 ? 18  ARG A CA  1 
ATOM   66   C  C   . ARG A 1 18  ? -5.806  17.516  -18.086 1.00 32.69 ? 18  ARG A C   1 
ATOM   67   O  O   . ARG A 1 18  ? -5.986  16.538  -17.400 1.00 32.72 ? 18  ARG A O   1 
ATOM   68   C  CB  . ARG A 1 18  ? -7.110  19.449  -17.627 1.00 36.44 ? 18  ARG A CB  1 
ATOM   69   C  CG  . ARG A 1 18  ? -7.356  20.631  -16.766 1.00 37.57 ? 18  ARG A CG  1 
ATOM   70   C  CD  . ARG A 1 18  ? -8.821  21.036  -16.791 1.00 41.34 ? 18  ARG A CD  1 
ATOM   71   N  NE  . ARG A 1 18  ? -8.896  22.332  -16.126 1.00 44.72 ? 18  ARG A NE  1 
ATOM   72   C  CZ  . ARG A 1 18  ? -8.808  22.526  -14.809 1.00 44.71 ? 18  ARG A CZ  1 
ATOM   73   N  NH1 . ARG A 1 18  ? -8.698  21.494  -13.966 1.00 45.07 ? 18  ARG A NH1 1 
ATOM   74   N  NH2 . ARG A 1 18  ? -8.836  23.771  -14.331 1.00 46.02 ? 18  ARG A NH2 1 
ATOM   75   N  N   . LEU A 1 19  ? -5.699  17.473  -19.424 1.00 37.79 ? 19  LEU A N   1 
ATOM   76   C  CA  . LEU A 1 19  ? -5.821  16.194  -20.156 1.00 38.24 ? 19  LEU A CA  1 
ATOM   77   C  C   . LEU A 1 19  ? -4.711  15.256  -19.745 1.00 34.28 ? 19  LEU A C   1 
ATOM   78   O  O   . LEU A 1 19  ? -4.972  14.091  -19.495 1.00 33.69 ? 19  LEU A O   1 
ATOM   79   C  CB  . LEU A 1 19  ? -5.819  16.367  -21.690 1.00 40.04 ? 19  LEU A CB  1 
ATOM   80   C  CG  . LEU A 1 19  ? -6.928  15.649  -22.468 1.00 43.97 ? 19  LEU A CG  1 
ATOM   81   C  CD1 . LEU A 1 19  ? -6.473  15.379  -23.894 1.00 46.73 ? 19  LEU A CD1 1 
ATOM   82   C  CD2 . LEU A 1 19  ? -7.417  14.352  -21.852 1.00 44.85 ? 19  LEU A CD2 1 
ATOM   83   N  N   . PHE A 1 20  ? -3.489  15.803  -19.679 1.00 32.36 ? 20  PHE A N   1 
ATOM   84   C  CA  . PHE A 1 20  ? -2.252  15.092  -19.288 1.00 33.59 ? 20  PHE A CA  1 
ATOM   85   C  C   . PHE A 1 20  ? -2.335  14.526  -17.849 1.00 33.32 ? 20  PHE A C   1 
ATOM   86   O  O   . PHE A 1 20  ? -1.997  13.351  -17.612 1.00 30.18 ? 20  PHE A O   1 
ATOM   87   C  CB  . PHE A 1 20  ? -1.060  16.067  -19.392 1.00 33.66 ? 20  PHE A CB  1 
ATOM   88   C  CG  . PHE A 1 20  ? 0.268   15.500  -18.943 1.00 32.73 ? 20  PHE A CG  1 
ATOM   89   C  CD1 . PHE A 1 20  ? 1.088   14.779  -19.857 1.00 31.57 ? 20  PHE A CD1 1 
ATOM   90   C  CD2 . PHE A 1 20  ? 0.736   15.718  -17.624 1.00 31.16 ? 20  PHE A CD2 1 
ATOM   91   C  CE1 . PHE A 1 20  ? 2.332   14.277  -19.465 1.00 32.78 ? 20  PHE A CE1 1 
ATOM   92   C  CE2 . PHE A 1 20  ? 1.974   15.235  -17.222 1.00 30.92 ? 20  PHE A CE2 1 
ATOM   93   C  CZ  . PHE A 1 20  ? 2.781   14.495  -18.140 1.00 35.29 ? 20  PHE A CZ  1 
ATOM   94   N  N   . ASN A 1 21  ? -2.774  15.360  -16.904 1.00 30.56 ? 21  ASN A N   1 
ATOM   95   C  CA  . ASN A 1 21  ? -2.987  14.862  -15.552 1.00 34.53 ? 21  ASN A CA  1 
ATOM   96   C  C   . ASN A 1 21  ? -4.115  13.795  -15.459 1.00 38.50 ? 21  ASN A C   1 
ATOM   97   O  O   . ASN A 1 21  ? -3.926  12.763  -14.815 1.00 32.88 ? 21  ASN A O   1 
ATOM   98   C  CB  . ASN A 1 21  ? -3.260  15.997  -14.596 1.00 36.28 ? 21  ASN A CB  1 
ATOM   99   C  CG  . ASN A 1 21  ? -2.024  16.848  -14.359 1.00 36.38 ? 21  ASN A CG  1 
ATOM   100  O  OD1 . ASN A 1 21  ? -0.895  16.376  -14.514 1.00 38.61 ? 21  ASN A OD1 1 
ATOM   101  N  ND2 . ASN A 1 21  ? -2.231  18.091  -13.982 1.00 30.66 ? 21  ASN A ND2 1 
ATOM   102  N  N   . SER A 1 22  ? -5.241  14.037  -16.144 1.00 35.52 ? 22  SER A N   1 
ATOM   103  C  CA  . SER A 1 22  ? -6.337  13.087  -16.199 1.00 40.65 ? 22  SER A CA  1 
ATOM   104  C  C   . SER A 1 22  ? -5.912  11.726  -16.749 1.00 42.52 ? 22  SER A C   1 
ATOM   105  O  O   . SER A 1 22  ? -6.277  10.697  -16.198 1.00 42.97 ? 22  SER A O   1 
ATOM   106  C  CB  . SER A 1 22  ? -7.497  13.648  -17.033 1.00 41.64 ? 22  SER A CB  1 
ATOM   107  O  OG  . SER A 1 22  ? -8.031  14.807  -16.425 1.00 40.47 ? 22  SER A OG  1 
ATOM   108  N  N   . GLU A 1 23  ? -5.134  11.719  -17.823 1.00 43.30 ? 23  GLU A N   1 
ATOM   109  C  CA  . GLU A 1 23  ? -4.633  10.468  -18.348 1.00 43.92 ? 23  GLU A CA  1 
ATOM   110  C  C   . GLU A 1 23  ? -3.756  9.740   -17.361 1.00 45.02 ? 23  GLU A C   1 
ATOM   111  O  O   . GLU A 1 23  ? -3.689  8.507   -17.380 1.00 48.48 ? 23  GLU A O   1 
ATOM   112  C  CB  . GLU A 1 23  ? -3.896  10.676  -19.669 1.00 43.51 ? 23  GLU A CB  1 
ATOM   113  C  CG  . GLU A 1 23  ? -4.889  10.781  -20.802 1.00 46.13 ? 23  GLU A CG  1 
ATOM   114  C  CD  . GLU A 1 23  ? -4.284  11.294  -22.087 1.00 51.05 ? 23  GLU A CD  1 
ATOM   115  O  OE1 . GLU A 1 23  ? -3.069  11.105  -22.287 1.00 50.21 ? 23  GLU A OE1 1 
ATOM   116  O  OE2 . GLU A 1 23  ? -5.050  11.875  -22.900 1.00 50.38 ? 23  GLU A OE2 1 
ATOM   117  N  N   . GLN A 1 24  ? -3.096  10.489  -16.488 1.00 42.37 ? 24  GLN A N   1 
ATOM   118  C  CA  . GLN A 1 24  ? -2.340  9.885   -15.413 1.00 43.38 ? 24  GLN A CA  1 
ATOM   119  C  C   . GLN A 1 24  ? -3.265  9.296   -14.315 1.00 41.61 ? 24  GLN A C   1 
ATOM   120  O  O   . GLN A 1 24  ? -2.997  8.187   -13.874 1.00 38.63 ? 24  GLN A O   1 
ATOM   121  C  CB  . GLN A 1 24  ? -1.259  10.846  -14.868 1.00 44.85 ? 24  GLN A CB  1 
ATOM   122  C  CG  . GLN A 1 24  ? -0.197  11.266  -15.901 1.00 43.27 ? 24  GLN A CG  1 
ATOM   123  C  CD  . GLN A 1 24  ? 0.951   12.040  -15.262 1.00 42.78 ? 24  GLN A CD  1 
ATOM   124  O  OE1 . GLN A 1 24  ? 0.820   13.229  -14.899 1.00 40.13 ? 24  GLN A OE1 1 
ATOM   125  N  NE2 . GLN A 1 24  ? 2.072   11.353  -15.070 1.00 41.85 ? 24  GLN A NE2 1 
ATOM   126  N  N   . TYR A 1 25  ? -4.364  9.964   -13.914 1.00 44.48 ? 25  TYR A N   1 
ATOM   127  C  CA  . TYR A 1 25  ? -5.343  9.289   -13.020 1.00 46.44 ? 25  TYR A CA  1 
ATOM   128  C  C   . TYR A 1 25  ? -5.960  8.078   -13.710 1.00 51.26 ? 25  TYR A C   1 
ATOM   129  O  O   . TYR A 1 25  ? -6.268  7.071   -13.069 1.00 48.12 ? 25  TYR A O   1 
ATOM   130  C  CB  . TYR A 1 25  ? -6.471  10.182  -12.516 1.00 48.53 ? 25  TYR A CB  1 
ATOM   131  C  CG  . TYR A 1 25  ? -7.176  9.582   -11.294 1.00 54.93 ? 25  TYR A CG  1 
ATOM   132  C  CD1 . TYR A 1 25  ? -6.477  9.415   -10.091 1.00 61.16 ? 25  TYR A CD1 1 
ATOM   133  C  CD2 . TYR A 1 25  ? -8.520  9.157   -11.332 1.00 53.52 ? 25  TYR A CD2 1 
ATOM   134  C  CE1 . TYR A 1 25  ? -7.082  8.862   -8.955  1.00 62.38 ? 25  TYR A CE1 1 
ATOM   135  C  CE2 . TYR A 1 25  ? -9.140  8.610   -10.200 1.00 55.83 ? 25  TYR A CE2 1 
ATOM   136  C  CZ  . TYR A 1 25  ? -8.415  8.455   -9.004  1.00 60.97 ? 25  TYR A CZ  1 
ATOM   137  O  OH  . TYR A 1 25  ? -8.966  7.930   -7.832  1.00 49.07 ? 25  TYR A OH  1 
ATOM   138  N  N   . ASN A 1 26  ? -6.114  8.179   -15.030 1.00 53.00 ? 26  ASN A N   1 
ATOM   139  C  CA  . ASN A 1 26  ? -6.697  7.113   -15.820 1.00 51.64 ? 26  ASN A CA  1 
ATOM   140  C  C   . ASN A 1 26  ? -5.908  5.807   -15.837 1.00 56.96 ? 26  ASN A C   1 
ATOM   141  O  O   . ASN A 1 26  ? -6.464  4.766   -16.211 1.00 59.31 ? 26  ASN A O   1 
ATOM   142  C  CB  . ASN A 1 26  ? -6.948  7.569   -17.252 1.00 56.37 ? 26  ASN A CB  1 
ATOM   143  C  CG  . ASN A 1 26  ? -8.272  7.107   -17.744 1.00 56.35 ? 26  ASN A CG  1 
ATOM   144  O  OD1 . ASN A 1 26  ? -9.301  7.504   -17.212 1.00 63.48 ? 26  ASN A OD1 1 
ATOM   145  N  ND2 . ASN A 1 26  ? -8.267  6.225   -18.713 1.00 54.74 ? 26  ASN A ND2 1 
ATOM   146  N  N   . TYR A 1 27  ? -4.634  5.862   -15.437 1.00 57.46 ? 27  TYR A N   1 
ATOM   147  C  CA  . TYR A 1 27  ? -3.860  4.670   -15.047 1.00 60.98 ? 27  TYR A CA  1 
ATOM   148  C  C   . TYR A 1 27  ? -4.610  3.712   -14.048 1.00 61.93 ? 27  TYR A C   1 
ATOM   149  O  O   . TYR A 1 27  ? -4.341  2.487   -14.017 1.00 54.26 ? 27  TYR A O   1 
ATOM   150  C  CB  . TYR A 1 27  ? -2.533  5.126   -14.455 1.00 61.11 ? 27  TYR A CB  1 
ATOM   151  C  CG  . TYR A 1 27  ? -1.504  4.049   -14.360 1.00 64.99 ? 27  TYR A CG  1 
ATOM   152  C  CD1 . TYR A 1 27  ? -0.843  3.603   -15.503 1.00 70.31 ? 27  TYR A CD1 1 
ATOM   153  C  CD2 . TYR A 1 27  ? -1.172  3.479   -13.131 1.00 66.03 ? 27  TYR A CD2 1 
ATOM   154  C  CE1 . TYR A 1 27  ? 0.123   2.618   -15.425 1.00 73.48 ? 27  TYR A CE1 1 
ATOM   155  C  CE2 . TYR A 1 27  ? -0.204  2.489   -13.035 1.00 69.11 ? 27  TYR A CE2 1 
ATOM   156  C  CZ  . TYR A 1 27  ? 0.437   2.058   -14.184 1.00 75.17 ? 27  TYR A CZ  1 
ATOM   157  O  OH  . TYR A 1 27  ? 1.412   1.083   -14.107 1.00 80.98 ? 27  TYR A OH  1 
ATOM   158  N  N   . ASN A 1 28  ? -5.539  4.281   -13.259 1.00 53.82 ? 28  ASN A N   1 
ATOM   159  C  CA  . ASN A 1 28  ? -6.494  3.500   -12.463 1.00 52.53 ? 28  ASN A CA  1 
ATOM   160  C  C   . ASN A 1 28  ? -7.687  2.893   -13.218 1.00 53.84 ? 28  ASN A C   1 
ATOM   161  O  O   . ASN A 1 28  ? -8.491  2.219   -12.592 1.00 58.65 ? 28  ASN A O   1 
ATOM   162  C  CB  . ASN A 1 28  ? -7.040  4.333   -11.310 1.00 51.87 ? 28  ASN A CB  1 
ATOM   163  C  CG  . ASN A 1 28  ? -5.947  4.883   -10.416 1.00 56.24 ? 28  ASN A CG  1 
ATOM   164  O  OD1 . ASN A 1 28  ? -5.143  4.120   -9.833  1.00 61.49 ? 28  ASN A OD1 1 
ATOM   165  N  ND2 . ASN A 1 28  ? -5.906  6.216   -10.290 1.00 55.62 ? 28  ASN A ND2 1 
ATOM   166  N  N   . ASN A 1 29  ? -7.822  3.133   -14.528 1.00 54.69 ? 29  ASN A N   1 
ATOM   167  C  CA  . ASN A 1 29  ? -8.837  2.460   -15.379 1.00 53.08 ? 29  ASN A CA  1 
ATOM   168  C  C   . ASN A 1 29  ? -8.208  1.795   -16.608 1.00 44.79 ? 29  ASN A C   1 
ATOM   169  O  O   . ASN A 1 29  ? -8.845  1.626   -17.674 1.00 40.13 ? 29  ASN A O   1 
ATOM   170  C  CB  . ASN A 1 29  ? -9.923  3.451   -15.804 1.00 55.99 ? 29  ASN A CB  1 
ATOM   171  C  CG  . ASN A 1 29  ? -10.539 4.139   -14.624 1.00 61.03 ? 29  ASN A CG  1 
ATOM   172  O  OD1 . ASN A 1 29  ? -10.820 3.488   -13.627 1.00 61.02 ? 29  ASN A OD1 1 
ATOM   173  N  ND2 . ASN A 1 29  ? -10.722 5.463   -14.704 1.00 66.16 ? 29  ASN A ND2 1 
ATOM   174  N  N   . SER A 1 30  ? -6.964  1.379   -16.430 1.00 39.82 ? 30  SER A N   1 
ATOM   175  C  CA  . SER A 1 30  ? -6.221  0.803   -17.514 1.00 42.47 ? 30  SER A CA  1 
ATOM   176  C  C   . SER A 1 30  ? -6.894  -0.480  -17.998 1.00 37.94 ? 30  SER A C   1 
ATOM   177  O  O   . SER A 1 30  ? -7.464  -1.221  -17.204 1.00 41.37 ? 30  SER A O   1 
ATOM   178  C  CB  . SER A 1 30  ? -4.799  0.518   -17.059 1.00 45.74 ? 30  SER A CB  1 
ATOM   179  O  OG  . SER A 1 30  ? -4.154  -0.313  -18.015 1.00 48.16 ? 30  SER A OG  1 
ATOM   180  N  N   . LEU A 1 31  ? -6.853  -0.712  -19.298 1.00 35.33 ? 31  LEU A N   1 
ATOM   181  C  CA  . LEU A 1 31  ? -7.178  -2.035  -19.883 1.00 37.12 ? 31  LEU A CA  1 
ATOM   182  C  C   . LEU A 1 31  ? -6.303  -3.142  -19.325 1.00 36.04 ? 31  LEU A C   1 
ATOM   183  O  O   . LEU A 1 31  ? -6.730  -4.282  -19.199 1.00 34.83 ? 31  LEU A O   1 
ATOM   184  C  CB  . LEU A 1 31  ? -6.943  -2.036  -21.402 1.00 38.24 ? 31  LEU A CB  1 
ATOM   185  C  CG  . LEU A 1 31  ? -8.154  -2.044  -22.282 1.00 39.47 ? 31  LEU A CG  1 
ATOM   186  C  CD1 . LEU A 1 31  ? -9.175  -1.015  -21.847 1.00 45.86 ? 31  LEU A CD1 1 
ATOM   187  C  CD2 . LEU A 1 31  ? -7.697  -1.793  -23.695 1.00 44.06 ? 31  LEU A CD2 1 
ATOM   188  N  N   . ASN A 1 32  ? -5.065  -2.771  -19.043 1.00 35.02 ? 32  ASN A N   1 
ATOM   189  C  CA  . ASN A 1 32  ? -4.013  -3.660  -18.582 1.00 35.60 ? 32  ASN A CA  1 
ATOM   190  C  C   . ASN A 1 32  ? -4.088  -3.973  -17.059 1.00 34.00 ? 32  ASN A C   1 
ATOM   191  O  O   . ASN A 1 32  ? -3.470  -4.901  -16.566 1.00 34.36 ? 32  ASN A O   1 
ATOM   192  C  CB  . ASN A 1 32  ? -2.716  -3.055  -19.084 1.00 33.81 ? 32  ASN A CB  1 
ATOM   193  C  CG  . ASN A 1 32  ? -2.769  -2.823  -20.609 1.00 37.53 ? 32  ASN A CG  1 
ATOM   194  O  OD1 . ASN A 1 32  ? -2.525  -1.726  -21.112 1.00 39.70 ? 32  ASN A OD1 1 
ATOM   195  N  ND2 . ASN A 1 32  ? -3.173  -3.854  -21.336 1.00 39.86 ? 32  ASN A ND2 1 
ATOM   196  N  N   . GLY A 1 33  ? -4.959  -3.267  -16.353 1.00 31.45 ? 33  GLY A N   1 
ATOM   197  C  CA  . GLY A 1 33  ? -5.372  -3.704  -15.030 1.00 30.80 ? 33  GLY A CA  1 
ATOM   198  C  C   . GLY A 1 33  ? -4.293  -3.598  -14.006 1.00 27.27 ? 33  GLY A C   1 
ATOM   199  O  O   . GLY A 1 33  ? -4.207  -4.443  -13.144 1.00 29.27 ? 33  GLY A O   1 
ATOM   200  N  N   . GLU A 1 34  ? -3.489  -2.539  -14.095 1.00 27.43 ? 34  GLU A N   1 
ATOM   201  C  CA  . GLU A 1 34  ? -2.346  -2.317  -13.215 1.00 27.13 ? 34  GLU A CA  1 
ATOM   202  C  C   . GLU A 1 34  ? -2.804  -2.166  -11.789 1.00 23.46 ? 34  GLU A C   1 
ATOM   203  O  O   . GLU A 1 34  ? -3.719  -1.436  -11.514 1.00 22.38 ? 34  GLU A O   1 
ATOM   204  C  CB  . GLU A 1 34  ? -1.581  -1.046  -13.608 1.00 30.93 ? 34  GLU A CB  1 
ATOM   205  C  CG  . GLU A 1 34  ? -0.696  -1.249  -14.814 1.00 36.30 ? 34  GLU A CG  1 
ATOM   206  C  CD  . GLU A 1 34  ? -1.339  -0.852  -16.138 1.00 40.15 ? 34  GLU A CD  1 
ATOM   207  O  OE1 . GLU A 1 34  ? -0.624  -0.268  -16.988 1.00 49.35 ? 34  GLU A OE1 1 
ATOM   208  O  OE2 . GLU A 1 34  ? -2.542  -1.120  -16.327 1.00 42.59 ? 34  GLU A OE2 1 
ATOM   209  N  N   . VAL A 1 35  ? -2.187  -2.879  -10.879 1.00 21.79 ? 35  VAL A N   1 
ATOM   210  C  CA  . VAL A 1 35  ? -2.555  -2.735  -9.454  1.00 23.49 ? 35  VAL A CA  1 
ATOM   211  C  C   . VAL A 1 35  ? -1.263  -2.914  -8.649  1.00 21.78 ? 35  VAL A C   1 
ATOM   212  O  O   . VAL A 1 35  ? -0.396  -3.737  -8.987  1.00 23.85 ? 35  VAL A O   1 
ATOM   213  C  CB  . VAL A 1 35  ? -3.797  -3.588  -9.028  1.00 25.26 ? 35  VAL A CB  1 
ATOM   214  C  CG1 . VAL A 1 35  ? -3.643  -5.044  -9.376  1.00 27.70 ? 35  VAL A CG1 1 
ATOM   215  C  CG2 . VAL A 1 35  ? -4.049  -3.477  -7.518  1.00 30.73 ? 35  VAL A CG2 1 
ATOM   216  N  N   . SER A 1 36  ? -1.105  -2.080  -7.637  1.00 20.43 ? 36  SER A N   1 
ATOM   217  C  CA  . SER A 1 36  ? 0.077   -2.060  -6.776  1.00 20.67 ? 36  SER A CA  1 
ATOM   218  C  C   . SER A 1 36  ? -0.275  -2.285  -5.319  1.00 18.85 ? 36  SER A C   1 
ATOM   219  O  O   . SER A 1 36  ? -1.303  -1.867  -4.884  1.00 16.65 ? 36  SER A O   1 
ATOM   220  C  CB  . SER A 1 36  ? 0.744   -0.686  -6.862  1.00 21.63 ? 36  SER A CB  1 
ATOM   221  O  OG  . SER A 1 36  ? 1.232   -0.388  -8.154  1.00 22.29 ? 36  SER A OG  1 
ATOM   222  N  N   . VAL A 1 37  ? 0.630   -2.874  -4.561  1.00 18.84 ? 37  VAL A N   1 
ATOM   223  C  CA  . VAL A 1 37  ? 0.485   -2.964  -3.112  1.00 19.03 ? 37  VAL A CA  1 
ATOM   224  C  C   . VAL A 1 37  ? 1.824   -2.660  -2.524  1.00 19.28 ? 37  VAL A C   1 
ATOM   225  O  O   . VAL A 1 37  ? 2.841   -2.936  -3.148  1.00 19.51 ? 37  VAL A O   1 
ATOM   226  C  CB  . VAL A 1 37  ? 0.018   -4.334  -2.641  1.00 20.28 ? 37  VAL A CB  1 
ATOM   227  C  CG1 . VAL A 1 37  ? 1.013   -5.436  -2.994  1.00 21.18 ? 37  VAL A CG1 1 
ATOM   228  C  CG2 . VAL A 1 37  ? -0.216  -4.353  -1.117  1.00 20.44 ? 37  VAL A CG2 1 
ATOM   229  N  N   . TRP A 1 38  ? 1.798   -1.992  -1.372  1.00 18.78 ? 38  TRP A N   1 
ATOM   230  C  CA  . TRP A 1 38  ? 2.940   -1.691  -0.594  1.00 19.60 ? 38  TRP A CA  1 
ATOM   231  C  C   . TRP A 1 38  ? 2.679   -2.250  0.804   1.00 21.32 ? 38  TRP A C   1 
ATOM   232  O  O   . TRP A 1 38  ? 1.593   -2.062  1.343   1.00 23.12 ? 38  TRP A O   1 
ATOM   233  C  CB  . TRP A 1 38  ? 3.109   -0.194  -0.483  1.00 19.82 ? 38  TRP A CB  1 
ATOM   234  C  CG  . TRP A 1 38  ? 3.570   0.537   -1.704  1.00 19.56 ? 38  TRP A CG  1 
ATOM   235  C  CD1 . TRP A 1 38  ? 4.879   0.849   -2.060  1.00 20.94 ? 38  TRP A CD1 1 
ATOM   236  C  CD2 . TRP A 1 38  ? 2.740   1.090   -2.714  1.00 20.17 ? 38  TRP A CD2 1 
ATOM   237  N  NE1 . TRP A 1 38  ? 4.887   1.569   -3.230  1.00 20.50 ? 38  TRP A NE1 1 
ATOM   238  C  CE2 . TRP A 1 38  ? 3.586   1.713   -3.663  1.00 20.86 ? 38  TRP A CE2 1 
ATOM   239  C  CE3 . TRP A 1 38  ? 1.339   1.130   -2.916  1.00 19.53 ? 38  TRP A CE3 1 
ATOM   240  C  CZ2 . TRP A 1 38  ? 3.069   2.382   -4.780  1.00 20.63 ? 38  TRP A CZ2 1 
ATOM   241  C  CZ3 . TRP A 1 38  ? 0.849   1.774   -4.009  1.00 18.71 ? 38  TRP A CZ3 1 
ATOM   242  C  CH2 . TRP A 1 38  ? 1.705   2.383   -4.939  1.00 20.02 ? 38  TRP A CH2 1 
ATOM   243  N  N   . VAL A 1 39  ? 3.645   -2.945  1.376   1.00 21.45 ? 39  VAL A N   1 
ATOM   244  C  CA  . VAL A 1 39  ? 3.565   -3.343  2.752   1.00 21.78 ? 39  VAL A CA  1 
ATOM   245  C  C   . VAL A 1 39  ? 4.683   -2.665  3.481   1.00 21.98 ? 39  VAL A C   1 
ATOM   246  O  O   . VAL A 1 39  ? 5.859   -2.870  3.154   1.00 24.61 ? 39  VAL A O   1 
ATOM   247  C  CB  . VAL A 1 39  ? 3.696   -4.847  2.944   1.00 22.61 ? 39  VAL A CB  1 
ATOM   248  C  CG1 . VAL A 1 39  ? 3.626   -5.177  4.452   1.00 24.20 ? 39  VAL A CG1 1 
ATOM   249  C  CG2 . VAL A 1 39  ? 2.600   -5.564  2.217   1.00 21.41 ? 39  VAL A CG2 1 
ATOM   250  N  N   . TYR A 1 40  ? 4.321   -1.872  4.469   1.00 21.56 ? 40  TYR A N   1 
ATOM   251  C  CA  . TYR A 1 40  ? 5.289   -1.183  5.293   1.00 22.68 ? 40  TYR A CA  1 
ATOM   252  C  C   . TYR A 1 40  ? 5.343   -1.888  6.630   1.00 22.59 ? 40  TYR A C   1 
ATOM   253  O  O   . TYR A 1 40  ? 4.295   -2.189  7.181   1.00 24.69 ? 40  TYR A O   1 
ATOM   254  C  CB  . TYR A 1 40  ? 4.900   0.289   5.482   1.00 21.32 ? 40  TYR A CB  1 
ATOM   255  C  CG  . TYR A 1 40  ? 4.837   1.066   4.190   1.00 21.66 ? 40  TYR A CG  1 
ATOM   256  C  CD1 . TYR A 1 40  ? 3.683   1.083   3.413   1.00 20.73 ? 40  TYR A CD1 1 
ATOM   257  C  CD2 . TYR A 1 40  ? 5.939   1.720   3.717   1.00 21.29 ? 40  TYR A CD2 1 
ATOM   258  C  CE1 . TYR A 1 40  ? 3.648   1.801   2.231   1.00 22.13 ? 40  TYR A CE1 1 
ATOM   259  C  CE2 . TYR A 1 40  ? 5.917   2.411   2.537   1.00 21.62 ? 40  TYR A CE2 1 
ATOM   260  C  CZ  . TYR A 1 40  ? 4.784   2.455   1.799   1.00 21.40 ? 40  TYR A CZ  1 
ATOM   261  O  OH  . TYR A 1 40  ? 4.795   3.143   0.634   1.00 18.56 ? 40  TYR A OH  1 
ATOM   262  N  N   . ALA A 1 41  ? 6.558   -2.149  7.120   1.00 23.63 ? 41  ALA A N   1 
ATOM   263  C  CA  . ALA A 1 41  ? 6.803   -2.712  8.458   1.00 24.79 ? 41  ALA A CA  1 
ATOM   264  C  C   . ALA A 1 41  ? 7.585   -1.719  9.289   1.00 24.13 ? 41  ALA A C   1 
ATOM   265  O  O   . ALA A 1 41  ? 8.697   -1.338  8.941   1.00 25.33 ? 41  ALA A O   1 
ATOM   266  C  CB  . ALA A 1 41  ? 7.530   -4.047  8.366   1.00 26.43 ? 41  ALA A CB  1 
ATOM   267  N  N   . TYR A 1 42  ? 6.952   -1.256  10.359  1.00 24.55 ? 42  TYR A N   1 
ATOM   268  C  CA  . TYR A 1 42  ? 7.509   -0.255  11.262  1.00 26.51 ? 42  TYR A CA  1 
ATOM   269  C  C   . TYR A 1 42  ? 8.237   -0.929  12.407  1.00 29.06 ? 42  TYR A C   1 
ATOM   270  O  O   . TYR A 1 42  ? 7.607   -1.596  13.222  1.00 35.08 ? 42  TYR A O   1 
ATOM   271  C  CB  . TYR A 1 42  ? 6.375   0.648   11.804  1.00 25.47 ? 42  TYR A CB  1 
ATOM   272  C  CG  . TYR A 1 42  ? 5.699   1.327   10.662  1.00 22.40 ? 42  TYR A CG  1 
ATOM   273  C  CD1 . TYR A 1 42  ? 6.234   2.495   10.108  1.00 20.46 ? 42  TYR A CD1 1 
ATOM   274  C  CD2 . TYR A 1 42  ? 4.584   0.741   10.071  1.00 21.79 ? 42  TYR A CD2 1 
ATOM   275  C  CE1 . TYR A 1 42  ? 5.644   3.105   8.999   1.00 20.76 ? 42  TYR A CE1 1 
ATOM   276  C  CE2 . TYR A 1 42  ? 3.984   1.330   8.968   1.00 22.85 ? 42  TYR A CE2 1 
ATOM   277  C  CZ  . TYR A 1 42  ? 4.502   2.508   8.435   1.00 20.90 ? 42  TYR A CZ  1 
ATOM   278  O  OH  . TYR A 1 42  ? 3.832   3.019   7.358   1.00 21.23 ? 42  TYR A OH  1 
ATOM   279  N  N   . TYR A 1 43  ? 9.552   -0.758  12.474  1.00 32.64 ? 43  TYR A N   1 
ATOM   280  C  CA  . TYR A 1 43  ? 10.390  -1.474  13.452  1.00 34.23 ? 43  TYR A CA  1 
ATOM   281  C  C   . TYR A 1 43  ? 10.632  -0.712  14.732  1.00 36.83 ? 43  TYR A C   1 
ATOM   282  O  O   . TYR A 1 43  ? 10.589  0.503   14.742  1.00 43.01 ? 43  TYR A O   1 
ATOM   283  C  CB  . TYR A 1 43  ? 11.718  -1.823  12.822  1.00 34.45 ? 43  TYR A CB  1 
ATOM   284  C  CG  . TYR A 1 43  ? 11.635  -3.116  12.112  1.00 36.29 ? 43  TYR A CG  1 
ATOM   285  C  CD1 . TYR A 1 43  ? 10.900  -3.232  10.922  1.00 39.87 ? 43  TYR A CD1 1 
ATOM   286  C  CD2 . TYR A 1 43  ? 12.218  -4.264  12.653  1.00 36.78 ? 43  TYR A CD2 1 
ATOM   287  C  CE1 . TYR A 1 43  ? 10.787  -4.455  10.271  1.00 38.56 ? 43  TYR A CE1 1 
ATOM   288  C  CE2 . TYR A 1 43  ? 12.117  -5.478  12.015  1.00 39.04 ? 43  TYR A CE2 1 
ATOM   289  C  CZ  . TYR A 1 43  ? 11.402  -5.569  10.816  1.00 38.78 ? 43  TYR A CZ  1 
ATOM   290  O  OH  . TYR A 1 43  ? 11.294  -6.776  10.186  1.00 42.86 ? 43  TYR A OH  1 
ATOM   291  N  N   . SER A 1 44  ? 10.963  -1.431  15.807  1.00 40.90 ? 44  SER A N   1 
ATOM   292  C  CA  . SER A 1 44  ? 11.145  -0.800  17.137  1.00 41.11 ? 44  SER A CA  1 
ATOM   293  C  C   . SER A 1 44  ? 12.286  0.241   17.225  1.00 41.28 ? 44  SER A C   1 
ATOM   294  O  O   . SER A 1 44  ? 12.278  1.081   18.135  1.00 41.89 ? 44  SER A O   1 
ATOM   295  C  CB  . SER A 1 44  ? 11.313  -1.858  18.228  1.00 40.62 ? 44  SER A CB  1 
ATOM   296  O  OG  . SER A 1 44  ? 12.378  -2.719  17.911  1.00 41.35 ? 44  SER A OG  1 
ATOM   297  N  N   . ASP A 1 45  ? 13.232  0.218   16.292  1.00 39.11 ? 45  ASP A N   1 
ATOM   298  C  CA  . ASP A 1 45  ? 14.265  1.270   16.230  1.00 42.85 ? 45  ASP A CA  1 
ATOM   299  C  C   . ASP A 1 45  ? 13.841  2.488   15.396  1.00 45.93 ? 45  ASP A C   1 
ATOM   300  O  O   . ASP A 1 45  ? 14.687  3.303   15.063  1.00 48.85 ? 45  ASP A O   1 
ATOM   301  C  CB  . ASP A 1 45  ? 15.565  0.709   15.648  1.00 41.44 ? 45  ASP A CB  1 
ATOM   302  C  CG  . ASP A 1 45  ? 15.445  0.393   14.188  1.00 43.44 ? 45  ASP A CG  1 
ATOM   303  O  OD1 . ASP A 1 45  ? 14.307  0.244   13.690  1.00 47.04 ? 45  ASP A OD1 1 
ATOM   304  O  OD2 . ASP A 1 45  ? 16.480  0.288   13.530  1.00 46.15 ? 45  ASP A OD2 1 
ATOM   305  N  N   . GLY A 1 46  ? 12.563  2.580   15.011  1.00 44.94 ? 46  GLY A N   1 
ATOM   306  C  CA  . GLY A 1 46  ? 12.084  3.673   14.177  1.00 41.18 ? 46  GLY A CA  1 
ATOM   307  C  C   . GLY A 1 46  ? 12.295  3.482   12.677  1.00 39.76 ? 46  GLY A C   1 
ATOM   308  O  O   . GLY A 1 46  ? 11.868  4.342   11.893  1.00 40.69 ? 46  GLY A O   1 
ATOM   309  N  N   . SER A 1 47  ? 12.924  2.378   12.260  1.00 36.28 ? 47  SER A N   1 
ATOM   310  C  CA  . SER A 1 47  ? 13.185  2.162   10.844  1.00 37.26 ? 47  SER A CA  1 
ATOM   311  C  C   . SER A 1 47  ? 11.911  1.637   10.223  1.00 36.07 ? 47  SER A C   1 
ATOM   312  O  O   . SER A 1 47  ? 11.000  1.125   10.920  1.00 31.78 ? 47  SER A O   1 
ATOM   313  C  CB  . SER A 1 47  ? 14.357  1.185   10.564  1.00 33.78 ? 47  SER A CB  1 
ATOM   314  O  OG  . SER A 1 47  ? 14.086  -0.128  11.029  1.00 33.46 ? 47  SER A OG  1 
ATOM   315  N  N   . VAL A 1 48  ? 11.868  1.777   8.905   1.00 33.64 ? 48  VAL A N   1 
ATOM   316  C  CA  . VAL A 1 48  ? 10.734  1.337   8.103   1.00 31.57 ? 48  VAL A CA  1 
ATOM   317  C  C   . VAL A 1 48  ? 11.214  0.470   6.972   1.00 30.18 ? 48  VAL A C   1 
ATOM   318  O  O   . VAL A 1 48  ? 12.027  0.904   6.168   1.00 30.12 ? 48  VAL A O   1 
ATOM   319  C  CB  . VAL A 1 48  ? 9.946   2.505   7.518   1.00 29.92 ? 48  VAL A CB  1 
ATOM   320  C  CG1 . VAL A 1 48  ? 8.701   1.956   6.836   1.00 30.34 ? 48  VAL A CG1 1 
ATOM   321  C  CG2 . VAL A 1 48  ? 9.568   3.489   8.636   1.00 31.19 ? 48  VAL A CG2 1 
ATOM   322  N  N   . LEU A 1 49  ? 10.702  -0.753  6.909   1.00 30.88 ? 49  LEU A N   1 
ATOM   323  C  CA  . LEU A 1 49  ? 10.949  -1.621  5.767   1.00 34.17 ? 49  LEU A CA  1 
ATOM   324  C  C   . LEU A 1 49  ? 9.749   -1.543  4.800   1.00 33.15 ? 49  LEU A C   1 
ATOM   325  O  O   . LEU A 1 49  ? 8.603   -1.583  5.255   1.00 31.76 ? 49  LEU A O   1 
ATOM   326  C  CB  . LEU A 1 49  ? 11.196  -3.027  6.278   1.00 38.20 ? 49  LEU A CB  1 
ATOM   327  C  CG  . LEU A 1 49  ? 12.128  -3.892  5.433   1.00 46.84 ? 49  LEU A CG  1 
ATOM   328  C  CD1 . LEU A 1 49  ? 12.862  -4.875  6.327   1.00 49.44 ? 49  LEU A CD1 1 
ATOM   329  C  CD2 . LEU A 1 49  ? 11.357  -4.630  4.341   1.00 46.40 ? 49  LEU A CD2 1 
ATOM   330  N  N   . VAL A 1 50  ? 10.003  -1.394  3.493   1.00 30.12 ? 50  VAL A N   1 
ATOM   331  C  CA  . VAL A 1 50  ? 8.922   -1.335  2.495   1.00 31.06 ? 50  VAL A CA  1 
ATOM   332  C  C   . VAL A 1 50  ? 9.121   -2.446  1.479   1.00 29.41 ? 50  VAL A C   1 
ATOM   333  O  O   . VAL A 1 50  ? 10.220  -2.637  0.980   1.00 26.79 ? 50  VAL A O   1 
ATOM   334  C  CB  . VAL A 1 50  ? 8.767   0.043   1.774   1.00 30.44 ? 50  VAL A CB  1 
ATOM   335  C  CG1 . VAL A 1 50  ? 10.002  0.460   1.005   1.00 33.27 ? 50  VAL A CG1 1 
ATOM   336  C  CG2 . VAL A 1 50  ? 7.610   0.021   0.795   1.00 31.94 ? 50  VAL A CG2 1 
ATOM   337  N  N   . ILE A 1 51  ? 8.035   -3.145  1.175   1.00 25.33 ? 51  ILE A N   1 
ATOM   338  C  CA  . ILE A 1 51  ? 7.978   -4.033  0.015   1.00 26.75 ? 51  ILE A CA  1 
ATOM   339  C  C   . ILE A 1 51  ? 6.858   -3.551  -0.895  1.00 24.18 ? 51  ILE A C   1 
ATOM   340  O  O   . ILE A 1 51  ? 5.734   -3.284  -0.442  1.00 20.65 ? 51  ILE A O   1 
ATOM   341  C  CB  . ILE A 1 51  ? 7.752   -5.504  0.420   1.00 28.80 ? 51  ILE A CB  1 
ATOM   342  C  CG1 . ILE A 1 51  ? 8.880   -5.956  1.332   1.00 32.55 ? 51  ILE A CG1 1 
ATOM   343  C  CG2 . ILE A 1 51  ? 7.729   -6.403  -0.796  1.00 29.51 ? 51  ILE A CG2 1 
ATOM   344  C  CD1 . ILE A 1 51  ? 8.628   -7.303  1.926   1.00 36.45 ? 51  ILE A CD1 1 
ATOM   345  N  N   . ASN A 1 52  ? 7.187   -3.437  -2.178  1.00 24.16 ? 52  ASN A N   1 
ATOM   346  C  CA  . ASN A 1 52  ? 6.257   -2.966  -3.211  1.00 24.35 ? 52  ASN A CA  1 
ATOM   347  C  C   . ASN A 1 52  ? 6.192   -4.044  -4.259  1.00 24.11 ? 52  ASN A C   1 
ATOM   348  O  O   . ASN A 1 52  ? 7.241   -4.536  -4.691  1.00 24.42 ? 52  ASN A O   1 
ATOM   349  C  CB  . ASN A 1 52  ? 6.762   -1.659  -3.817  1.00 23.03 ? 52  ASN A CB  1 
ATOM   350  C  CG  . ASN A 1 52  ? 5.966   -1.173  -5.008  1.00 24.81 ? 52  ASN A CG  1 
ATOM   351  O  OD1 . ASN A 1 52  ? 6.564   -0.779  -5.985  1.00 27.90 ? 52  ASN A OD1 1 
ATOM   352  N  ND2 . ASN A 1 52  ? 4.632   -1.194  -4.950  1.00 26.65 ? 52  ASN A ND2 1 
ATOM   353  N  N   . LYS A 1 53  ? 4.982   -4.431  -4.618  1.00 24.33 ? 53  LYS A N   1 
ATOM   354  C  CA  . LYS A 1 53  ? 4.772   -5.228  -5.804  1.00 25.95 ? 53  LYS A CA  1 
ATOM   355  C  C   . LYS A 1 53  ? 3.797   -4.548  -6.724  1.00 26.38 ? 53  LYS A C   1 
ATOM   356  O  O   . LYS A 1 53  ? 2.737   -4.099  -6.288  1.00 23.53 ? 53  LYS A O   1 
ATOM   357  C  CB  . LYS A 1 53  ? 4.278   -6.603  -5.458  1.00 28.13 ? 53  LYS A CB  1 
ATOM   358  C  CG  . LYS A 1 53  ? 4.501   -7.565  -6.613  1.00 34.15 ? 53  LYS A CG  1 
ATOM   359  C  CD  . LYS A 1 53  ? 3.930   -8.953  -6.396  1.00 38.59 ? 53  LYS A CD  1 
ATOM   360  C  CE  . LYS A 1 53  ? 4.754   -9.794  -5.435  1.00 37.15 ? 53  LYS A CE  1 
ATOM   361  N  NZ  . LYS A 1 53  ? 4.213   -11.177 -5.536  1.00 39.80 ? 53  LYS A NZ  1 
ATOM   362  N  N   . ASN A 1 54  ? 4.149   -4.489  -8.008  1.00 27.68 ? 54  ASN A N   1 
ATOM   363  C  CA  . ASN A 1 54  ? 3.227   -4.034  -9.035  1.00 26.89 ? 54  ASN A CA  1 
ATOM   364  C  C   . ASN A 1 54  ? 2.943   -5.162  -10.029 1.00 28.59 ? 54  ASN A C   1 
ATOM   365  O  O   . ASN A 1 54  ? 3.849   -5.844  -10.513 1.00 30.83 ? 54  ASN A O   1 
ATOM   366  C  CB  . ASN A 1 54  ? 3.776   -2.790  -9.727  1.00 29.21 ? 54  ASN A CB  1 
ATOM   367  C  CG  . ASN A 1 54  ? 4.272   -1.746  -8.741  1.00 32.81 ? 54  ASN A CG  1 
ATOM   368  O  OD1 . ASN A 1 54  ? 3.495   -1.133  -8.011  1.00 33.33 ? 54  ASN A OD1 1 
ATOM   369  N  ND2 . ASN A 1 54  ? 5.574   -1.615  -8.650  1.00 35.21 ? 54  ASN A ND2 1 
ATOM   370  N  N   . SER A 1 55  ? 1.674   -5.357  -10.332 1.00 30.16 ? 55  SER A N   1 
ATOM   371  C  CA  . SER A 1 55  ? 1.256   -6.420  -11.223 1.00 31.12 ? 55  SER A CA  1 
ATOM   372  C  C   . SER A 1 55  ? 0.055   -6.019  -12.051 1.00 28.93 ? 55  SER A C   1 
ATOM   373  O  O   . SER A 1 55  ? -0.357  -4.871  -12.036 1.00 27.91 ? 55  SER A O   1 
ATOM   374  C  CB  . SER A 1 55  ? 0.956   -7.672  -10.429 1.00 33.39 ? 55  SER A CB  1 
ATOM   375  O  OG  . SER A 1 55  ? 1.116   -8.766  -11.309 1.00 36.30 ? 55  SER A OG  1 
ATOM   376  N  N   . GLN A 1 56  ? -0.480  -6.953  -12.816 1.00 28.80 ? 56  GLN A N   1 
ATOM   377  C  CA  . GLN A 1 56  ? -1.702  -6.691  -13.568 1.00 29.57 ? 56  GLN A CA  1 
ATOM   378  C  C   . GLN A 1 56  ? -2.812  -7.572  -13.054 1.00 25.22 ? 56  GLN A C   1 
ATOM   379  O  O   . GLN A 1 56  ? -2.560  -8.715  -12.771 1.00 24.40 ? 56  GLN A O   1 
ATOM   380  C  CB  . GLN A 1 56  ? -1.446  -7.009  -15.020 1.00 33.64 ? 56  GLN A CB  1 
ATOM   381  C  CG  . GLN A 1 56  ? -0.313  -6.249  -15.617 1.00 41.61 ? 56  GLN A CG  1 
ATOM   382  C  CD  . GLN A 1 56  ? -0.578  -5.905  -17.077 1.00 54.80 ? 56  GLN A CD  1 
ATOM   383  O  OE1 . GLN A 1 56  ? -0.341  -4.774  -17.490 1.00 67.18 ? 56  GLN A OE1 1 
ATOM   384  N  NE2 . GLN A 1 56  ? -1.130  -6.853  -17.847 1.00 47.83 ? 56  GLN A NE2 1 
ATOM   385  N  N   . TYR A 1 57  ? -4.014  -7.024  -12.866 1.00 25.87 ? 57  TYR A N   1 
ATOM   386  C  CA  . TYR A 1 57  ? -5.221  -7.774  -12.509 1.00 29.19 ? 57  TYR A CA  1 
ATOM   387  C  C   . TYR A 1 57  ? -5.339  -8.158  -11.025 1.00 27.56 ? 57  TYR A C   1 
ATOM   388  O  O   . TYR A 1 57  ? -6.401  -8.002  -10.441 1.00 25.07 ? 57  TYR A O   1 
ATOM   389  C  CB  . TYR A 1 57  ? -5.471  -8.998  -13.461 1.00 28.88 ? 57  TYR A CB  1 
ATOM   390  C  CG  . TYR A 1 57  ? -5.395  -8.544  -14.879 1.00 31.34 ? 57  TYR A CG  1 
ATOM   391  C  CD1 . TYR A 1 57  ? -6.213  -7.528  -15.317 1.00 31.69 ? 57  TYR A CD1 1 
ATOM   392  C  CD2 . TYR A 1 57  ? -4.418  -9.011  -15.748 1.00 32.72 ? 57  TYR A CD2 1 
ATOM   393  C  CE1 . TYR A 1 57  ? -6.167  -7.061  -16.609 1.00 32.27 ? 57  TYR A CE1 1 
ATOM   394  C  CE2 . TYR A 1 57  ? -4.359  -8.530  -17.056 1.00 33.35 ? 57  TYR A CE2 1 
ATOM   395  C  CZ  . TYR A 1 57  ? -5.248  -7.544  -17.459 1.00 34.15 ? 57  TYR A CZ  1 
ATOM   396  O  OH  . TYR A 1 57  ? -5.219  -6.977  -18.711 1.00 38.28 ? 57  TYR A OH  1 
ATOM   397  N  N   . LYS A 1 58  ? -4.278  -8.679  -10.453 1.00 28.33 ? 58  LYS A N   1 
ATOM   398  C  CA  . LYS A 1 58  ? -4.235  -8.985  -9.038  1.00 32.75 ? 58  LYS A CA  1 
ATOM   399  C  C   . LYS A 1 58  ? -2.811  -8.836  -8.624  1.00 28.17 ? 58  LYS A C   1 
ATOM   400  O  O   . LYS A 1 58  ? -1.927  -8.959  -9.454  1.00 27.08 ? 58  LYS A O   1 
ATOM   401  C  CB  . LYS A 1 58  ? -4.724  -10.420 -8.725  1.00 39.15 ? 58  LYS A CB  1 
ATOM   402  C  CG  . LYS A 1 58  ? -3.694  -11.526 -8.869  1.00 46.97 ? 58  LYS A CG  1 
ATOM   403  C  CD  . LYS A 1 58  ? -4.281  -12.901 -8.529  1.00 57.34 ? 58  LYS A CD  1 
ATOM   404  C  CE  . LYS A 1 58  ? -3.474  -14.039 -9.186  1.00 62.78 ? 58  LYS A CE  1 
ATOM   405  N  NZ  . LYS A 1 58  ? -2.022  -14.103 -8.815  1.00 63.94 ? 58  LYS A NZ  1 
ATOM   406  N  N   . VAL A 1 59  ? -2.615  -8.568  -7.345  1.00 26.65 ? 59  VAL A N   1 
ATOM   407  C  CA  . VAL A 1 59  ? -1.293  -8.495  -6.752  1.00 29.54 ? 59  VAL A CA  1 
ATOM   408  C  C   . VAL A 1 59  ? -1.389  -8.986  -5.322  1.00 31.09 ? 59  VAL A C   1 
ATOM   409  O  O   . VAL A 1 59  ? -2.373  -8.758  -4.646  1.00 28.43 ? 59  VAL A O   1 
ATOM   410  C  CB  . VAL A 1 59  ? -0.691  -7.051  -6.804  1.00 28.82 ? 59  VAL A CB  1 
ATOM   411  C  CG1 . VAL A 1 59  ? -1.501  -6.050  -5.980  1.00 29.09 ? 59  VAL A CG1 1 
ATOM   412  C  CG2 . VAL A 1 59  ? 0.769   -7.065  -6.384  1.00 28.25 ? 59  VAL A CG2 1 
ATOM   413  N  N   . GLY A 1 60  ? -0.364  -9.677  -4.880  1.00 29.42 ? 60  GLY A N   1 
ATOM   414  C  CA  . GLY A 1 60  ? -0.248  -9.993  -3.498  1.00 30.16 ? 60  GLY A CA  1 
ATOM   415  C  C   . GLY A 1 60  ? 1.186   -10.080 -3.102  1.00 31.43 ? 60  GLY A C   1 
ATOM   416  O  O   . GLY A 1 60  ? 2.070   -10.240 -3.940  1.00 35.51 ? 60  GLY A O   1 
ATOM   417  N  N   . ILE A 1 61  ? 1.427   -9.940  -1.823  1.00 31.34 ? 61  ILE A N   1 
ATOM   418  C  CA  . ILE A 1 61  ? 2.750   -10.114 -1.279  1.00 36.37 ? 61  ILE A CA  1 
ATOM   419  C  C   . ILE A 1 61  ? 2.641   -11.138 -0.153  1.00 35.97 ? 61  ILE A C   1 
ATOM   420  O  O   . ILE A 1 61  ? 1.659   -11.150 0.578   1.00 32.86 ? 61  ILE A O   1 
ATOM   421  C  CB  . ILE A 1 61  ? 3.293   -8.748  -0.822  1.00 41.18 ? 61  ILE A CB  1 
ATOM   422  C  CG1 . ILE A 1 61  ? 3.865   -8.000  -2.026  1.00 40.48 ? 61  ILE A CG1 1 
ATOM   423  C  CG2 . ILE A 1 61  ? 4.376   -8.887  0.245   1.00 45.60 ? 61  ILE A CG2 1 
ATOM   424  C  CD1 . ILE A 1 61  ? 4.231   -6.566  -1.719  1.00 43.56 ? 61  ILE A CD1 1 
ATOM   425  N  N   . SER A 1 62  ? 3.650   -11.996 -0.031  1.00 37.23 ? 62  SER A N   1 
ATOM   426  C  CA  . SER A 1 62  ? 3.770   -12.936 1.088   1.00 37.51 ? 62  SER A CA  1 
ATOM   427  C  C   . SER A 1 62  ? 5.187   -12.914 1.671   1.00 37.16 ? 62  SER A C   1 
ATOM   428  O  O   . SER A 1 62  ? 6.115   -13.351 1.033   1.00 39.03 ? 62  SER A O   1 
ATOM   429  C  CB  . SER A 1 62  ? 3.390   -14.339 0.632   1.00 35.80 ? 62  SER A CB  1 
ATOM   430  O  OG  . SER A 1 62  ? 3.319   -15.174 1.759   1.00 38.82 ? 62  SER A OG  1 
ATOM   431  N  N   . GLU A 1 63  ? 5.355   -12.393 2.874   1.00 35.29 ? 63  GLU A N   1 
ATOM   432  C  CA  . GLU A 1 63  ? 6.676   -12.124 3.408   1.00 37.98 ? 63  GLU A CA  1 
ATOM   433  C  C   . GLU A 1 63  ? 6.706   -12.328 4.905   1.00 35.36 ? 63  GLU A C   1 
ATOM   434  O  O   . GLU A 1 63  ? 5.679   -12.239 5.569   1.00 32.59 ? 63  GLU A O   1 
ATOM   435  C  CB  . GLU A 1 63  ? 7.039   -10.661 3.153   1.00 45.49 ? 63  GLU A CB  1 
ATOM   436  C  CG  . GLU A 1 63  ? 7.128   -10.305 1.681   1.00 51.37 ? 63  GLU A CG  1 
ATOM   437  C  CD  . GLU A 1 63  ? 8.393   -10.787 1.015   1.00 56.01 ? 63  GLU A CD  1 
ATOM   438  O  OE1 . GLU A 1 63  ? 8.437   -10.712 -0.239  1.00 61.77 ? 63  GLU A OE1 1 
ATOM   439  O  OE2 . GLU A 1 63  ? 9.331   -11.221 1.740   1.00 60.63 ? 63  GLU A OE2 1 
ATOM   440  N  N   . THR A 1 64  ? 7.896   -12.573 5.438   1.00 36.91 ? 64  THR A N   1 
ATOM   441  C  CA  . THR A 1 64  ? 8.044   -12.608 6.872   1.00 39.96 ? 64  THR A CA  1 
ATOM   442  C  C   . THR A 1 64  ? 8.951   -11.473 7.294   1.00 37.58 ? 64  THR A C   1 
ATOM   443  O  O   . THR A 1 64  ? 9.905   -11.135 6.608   1.00 39.92 ? 64  THR A O   1 
ATOM   444  C  CB  . THR A 1 64  ? 8.425   -14.011 7.442   1.00 45.93 ? 64  THR A CB  1 
ATOM   445  O  OG1 . THR A 1 64  ? 9.790   -14.044 7.885   1.00 56.85 ? 64  THR A OG1 1 
ATOM   446  C  CG2 . THR A 1 64  ? 8.124   -15.158 6.441   1.00 44.84 ? 64  THR A CG2 1 
ATOM   447  N  N   . PHE A 1 65  ? 8.594   -10.832 8.393   1.00 36.42 ? 65  PHE A N   1 
ATOM   448  C  CA  . PHE A 1 65  ? 9.392   -9.739  8.923   1.00 40.60 ? 65  PHE A CA  1 
ATOM   449  C  C   . PHE A 1 65  ? 9.955   -10.193 10.287  1.00 40.75 ? 65  PHE A C   1 
ATOM   450  O  O   . PHE A 1 65  ? 9.214   -10.283 11.248  1.00 43.01 ? 65  PHE A O   1 
ATOM   451  C  CB  . PHE A 1 65  ? 8.555   -8.460  9.070   1.00 37.89 ? 65  PHE A CB  1 
ATOM   452  C  CG  . PHE A 1 65  ? 7.884   -8.013  7.814   1.00 40.34 ? 65  PHE A CG  1 
ATOM   453  C  CD1 . PHE A 1 65  ? 8.546   -7.209  6.917   1.00 40.74 ? 65  PHE A CD1 1 
ATOM   454  C  CD2 . PHE A 1 65  ? 6.571   -8.360  7.551   1.00 41.73 ? 65  PHE A CD2 1 
ATOM   455  C  CE1 . PHE A 1 65  ? 7.923   -6.784  5.753   1.00 44.58 ? 65  PHE A CE1 1 
ATOM   456  C  CE2 . PHE A 1 65  ? 5.936   -7.928  6.398   1.00 43.02 ? 65  PHE A CE2 1 
ATOM   457  C  CZ  . PHE A 1 65  ? 6.614   -7.130  5.498   1.00 42.55 ? 65  PHE A CZ  1 
ATOM   458  N  N   . LYS A 1 66  ? 11.252  -10.518 10.316  1.00 47.06 ? 66  LYS A N   1 
ATOM   459  C  CA  . LYS A 1 66  ? 12.004  -10.918 11.519  1.00 51.45 ? 66  LYS A CA  1 
ATOM   460  C  C   . LYS A 1 66  ? 12.675  -9.688  12.116  1.00 49.56 ? 66  LYS A C   1 
ATOM   461  O  O   . LYS A 1 66  ? 12.523  -8.584  11.589  1.00 41.72 ? 66  LYS A O   1 
ATOM   462  C  CB  . LYS A 1 66  ? 13.088  -11.947 11.152  1.00 57.37 ? 66  LYS A CB  1 
ATOM   463  C  CG  . LYS A 1 66  ? 12.610  -13.138 10.307  1.00 65.74 ? 66  LYS A CG  1 
ATOM   464  C  CD  . LYS A 1 66  ? 13.731  -14.121 9.950   1.00 69.79 ? 66  LYS A CD  1 
ATOM   465  C  CE  . LYS A 1 66  ? 14.260  -14.872 11.180  1.00 72.45 ? 66  LYS A CE  1 
ATOM   466  N  NZ  . LYS A 1 66  ? 14.121  -16.345 11.012  1.00 74.20 ? 66  LYS A NZ  1 
ATOM   467  N  N   . ALA A 1 67  ? 13.441  -9.867  13.193  1.00 52.08 ? 67  ALA A N   1 
ATOM   468  C  CA  . ALA A 1 67  ? 14.335  -8.797  13.665  1.00 51.94 ? 67  ALA A CA  1 
ATOM   469  C  C   . ALA A 1 67  ? 15.638  -8.823  12.877  1.00 44.97 ? 67  ALA A C   1 
ATOM   470  O  O   . ALA A 1 67  ? 16.225  -7.762  12.624  1.00 48.48 ? 67  ALA A O   1 
ATOM   471  C  CB  . ALA A 1 67  ? 14.599  -8.917  15.165  1.00 55.65 ? 67  ALA A CB  1 
ATOM   472  N  N   . ASN A 1 103 ? 18.290  -6.806  17.314  1.00 60.97 ? 103 ASN A N   1 
ATOM   473  C  CA  . ASN A 1 103 ? 17.200  -6.760  18.288  1.00 61.12 ? 103 ASN A CA  1 
ATOM   474  C  C   . ASN A 1 103 ? 16.364  -5.488  18.101  1.00 57.76 ? 103 ASN A C   1 
ATOM   475  O  O   . ASN A 1 103 ? 16.157  -4.722  19.039  1.00 64.38 ? 103 ASN A O   1 
ATOM   476  C  CB  . ASN A 1 103 ? 17.752  -6.820  19.728  1.00 66.08 ? 103 ASN A CB  1 
ATOM   477  C  CG  . ASN A 1 103 ? 18.327  -8.186  20.110  1.00 72.95 ? 103 ASN A CG  1 
ATOM   478  O  OD1 . ASN A 1 103 ? 18.352  -8.538  21.294  1.00 77.38 ? 103 ASN A OD1 1 
ATOM   479  N  ND2 . ASN A 1 103 ? 18.801  -8.950  19.126  1.00 75.46 ? 103 ASN A ND2 1 
ATOM   480  N  N   . ALA A 1 104 ? 15.952  -5.238  16.862  1.00 54.14 ? 104 ALA A N   1 
ATOM   481  C  CA  . ALA A 1 104 ? 14.848  -4.342  16.538  1.00 47.66 ? 104 ALA A CA  1 
ATOM   482  C  C   . ALA A 1 104 ? 13.789  -5.214  15.920  1.00 44.49 ? 104 ALA A C   1 
ATOM   483  O  O   . ALA A 1 104 ? 14.070  -5.956  14.990  1.00 45.58 ? 104 ALA A O   1 
ATOM   484  C  CB  . ALA A 1 104 ? 15.272  -3.281  15.549  1.00 50.70 ? 104 ALA A CB  1 
ATOM   485  N  N   . LYS A 1 105 ? 12.573  -5.141  16.433  1.00 41.88 ? 105 LYS A N   1 
ATOM   486  C  CA  . LYS A 1 105 ? 11.529  -6.058  16.006  1.00 43.50 ? 105 LYS A CA  1 
ATOM   487  C  C   . LYS A 1 105 ? 10.453  -5.258  15.296  1.00 40.88 ? 105 LYS A C   1 
ATOM   488  O  O   . LYS A 1 105 ? 10.240  -4.094  15.624  1.00 35.16 ? 105 LYS A O   1 
ATOM   489  C  CB  . LYS A 1 105 ? 10.940  -6.836  17.186  1.00 44.99 ? 105 LYS A CB  1 
ATOM   490  C  CG  . LYS A 1 105 ? 10.659  -5.979  18.410  1.00 49.64 ? 105 LYS A CG  1 
ATOM   491  C  CD  . LYS A 1 105 ? 9.617   -6.592  19.323  1.00 54.44 ? 105 LYS A CD  1 
ATOM   492  C  CE  . LYS A 1 105 ? 9.023   -5.559  20.268  1.00 59.76 ? 105 LYS A CE  1 
ATOM   493  N  NZ  . LYS A 1 105 ? 7.545   -5.735  20.363  1.00 70.89 ? 105 LYS A NZ  1 
ATOM   494  N  N   . PRO A 1 106 ? 9.772   -5.879  14.320  1.00 42.52 ? 106 PRO A N   1 
ATOM   495  C  CA  . PRO A 1 106 ? 8.627   -5.201  13.712  1.00 40.10 ? 106 PRO A CA  1 
ATOM   496  C  C   . PRO A 1 106 ? 7.519   -4.934  14.751  1.00 39.51 ? 106 PRO A C   1 
ATOM   497  O  O   . PRO A 1 106 ? 7.173   -5.833  15.518  1.00 40.28 ? 106 PRO A O   1 
ATOM   498  C  CB  . PRO A 1 106 ? 8.163   -6.198  12.668  1.00 40.19 ? 106 PRO A CB  1 
ATOM   499  C  CG  . PRO A 1 106 ? 8.504   -7.517  13.274  1.00 44.92 ? 106 PRO A CG  1 
ATOM   500  C  CD  . PRO A 1 106 ? 9.846   -7.293  13.903  1.00 42.75 ? 106 PRO A CD  1 
ATOM   501  N  N   . ARG A 1 107 ? 6.997   -3.711  14.778  1.00 35.04 ? 107 ARG A N   1 
ATOM   502  C  CA  . ARG A 1 107 ? 5.964   -3.287  15.739  1.00 36.64 ? 107 ARG A CA  1 
ATOM   503  C  C   . ARG A 1 107 ? 4.573   -3.027  15.096  1.00 33.76 ? 107 ARG A C   1 
ATOM   504  O  O   . ARG A 1 107 ? 3.548   -3.036  15.777  1.00 33.00 ? 107 ARG A O   1 
ATOM   505  C  CB  . ARG A 1 107 ? 6.454   -2.004  16.442  1.00 41.69 ? 107 ARG A CB  1 
ATOM   506  C  CG  . ARG A 1 107 ? 7.644   -2.189  17.365  1.00 45.47 ? 107 ARG A CG  1 
ATOM   507  C  CD  . ARG A 1 107 ? 7.246   -2.858  18.703  1.00 54.41 ? 107 ARG A CD  1 
ATOM   508  N  NE  . ARG A 1 107 ? 5.946   -2.400  19.237  1.00 55.76 ? 107 ARG A NE  1 
ATOM   509  C  CZ  . ARG A 1 107 ? 4.813   -3.119  19.335  1.00 57.90 ? 107 ARG A CZ  1 
ATOM   510  N  NH1 . ARG A 1 107 ? 4.738   -4.408  19.002  1.00 55.44 ? 107 ARG A NH1 1 
ATOM   511  N  NH2 . ARG A 1 107 ? 3.720   -2.531  19.811  1.00 64.58 ? 107 ARG A NH2 1 
ATOM   512  N  N   . ALA A 1 108 ? 4.532   -2.747  13.799  1.00 30.95 ? 108 ALA A N   1 
ATOM   513  C  CA  . ALA A 1 108 ? 3.285   -2.408  13.140  1.00 28.20 ? 108 ALA A CA  1 
ATOM   514  C  C   . ALA A 1 108 ? 3.393   -2.618  11.646  1.00 26.03 ? 108 ALA A C   1 
ATOM   515  O  O   . ALA A 1 108 ? 4.480   -2.678  11.088  1.00 26.33 ? 108 ALA A O   1 
ATOM   516  C  CB  . ALA A 1 108 ? 2.882   -0.978  13.459  1.00 28.31 ? 108 ALA A CB  1 
ATOM   517  N  N   . ILE A 1 109 ? 2.241   -2.771  11.009  1.00 25.57 ? 109 ILE A N   1 
ATOM   518  C  CA  . ILE A 1 109 ? 2.161   -3.018  9.557   1.00 24.81 ? 109 ILE A CA  1 
ATOM   519  C  C   . ILE A 1 109 ? 1.204   -2.004  8.922   1.00 23.41 ? 109 ILE A C   1 
ATOM   520  O  O   . ILE A 1 109 ? 0.118   -1.718  9.479   1.00 21.57 ? 109 ILE A O   1 
ATOM   521  C  CB  . ILE A 1 109 ? 1.665   -4.453  9.252   1.00 27.22 ? 109 ILE A CB  1 
ATOM   522  C  CG1 . ILE A 1 109 ? 2.617   -5.503  9.844   1.00 28.72 ? 109 ILE A CG1 1 
ATOM   523  C  CG2 . ILE A 1 109 ? 1.518   -4.692  7.750   1.00 27.74 ? 109 ILE A CG2 1 
ATOM   524  C  CD1 . ILE A 1 109 ? 3.987   -5.533  9.212   1.00 29.80 ? 109 ILE A CD1 1 
ATOM   525  N  N   . GLN A 1 110 ? 1.616   -1.434  7.794   1.00 22.39 ? 110 GLN A N   1 
ATOM   526  C  CA  . GLN A 1 110 ? 0.666   -0.705  6.988   1.00 21.41 ? 110 GLN A CA  1 
ATOM   527  C  C   . GLN A 1 110 ? 0.642   -1.304  5.617   1.00 19.83 ? 110 GLN A C   1 
ATOM   528  O  O   . GLN A 1 110 ? 1.648   -1.451  5.000   1.00 20.20 ? 110 GLN A O   1 
ATOM   529  C  CB  . GLN A 1 110 ? 0.942   0.785   6.920   1.00 19.95 ? 110 GLN A CB  1 
ATOM   530  C  CG  . GLN A 1 110 ? -0.183  1.506   6.198   1.00 19.59 ? 110 GLN A CG  1 
ATOM   531  C  CD  . GLN A 1 110 ? -0.048  3.034   6.182   1.00 19.34 ? 110 GLN A CD  1 
ATOM   532  O  OE1 . GLN A 1 110 ? -1.007  3.738   5.879   1.00 21.46 ? 110 GLN A OE1 1 
ATOM   533  N  NE2 . GLN A 1 110 ? 1.126   3.532   6.434   1.00 19.13 ? 110 GLN A NE2 1 
ATOM   534  N  N   . ILE A 1 111 ? -0.537  -1.628  5.146   1.00 18.90 ? 111 ILE A N   1 
ATOM   535  C  CA  . ILE A 1 111 ? -0.706  -2.142  3.801   1.00 19.84 ? 111 ILE A CA  1 
ATOM   536  C  C   . ILE A 1 111 ? -1.362  -1.046  2.998   1.00 18.45 ? 111 ILE A C   1 
ATOM   537  O  O   . ILE A 1 111 ? -2.381  -0.500  3.416   1.00 18.27 ? 111 ILE A O   1 
ATOM   538  C  CB  . ILE A 1 111 ? -1.569  -3.400  3.785   1.00 20.45 ? 111 ILE A CB  1 
ATOM   539  C  CG1 . ILE A 1 111 ? -0.920  -4.492  4.630   1.00 21.49 ? 111 ILE A CG1 1 
ATOM   540  C  CG2 . ILE A 1 111 ? -1.719  -3.927  2.388   1.00 21.39 ? 111 ILE A CG2 1 
ATOM   541  C  CD1 . ILE A 1 111 ? -1.897  -5.573  5.054   1.00 23.27 ? 111 ILE A CD1 1 
ATOM   542  N  N   . ILE A 1 112 ? -0.775  -0.699  1.868   1.00 16.30 ? 112 ILE A N   1 
ATOM   543  C  CA  . ILE A 1 112 ? -1.428  0.273   1.001   1.00 17.23 ? 112 ILE A CA  1 
ATOM   544  C  C   . ILE A 1 112 ? -1.600  -0.307  -0.374  1.00 17.49 ? 112 ILE A C   1 
ATOM   545  O  O   . ILE A 1 112 ? -0.654  -0.852  -0.957  1.00 18.13 ? 112 ILE A O   1 
ATOM   546  C  CB  . ILE A 1 112 ? -0.695  1.633   0.920   1.00 15.98 ? 112 ILE A CB  1 
ATOM   547  C  CG1 . ILE A 1 112 ? -0.605  2.228   2.291   1.00 16.20 ? 112 ILE A CG1 1 
ATOM   548  C  CG2 . ILE A 1 112 ? -1.407  2.576   -0.050  1.00 15.75 ? 112 ILE A CG2 1 
ATOM   549  C  CD1 . ILE A 1 112 ? 0.228   3.480   2.352   1.00 16.68 ? 112 ILE A CD1 1 
ATOM   550  N  N   . PHE A 1 113 ? -2.797  -0.138  -0.903  1.00 17.35 ? 113 PHE A N   1 
ATOM   551  C  CA  . PHE A 1 113 ? -3.071  -0.551  -2.263  1.00 20.29 ? 113 PHE A CA  1 
ATOM   552  C  C   . PHE A 1 113 ? -3.306  0.687   -3.106  1.00 22.16 ? 113 PHE A C   1 
ATOM   553  O  O   . PHE A 1 113 ? -3.887  1.693   -2.636  1.00 23.01 ? 113 PHE A O   1 
ATOM   554  C  CB  . PHE A 1 113 ? -4.355  -1.396  -2.338  1.00 20.34 ? 113 PHE A CB  1 
ATOM   555  C  CG  . PHE A 1 113 ? -4.165  -2.847  -2.019  1.00 21.23 ? 113 PHE A CG  1 
ATOM   556  C  CD1 . PHE A 1 113 ? -3.757  -3.748  -3.013  1.00 21.31 ? 113 PHE A CD1 1 
ATOM   557  C  CD2 . PHE A 1 113 ? -4.488  -3.340  -0.744  1.00 22.72 ? 113 PHE A CD2 1 
ATOM   558  C  CE1 . PHE A 1 113 ? -3.637  -5.109  -2.763  1.00 21.88 ? 113 PHE A CE1 1 
ATOM   559  C  CE2 . PHE A 1 113 ? -4.352  -4.712  -0.480  1.00 23.49 ? 113 PHE A CE2 1 
ATOM   560  C  CZ  . PHE A 1 113 ? -3.901  -5.589  -1.496  1.00 23.35 ? 113 PHE A CZ  1 
ATOM   561  N  N   . SER A 1 114 ? -2.929  0.579   -4.370  1.00 23.02 ? 114 SER A N   1 
ATOM   562  C  CA  . SER A 1 114 ? -3.310  1.561   -5.382  1.00 24.47 ? 114 SER A CA  1 
ATOM   563  C  C   . SER A 1 114 ? -4.844  1.698   -5.480  1.00 25.02 ? 114 SER A C   1 
ATOM   564  O  O   . SER A 1 114 ? -5.567  0.760   -5.103  1.00 24.82 ? 114 SER A O   1 
ATOM   565  C  CB  . SER A 1 114 ? -2.714  1.190   -6.760  1.00 24.26 ? 114 SER A CB  1 
ATOM   566  O  OG  . SER A 1 114 ? -3.333  0.007   -7.283  1.00 24.77 ? 114 SER A OG  1 
ATOM   567  N  N   . PRO A 1 115 ? -5.348  2.851   -5.996  1.00 26.00 ? 115 PRO A N   1 
ATOM   568  C  CA  . PRO A 1 115 ? -6.798  3.025   -6.165  1.00 25.09 ? 115 PRO A CA  1 
ATOM   569  C  C   . PRO A 1 115 ? -7.485  2.100   -7.173  1.00 23.99 ? 115 PRO A C   1 
ATOM   570  O  O   . PRO A 1 115 ? -8.712  2.047   -7.167  1.00 21.49 ? 115 PRO A O   1 
ATOM   571  C  CB  . PRO A 1 115 ? -6.962  4.495   -6.621  1.00 26.26 ? 115 PRO A CB  1 
ATOM   572  C  CG  . PRO A 1 115 ? -5.623  5.097   -6.654  1.00 25.72 ? 115 PRO A CG  1 
ATOM   573  C  CD  . PRO A 1 115 ? -4.585  4.014   -6.504  1.00 26.55 ? 115 PRO A CD  1 
ATOM   574  N  N   . SER A 1 116 ? -6.744  1.385   -8.023  1.00 21.23 ? 116 SER A N   1 
ATOM   575  C  CA  . SER A 1 116 ? -7.363  0.375   -8.897  1.00 22.02 ? 116 SER A CA  1 
ATOM   576  C  C   . SER A 1 116 ? -7.873  -0.903  -8.152  1.00 23.02 ? 116 SER A C   1 
ATOM   577  O  O   . SER A 1 116 ? -8.577  -1.690  -8.753  1.00 22.20 ? 116 SER A O   1 
ATOM   578  C  CB  . SER A 1 116 ? -6.371  -0.081  -9.981  1.00 19.34 ? 116 SER A CB  1 
ATOM   579  O  OG  . SER A 1 116 ? -5.136  -0.406  -9.359  1.00 21.29 ? 116 SER A OG  1 
ATOM   580  N  N   . VAL A 1 117 ? -7.456  -1.150  -6.906  1.00 21.95 ? 117 VAL A N   1 
ATOM   581  C  CA  . VAL A 1 117 ? -7.896  -2.365  -6.198  1.00 23.23 ? 117 VAL A CA  1 
ATOM   582  C  C   . VAL A 1 117 ? -9.406  -2.295  -5.883  1.00 23.30 ? 117 VAL A C   1 
ATOM   583  O  O   . VAL A 1 117 ? -9.950  -1.242  -5.642  1.00 22.37 ? 117 VAL A O   1 
ATOM   584  C  CB  . VAL A 1 117 ? -7.113  -2.636  -4.880  1.00 23.67 ? 117 VAL A CB  1 
ATOM   585  C  CG1 . VAL A 1 117 ? -7.665  -1.801  -3.744  1.00 26.63 ? 117 VAL A CG1 1 
ATOM   586  C  CG2 . VAL A 1 117 ? -7.210  -4.093  -4.471  1.00 24.17 ? 117 VAL A CG2 1 
ATOM   587  N  N   . ASN A 1 118 ? -10.061 -3.437  -5.954  1.00 24.45 ? 118 ASN A N   1 
ATOM   588  C  CA  . ASN A 1 118 ? -11.391 -3.608  -5.427  1.00 22.69 ? 118 ASN A CA  1 
ATOM   589  C  C   . ASN A 1 118 ? -11.197 -4.118  -4.005  1.00 22.00 ? 118 ASN A C   1 
ATOM   590  O  O   . ASN A 1 118 ? -10.767 -5.251  -3.760  1.00 21.48 ? 118 ASN A O   1 
ATOM   591  C  CB  . ASN A 1 118 ? -12.120 -4.635  -6.251  1.00 24.60 ? 118 ASN A CB  1 
ATOM   592  C  CG  . ASN A 1 118 ? -13.507 -4.896  -5.741  1.00 24.75 ? 118 ASN A CG  1 
ATOM   593  O  OD1 . ASN A 1 118 ? -13.822 -4.606  -4.617  1.00 25.83 ? 118 ASN A OD1 1 
ATOM   594  N  ND2 . ASN A 1 118 ? -14.327 -5.467  -6.566  1.00 27.06 ? 118 ASN A ND2 1 
ATOM   595  N  N   . VAL A 1 119 ? -11.559 -3.254  -3.085  1.00 21.51 ? 119 VAL A N   1 
ATOM   596  C  CA  A VAL A 1 119 ? -11.361 -3.466  -1.667  0.41 22.28 ? 119 VAL A CA  1 
ATOM   597  C  CA  B VAL A 1 119 ? -11.366 -3.447  -1.660  0.59 22.74 ? 119 VAL A CA  1 
ATOM   598  C  C   . VAL A 1 119 ? -12.110 -4.704  -1.143  1.00 23.36 ? 119 VAL A C   1 
ATOM   599  O  O   . VAL A 1 119 ? -11.680 -5.321  -0.166  1.00 22.74 ? 119 VAL A O   1 
ATOM   600  C  CB  A VAL A 1 119 ? -11.738 -2.187  -0.888  0.41 22.26 ? 119 VAL A CB  1 
ATOM   601  C  CB  B VAL A 1 119 ? -11.691 -2.093  -0.937  0.59 23.48 ? 119 VAL A CB  1 
ATOM   602  C  CG1 A VAL A 1 119 ? -13.249 -1.979  -0.849  0.41 21.03 ? 119 VAL A CG1 1 
ATOM   603  C  CG1 B VAL A 1 119 ? -12.370 -2.261  0.415   0.59 24.58 ? 119 VAL A CG1 1 
ATOM   604  C  CG2 A VAL A 1 119 ? -11.130 -2.231  0.501   0.41 22.58 ? 119 VAL A CG2 1 
ATOM   605  C  CG2 B VAL A 1 119 ? -10.414 -1.250  -0.829  0.59 22.29 ? 119 VAL A CG2 1 
ATOM   606  N  N   . ARG A 1 120 ? -13.191 -5.099  -1.840  1.00 24.29 ? 120 ARG A N   1 
ATOM   607  C  CA  . ARG A 1 120 ? -14.019 -6.265  -1.509  1.00 24.94 ? 120 ARG A CA  1 
ATOM   608  C  C   . ARG A 1 120 ? -13.306 -7.572  -1.767  1.00 23.24 ? 120 ARG A C   1 
ATOM   609  O  O   . ARG A 1 120 ? -13.790 -8.591  -1.370  1.00 25.23 ? 120 ARG A O   1 
ATOM   610  C  CB  . ARG A 1 120 ? -15.352 -6.329  -2.310  1.00 28.16 ? 120 ARG A CB  1 
ATOM   611  C  CG  . ARG A 1 120 ? -16.119 -5.043  -2.552  1.00 32.38 ? 120 ARG A CG  1 
ATOM   612  C  CD  . ARG A 1 120 ? -16.458 -4.390  -1.253  1.00 36.28 ? 120 ARG A CD  1 
ATOM   613  N  NE  . ARG A 1 120 ? -17.697 -4.991  -0.871  1.00 45.70 ? 120 ARG A NE  1 
ATOM   614  C  CZ  . ARG A 1 120 ? -18.889 -4.419  -0.877  1.00 42.24 ? 120 ARG A CZ  1 
ATOM   615  N  NH1 . ARG A 1 120 ? -19.913 -5.158  -0.512  1.00 42.28 ? 120 ARG A NH1 1 
ATOM   616  N  NH2 . ARG A 1 120 ? -19.070 -3.154  -1.205  1.00 43.16 ? 120 ARG A NH2 1 
ATOM   617  N  N   . THR A 1 121 ? -12.215 -7.554  -2.514  1.00 24.00 ? 121 THR A N   1 
ATOM   618  C  CA  . THR A 1 121 ? -11.450 -8.753  -2.814  1.00 21.99 ? 121 THR A CA  1 
ATOM   619  C  C   . THR A 1 121 ? -10.207 -8.874  -1.999  1.00 20.99 ? 121 THR A C   1 
ATOM   620  O  O   . THR A 1 121 ? -9.539  -9.902  -2.080  1.00 20.19 ? 121 THR A O   1 
ATOM   621  C  CB  . THR A 1 121 ? -10.985 -8.719  -4.258  1.00 24.77 ? 121 THR A CB  1 
ATOM   622  O  OG1 . THR A 1 121 ? -10.040 -7.644  -4.429  1.00 27.39 ? 121 THR A OG1 1 
ATOM   623  C  CG2 . THR A 1 121 ? -12.169 -8.606  -5.218  1.00 24.49 ? 121 THR A CG2 1 
ATOM   624  N  N   . ILE A 1 122 ? -9.879  -7.864  -1.188  1.00 20.50 ? 122 ILE A N   1 
ATOM   625  C  CA  . ILE A 1 122 ? -8.717  -7.988  -0.329  1.00 21.42 ? 122 ILE A CA  1 
ATOM   626  C  C   . ILE A 1 122 ? -8.853  -9.083  0.734   1.00 22.07 ? 122 ILE A C   1 
ATOM   627  O  O   . ILE A 1 122 ? -9.763  -9.027  1.600   1.00 23.55 ? 122 ILE A O   1 
ATOM   628  C  CB  . ILE A 1 122 ? -8.322  -6.679  0.377   1.00 20.30 ? 122 ILE A CB  1 
ATOM   629  C  CG1 . ILE A 1 122 ? -7.978  -5.571  -0.630  1.00 20.58 ? 122 ILE A CG1 1 
ATOM   630  C  CG2 . ILE A 1 122 ? -7.150  -6.931  1.312   1.00 20.47 ? 122 ILE A CG2 1 
ATOM   631  C  CD1 . ILE A 1 122 ? -7.886  -4.193  0.043   1.00 20.44 ? 122 ILE A CD1 1 
ATOM   632  N  N   . LYS A 1 123 ? -7.848  -9.963  0.750   1.00 22.86 ? 123 LYS A N   1 
ATOM   633  C  CA  . LYS A 1 123 ? -7.674  -11.028 1.744   1.00 24.74 ? 123 LYS A CA  1 
ATOM   634  C  C   . LYS A 1 123 ? -6.276  -10.997 2.338   1.00 22.31 ? 123 LYS A C   1 
ATOM   635  O  O   . LYS A 1 123 ? -5.300  -10.640 1.681   1.00 21.31 ? 123 LYS A O   1 
ATOM   636  C  CB  . LYS A 1 123 ? -7.895  -12.423 1.115   1.00 31.42 ? 123 LYS A CB  1 
ATOM   637  C  CG  . LYS A 1 123 ? -9.312  -12.672 0.619   1.00 39.49 ? 123 LYS A CG  1 
ATOM   638  C  CD  . LYS A 1 123 ? -9.477  -14.046 -0.025  1.00 50.67 ? 123 LYS A CD  1 
ATOM   639  C  CE  . LYS A 1 123 ? -10.944 -14.348 -0.353  1.00 59.36 ? 123 LYS A CE  1 
ATOM   640  N  NZ  . LYS A 1 123 ? -11.448 -13.568 -1.527  1.00 66.84 ? 123 LYS A NZ  1 
ATOM   641  N  N   . MET A 1 124 ? -6.198  -11.349 3.603   1.00 21.57 ? 124 MET A N   1 
ATOM   642  C  CA  . MET A 1 124 ? -4.950  -11.346 4.355   1.00 25.46 ? 124 MET A CA  1 
ATOM   643  C  C   . MET A 1 124 ? -4.885  -12.604 5.250   1.00 25.86 ? 124 MET A C   1 
ATOM   644  O  O   . MET A 1 124 ? -5.877  -13.036 5.828   1.00 26.77 ? 124 MET A O   1 
ATOM   645  C  CB  . MET A 1 124 ? -4.809  -10.043 5.159   1.00 25.99 ? 124 MET A CB  1 
ATOM   646  C  CG  . MET A 1 124 ? -3.501  -9.880  5.869   1.00 30.85 ? 124 MET A CG  1 
ATOM   647  S  SD  . MET A 1 124 ? -3.223  -8.337  6.727   1.00 34.18 ? 124 MET A SD  1 
ATOM   648  C  CE  . MET A 1 124 ? -4.345  -8.316  8.102   1.00 32.46 ? 124 MET A CE  1 
ATOM   649  N  N   . ALA A 1 125 ? -3.703  -13.194 5.302   1.00 27.37 ? 125 ALA A N   1 
ATOM   650  C  CA  . ALA A 1 125 ? -3.367  -14.267 6.204   1.00 28.45 ? 125 ALA A CA  1 
ATOM   651  C  C   . ALA A 1 125 ? -2.156  -13.799 6.974   1.00 28.81 ? 125 ALA A C   1 
ATOM   652  O  O   . ALA A 1 125 ? -1.293  -13.171 6.419   1.00 26.37 ? 125 ALA A O   1 
ATOM   653  C  CB  . ALA A 1 125 ? -3.008  -15.513 5.393   1.00 30.00 ? 125 ALA A CB  1 
ATOM   654  N  N   . LYS A 1 126 ? -2.079  -14.094 8.260   1.00 33.52 ? 126 LYS A N   1 
ATOM   655  C  CA  . LYS A 1 126 ? -0.882  -13.765 9.004   1.00 39.12 ? 126 LYS A CA  1 
ATOM   656  C  C   . LYS A 1 126 ? -0.538  -14.846 10.034  1.00 45.20 ? 126 LYS A C   1 
ATOM   657  O  O   . LYS A 1 126 ? -1.420  -15.541 10.512  1.00 52.79 ? 126 LYS A O   1 
ATOM   658  C  CB  . LYS A 1 126 ? -0.984  -12.358 9.619   1.00 42.92 ? 126 LYS A CB  1 
ATOM   659  C  CG  . LYS A 1 126 ? -2.146  -12.111 10.536  1.00 47.97 ? 126 LYS A CG  1 
ATOM   660  C  CD  . LYS A 1 126 ? -1.967  -10.747 11.218  1.00 55.75 ? 126 LYS A CD  1 
ATOM   661  C  CE  . LYS A 1 126 ? -3.109  -10.407 12.172  1.00 57.79 ? 126 LYS A CE  1 
ATOM   662  N  NZ  . LYS A 1 126 ? -2.919  -11.054 13.506  1.00 63.01 ? 126 LYS A NZ  1 
ATOM   663  N  N   . GLY A 1 127 ? 0.751   -14.997 10.335  1.00 49.02 ? 127 GLY A N   1 
ATOM   664  C  CA  . GLY A 1 127 ? 1.220   -15.989 11.298  1.00 54.08 ? 127 GLY A CA  1 
ATOM   665  C  C   . GLY A 1 127 ? 2.454   -15.565 12.080  1.00 58.70 ? 127 GLY A C   1 
ATOM   666  O  O   . GLY A 1 127 ? 2.800   -14.379 12.121  1.00 51.11 ? 127 GLY A O   1 
ATOM   667  N  N   . ASN A 1 128 ? 3.110   -16.566 12.681  1.00 66.02 ? 128 ASN A N   1 
ATOM   668  C  CA  . ASN A 1 128 ? 4.200   -16.376 13.644  1.00 61.56 ? 128 ASN A CA  1 
ATOM   669  C  C   . ASN A 1 128 ? 5.471   -15.854 12.978  1.00 62.54 ? 128 ASN A C   1 
ATOM   670  O  O   . ASN A 1 128 ? 6.222   -16.607 12.358  1.00 63.60 ? 128 ASN A O   1 
ATOM   671  C  CB  . ASN A 1 128 ? 4.472   -17.685 14.370  1.00 58.78 ? 128 ASN A CB  1 
ATOM   672  N  N   . GLU A 1 135 ? -4.029  -20.737 18.730  1.00 69.22 ? 135 GLU A N   1 
ATOM   673  C  CA  . GLU A 1 135 ? -3.068  -20.590 17.637  1.00 62.41 ? 135 GLU A CA  1 
ATOM   674  C  C   . GLU A 1 135 ? -2.560  -21.928 17.098  1.00 54.99 ? 135 GLU A C   1 
ATOM   675  O  O   . GLU A 1 135 ? -1.549  -21.929 16.410  1.00 55.89 ? 135 GLU A O   1 
ATOM   676  C  CB  . GLU A 1 135 ? -1.845  -19.706 18.006  1.00 65.85 ? 135 GLU A CB  1 
ATOM   677  C  CG  . GLU A 1 135 ? -1.966  -18.800 19.227  1.00 70.60 ? 135 GLU A CG  1 
ATOM   678  C  CD  . GLU A 1 135 ? -1.257  -19.383 20.429  1.00 75.36 ? 135 GLU A CD  1 
ATOM   679  O  OE1 . GLU A 1 135 ? -1.739  -20.402 20.978  1.00 84.77 ? 135 GLU A OE1 1 
ATOM   680  O  OE2 . GLU A 1 135 ? -0.207  -18.830 20.815  1.00 75.66 ? 135 GLU A OE2 1 
ATOM   681  N  N   . TYR A 1 136 ? -3.230  -23.054 17.379  1.00 46.07 ? 136 TYR A N   1 
ATOM   682  C  CA  . TYR A 1 136 ? -2.943  -24.278 16.612  1.00 44.20 ? 136 TYR A CA  1 
ATOM   683  C  C   . TYR A 1 136 ? -3.418  -24.064 15.177  1.00 45.85 ? 136 TYR A C   1 
ATOM   684  O  O   . TYR A 1 136 ? -4.556  -23.636 14.949  1.00 39.37 ? 136 TYR A O   1 
ATOM   685  C  CB  . TYR A 1 136 ? -3.595  -25.534 17.181  1.00 40.52 ? 136 TYR A CB  1 
ATOM   686  C  CG  . TYR A 1 136 ? -2.871  -26.101 18.362  1.00 36.95 ? 136 TYR A CG  1 
ATOM   687  C  CD1 . TYR A 1 136 ? -1.781  -26.974 18.194  1.00 33.06 ? 136 TYR A CD1 1 
ATOM   688  C  CD2 . TYR A 1 136 ? -3.264  -25.763 19.667  1.00 35.20 ? 136 TYR A CD2 1 
ATOM   689  C  CE1 . TYR A 1 136 ? -1.114  -27.483 19.291  1.00 30.40 ? 136 TYR A CE1 1 
ATOM   690  C  CE2 . TYR A 1 136 ? -2.592  -26.253 20.774  1.00 32.71 ? 136 TYR A CE2 1 
ATOM   691  C  CZ  . TYR A 1 136 ? -1.539  -27.129 20.585  1.00 32.10 ? 136 TYR A CZ  1 
ATOM   692  O  OH  . TYR A 1 136 ? -0.876  -27.619 21.687  1.00 30.81 ? 136 TYR A OH  1 
ATOM   693  N  N   . LEU A 1 137 ? -2.535  -24.345 14.223  1.00 49.22 ? 137 LEU A N   1 
ATOM   694  C  CA  . LEU A 1 137 ? -2.824  -24.143 12.781  1.00 57.56 ? 137 LEU A CA  1 
ATOM   695  C  C   . LEU A 1 137 ? -4.155  -24.814 12.463  1.00 54.99 ? 137 LEU A C   1 
ATOM   696  O  O   . LEU A 1 137 ? -5.063  -24.231 11.850  1.00 50.13 ? 137 LEU A O   1 
ATOM   697  C  CB  . LEU A 1 137 ? -1.655  -24.706 11.935  1.00 60.44 ? 137 LEU A CB  1 
ATOM   698  C  CG  . LEU A 1 137 ? -1.599  -24.921 10.407  1.00 62.39 ? 137 LEU A CG  1 
ATOM   699  C  CD1 . LEU A 1 137 ? -1.890  -26.379 10.054  1.00 61.89 ? 137 LEU A CD1 1 
ATOM   700  C  CD2 . LEU A 1 137 ? -2.472  -23.944 9.622   1.00 61.08 ? 137 LEU A CD2 1 
ATOM   701  N  N   . GLN A 1 138 ? -4.280  -26.021 12.991  1.00 55.14 ? 138 GLN A N   1 
ATOM   702  C  CA  . GLN A 1 138 ? -5.446  -26.863 12.786  1.00 55.04 ? 138 GLN A CA  1 
ATOM   703  C  C   . GLN A 1 138 ? -6.762  -26.259 13.378  1.00 50.12 ? 138 GLN A C   1 
ATOM   704  O  O   . GLN A 1 138 ? -7.840  -26.777 13.135  1.00 52.67 ? 138 GLN A O   1 
ATOM   705  C  CB  . GLN A 1 138 ? -5.147  -28.351 13.208  1.00 54.93 ? 138 GLN A CB  1 
ATOM   706  C  CG  . GLN A 1 138 ? -4.196  -28.644 14.395  1.00 51.03 ? 138 GLN A CG  1 
ATOM   707  C  CD  . GLN A 1 138 ? -2.668  -28.558 14.148  1.00 50.12 ? 138 GLN A CD  1 
ATOM   708  O  OE1 . GLN A 1 138 ? -2.102  -27.477 14.122  1.00 49.05 ? 138 GLN A OE1 1 
ATOM   709  N  NE2 . GLN A 1 138 ? -1.990  -29.706 14.094  1.00 50.14 ? 138 GLN A NE2 1 
ATOM   710  N  N   . ARG A 1 139 ? -6.674  -25.160 14.127  1.00 50.46 ? 139 ARG A N   1 
ATOM   711  C  CA  . ARG A 1 139 ? -7.861  -24.339 14.485  1.00 53.61 ? 139 ARG A CA  1 
ATOM   712  C  C   . ARG A 1 139 ? -7.719  -22.858 14.082  1.00 48.26 ? 139 ARG A C   1 
ATOM   713  O  O   . ARG A 1 139 ? -8.339  -22.000 14.682  1.00 47.44 ? 139 ARG A O   1 
ATOM   714  C  CB  . ARG A 1 139 ? -8.194  -24.447 15.981  1.00 52.07 ? 139 ARG A CB  1 
ATOM   715  C  CG  . ARG A 1 139 ? -7.190  -23.817 16.929  1.00 56.28 ? 139 ARG A CG  1 
ATOM   716  C  CD  . ARG A 1 139 ? -7.777  -23.652 18.329  1.00 58.42 ? 139 ARG A CD  1 
ATOM   717  N  NE  . ARG A 1 139 ? -7.808  -24.933 19.049  1.00 61.02 ? 139 ARG A NE  1 
ATOM   718  C  CZ  . ARG A 1 139 ? -7.065  -25.259 20.110  1.00 52.57 ? 139 ARG A CZ  1 
ATOM   719  N  NH1 . ARG A 1 139 ? -6.237  -24.391 20.676  1.00 52.26 ? 139 ARG A NH1 1 
ATOM   720  N  NH2 . ARG A 1 139 ? -7.195  -26.459 20.657  1.00 49.51 ? 139 ARG A NH2 1 
ATOM   721  N  N   . SER A 1 140 ? -6.937  -22.576 13.045  1.00 45.47 ? 140 SER A N   1 
ATOM   722  C  CA  . SER A 1 140 ? -6.757  -21.220 12.576  1.00 46.57 ? 140 SER A CA  1 
ATOM   723  C  C   . SER A 1 140 ? -7.751  -20.890 11.500  1.00 42.43 ? 140 SER A C   1 
ATOM   724  O  O   . SER A 1 140 ? -8.226  -21.751 10.756  1.00 39.46 ? 140 SER A O   1 
ATOM   725  C  CB  . SER A 1 140 ? -5.362  -21.009 11.992  1.00 49.31 ? 140 SER A CB  1 
ATOM   726  O  OG  . SER A 1 140 ? -4.419  -20.955 13.047  1.00 58.25 ? 140 SER A OG  1 
ATOM   727  N  N   . HIS A 1 141 ? -8.018  -19.601 11.396  1.00 39.14 ? 141 HIS A N   1 
ATOM   728  C  CA  . HIS A 1 141 ? -8.676  -19.069 10.236  1.00 36.59 ? 141 HIS A CA  1 
ATOM   729  C  C   . HIS A 1 141 ? -7.651  -18.986 9.137   1.00 33.93 ? 141 HIS A C   1 
ATOM   730  O  O   . HIS A 1 141 ? -6.571  -18.496 9.346   1.00 43.71 ? 141 HIS A O   1 
ATOM   731  C  CB  . HIS A 1 141 ? -9.260  -17.707 10.550  1.00 36.57 ? 141 HIS A CB  1 
ATOM   732  C  CG  . HIS A 1 141 ? -10.399 -17.777 11.505  1.00 34.95 ? 141 HIS A CG  1 
ATOM   733  N  ND1 . HIS A 1 141 ? -11.708 -17.864 11.086  1.00 31.88 ? 141 HIS A ND1 1 
ATOM   734  C  CD2 . HIS A 1 141 ? -10.424 -17.858 12.851  1.00 32.93 ? 141 HIS A CD2 1 
ATOM   735  C  CE1 . HIS A 1 141 ? -12.501 -17.961 12.138  1.00 36.06 ? 141 HIS A CE1 1 
ATOM   736  N  NE2 . HIS A 1 141 ? -11.744 -17.946 13.222  1.00 35.60 ? 141 HIS A NE2 1 
ATOM   737  N  N   . PRO A 1 142 ? -7.989  -19.433 7.955   1.00 31.96 ? 142 PRO A N   1 
ATOM   738  C  CA  . PRO A 1 142 ? -6.978  -19.408 6.916   1.00 36.61 ? 142 PRO A CA  1 
ATOM   739  C  C   . PRO A 1 142 ? -6.663  -18.017 6.401   1.00 37.77 ? 142 PRO A C   1 
ATOM   740  O  O   . PRO A 1 142 ? -5.531  -17.783 5.967   1.00 43.27 ? 142 PRO A O   1 
ATOM   741  C  CB  . PRO A 1 142 ? -7.592  -20.239 5.823   1.00 34.55 ? 142 PRO A CB  1 
ATOM   742  C  CG  . PRO A 1 142 ? -9.055  -20.115 6.048   1.00 34.71 ? 142 PRO A CG  1 
ATOM   743  C  CD  . PRO A 1 142 ? -9.240  -20.033 7.509   1.00 33.07 ? 142 PRO A CD  1 
ATOM   744  N  N   . TRP A 1 143 ? -7.651  -17.126 6.427   1.00 34.73 ? 143 TRP A N   1 
ATOM   745  C  CA  . TRP A 1 143 ? -7.472  -15.742 5.994   1.00 36.33 ? 143 TRP A CA  1 
ATOM   746  C  C   . TRP A 1 143 ? -8.529  -14.885 6.656   1.00 34.67 ? 143 TRP A C   1 
ATOM   747  O  O   . TRP A 1 143 ? -9.453  -15.416 7.202   1.00 34.15 ? 143 TRP A O   1 
ATOM   748  C  CB  . TRP A 1 143 ? -7.634  -15.614 4.469   1.00 38.18 ? 143 TRP A CB  1 
ATOM   749  C  CG  . TRP A 1 143 ? -8.827  -16.321 3.910   1.00 42.93 ? 143 TRP A CG  1 
ATOM   750  C  CD1 . TRP A 1 143 ? -8.820  -17.533 3.278   1.00 46.07 ? 143 TRP A CD1 1 
ATOM   751  C  CD2 . TRP A 1 143 ? -10.209 -15.901 3.946   1.00 46.80 ? 143 TRP A CD2 1 
ATOM   752  N  NE1 . TRP A 1 143 ? -10.093 -17.889 2.907   1.00 48.09 ? 143 TRP A NE1 1 
ATOM   753  C  CE2 . TRP A 1 143 ? -10.969 -16.915 3.308   1.00 52.88 ? 143 TRP A CE2 1 
ATOM   754  C  CE3 . TRP A 1 143 ? -10.875 -14.790 4.457   1.00 48.21 ? 143 TRP A CE3 1 
ATOM   755  C  CZ2 . TRP A 1 143 ? -12.372 -16.837 3.167   1.00 54.39 ? 143 TRP A CZ2 1 
ATOM   756  C  CZ3 . TRP A 1 143 ? -12.263 -14.697 4.308   1.00 53.06 ? 143 TRP A CZ3 1 
ATOM   757  C  CH2 . TRP A 1 143 ? -12.996 -15.718 3.673   1.00 54.63 ? 143 TRP A CH2 1 
ATOM   758  N  N   . GLU A 1 144 ? -8.386  -13.570 6.584   1.00 31.92 ? 144 GLU A N   1 
ATOM   759  C  CA  . GLU A 1 144 ? -9.469  -12.666 6.828   1.00 32.29 ? 144 GLU A CA  1 
ATOM   760  C  C   . GLU A 1 144 ? -9.672  -11.781 5.592   1.00 31.07 ? 144 GLU A C   1 
ATOM   761  O  O   . GLU A 1 144 ? -8.697  -11.351 4.934   1.00 26.49 ? 144 GLU A O   1 
ATOM   762  C  CB  . GLU A 1 144 ? -9.227  -11.802 8.053   1.00 37.59 ? 144 GLU A CB  1 
ATOM   763  C  CG  . GLU A 1 144 ? -10.543 -11.213 8.572   1.00 48.58 ? 144 GLU A CG  1 
ATOM   764  C  CD  . GLU A 1 144 ? -11.590 -12.306 8.889   1.00 56.96 ? 144 GLU A CD  1 
ATOM   765  O  OE1 . GLU A 1 144 ? -12.754 -12.256 8.340   1.00 52.69 ? 144 GLU A OE1 1 
ATOM   766  O  OE2 . GLU A 1 144 ? -11.186 -13.248 9.644   1.00 50.39 ? 144 GLU A OE2 1 
ATOM   767  N  N   . ALA A 1 145 ? -10.946 -11.546 5.277   1.00 28.49 ? 145 ALA A N   1 
ATOM   768  C  CA  . ALA A 1 145 ? -11.352 -10.534 4.319   1.00 27.30 ? 145 ALA A CA  1 
ATOM   769  C  C   . ALA A 1 145 ? -11.384 -9.185  5.053   1.00 26.26 ? 145 ALA A C   1 
ATOM   770  O  O   . ALA A 1 145 ? -12.336 -8.859  5.759   1.00 27.05 ? 145 ALA A O   1 
ATOM   771  C  CB  . ALA A 1 145 ? -12.686 -10.875 3.732   1.00 27.08 ? 145 ALA A CB  1 
ATOM   772  N  N   . THR A 1 146 ? -10.307 -8.431  4.871   1.00 24.67 ? 146 THR A N   1 
ATOM   773  C  CA  . THR A 1 146 ? -10.002 -7.218  5.617   1.00 22.62 ? 146 THR A CA  1 
ATOM   774  C  C   . THR A 1 146 ? -10.420 -5.929  4.910   1.00 22.79 ? 146 THR A C   1 
ATOM   775  O  O   . THR A 1 146 ? -10.246 -4.805  5.456   1.00 21.63 ? 146 THR A O   1 
ATOM   776  C  CB  . THR A 1 146 ? -8.477  -7.156  5.929   1.00 21.32 ? 146 THR A CB  1 
ATOM   777  O  OG1 . THR A 1 146 ? -7.727  -7.449  4.748   1.00 22.16 ? 146 THR A OG1 1 
ATOM   778  C  CG2 . THR A 1 146 ? -8.089  -8.174  6.969   1.00 22.45 ? 146 THR A CG2 1 
ATOM   779  N  N   . GLY A 1 147 ? -10.975 -6.061  3.713   1.00 21.78 ? 147 GLY A N   1 
ATOM   780  C  CA  . GLY A 1 147 ? -11.438 -4.920  2.957   1.00 22.58 ? 147 GLY A CA  1 
ATOM   781  C  C   . GLY A 1 147 ? -12.145 -3.822  3.726   1.00 25.67 ? 147 GLY A C   1 
ATOM   782  O  O   . GLY A 1 147 ? -11.851 -2.638  3.541   1.00 24.75 ? 147 GLY A O   1 
ATOM   783  N  N   . ILE A 1 148 ? -13.061 -4.213  4.611   1.00 23.19 ? 148 ILE A N   1 
ATOM   784  C  CA  . ILE A 1 148 ? -13.890 -3.273  5.319   1.00 24.31 ? 148 ILE A CA  1 
ATOM   785  C  C   . ILE A 1 148 ? -13.089 -2.350  6.260   1.00 25.42 ? 148 ILE A C   1 
ATOM   786  O  O   . ILE A 1 148 ? -13.588 -1.304  6.668   1.00 24.89 ? 148 ILE A O   1 
ATOM   787  C  CB  . ILE A 1 148 ? -15.020 -4.016  6.080   1.00 24.60 ? 148 ILE A CB  1 
ATOM   788  C  CG1 . ILE A 1 148 ? -16.057 -3.040  6.601   1.00 27.02 ? 148 ILE A CG1 1 
ATOM   789  C  CG2 . ILE A 1 148 ? -14.485 -4.841  7.255   1.00 24.85 ? 148 ILE A CG2 1 
ATOM   790  C  CD1 . ILE A 1 148 ? -17.306 -3.665  7.194   1.00 28.91 ? 148 ILE A CD1 1 
ATOM   791  N  N   . LYS A 1 149 ? -11.875 -2.749  6.639   1.00 26.12 ? 149 LYS A N   1 
ATOM   792  C  CA  . LYS A 1 149 ? -10.942 -1.918  7.475   1.00 28.02 ? 149 LYS A CA  1 
ATOM   793  C  C   . LYS A 1 149 ? -10.016 -0.928  6.745   1.00 24.18 ? 149 LYS A C   1 
ATOM   794  O  O   . LYS A 1 149 ? -9.222  -0.204  7.384   1.00 24.19 ? 149 LYS A O   1 
ATOM   795  C  CB  . LYS A 1 149 ? -10.055 -2.867  8.277   1.00 32.95 ? 149 LYS A CB  1 
ATOM   796  C  CG  . LYS A 1 149 ? -10.857 -3.720  9.231   1.00 37.53 ? 149 LYS A CG  1 
ATOM   797  C  CD  . LYS A 1 149 ? -9.975  -4.754  9.888   1.00 44.72 ? 149 LYS A CD  1 
ATOM   798  C  CE  . LYS A 1 149 ? -10.678 -5.305  11.111  1.00 49.51 ? 149 LYS A CE  1 
ATOM   799  N  NZ  . LYS A 1 149 ? -9.922  -6.454  11.668  1.00 52.76 ? 149 LYS A NZ  1 
ATOM   800  N  N   . TYR A 1 150 ? -10.090 -0.912  5.420   1.00 21.69 ? 150 TYR A N   1 
ATOM   801  C  CA  . TYR A 1 150 ? -9.155  -0.120  4.614   1.00 23.32 ? 150 TYR A CA  1 
ATOM   802  C  C   . TYR A 1 150 ? -9.762  1.282   4.510   1.00 24.12 ? 150 TYR A C   1 
ATOM   803  O  O   . TYR A 1 150 ? -10.916 1.428   4.215   1.00 22.84 ? 150 TYR A O   1 
ATOM   804  C  CB  . TYR A 1 150 ? -8.916  -0.744  3.237   1.00 21.25 ? 150 TYR A CB  1 
ATOM   805  C  CG  . TYR A 1 150 ? -7.834  -1.802  3.231   1.00 20.46 ? 150 TYR A CG  1 
ATOM   806  C  CD1 . TYR A 1 150 ? -8.101  -3.095  3.663   1.00 19.96 ? 150 TYR A CD1 1 
ATOM   807  C  CD2 . TYR A 1 150 ? -6.535  -1.520  2.740   1.00 20.94 ? 150 TYR A CD2 1 
ATOM   808  C  CE1 . TYR A 1 150 ? -7.099  -4.084  3.664   1.00 20.73 ? 150 TYR A CE1 1 
ATOM   809  C  CE2 . TYR A 1 150 ? -5.531  -2.476  2.758   1.00 20.19 ? 150 TYR A CE2 1 
ATOM   810  C  CZ  . TYR A 1 150 ? -5.824  -3.763  3.222   1.00 20.84 ? 150 TYR A CZ  1 
ATOM   811  O  OH  . TYR A 1 150 ? -4.879  -4.717  3.232   1.00 19.57 ? 150 TYR A OH  1 
ATOM   812  N  N   . ARG A 1 151 ? -9.000  2.308   4.780   1.00 26.25 ? 151 ARG A N   1 
ATOM   813  C  CA  . ARG A 1 151 ? -9.548  3.653   4.587   1.00 29.39 ? 151 ARG A CA  1 
ATOM   814  C  C   . ARG A 1 151 ? -9.011  4.250   3.313   1.00 28.11 ? 151 ARG A C   1 
ATOM   815  O  O   . ARG A 1 151 ? -7.933  3.872   2.836   1.00 23.75 ? 151 ARG A O   1 
ATOM   816  C  CB  . ARG A 1 151 ? -9.340  4.581   5.781   1.00 35.36 ? 151 ARG A CB  1 
ATOM   817  C  CG  . ARG A 1 151 ? -8.018  4.490   6.488   1.00 41.84 ? 151 ARG A CG  1 
ATOM   818  C  CD  . ARG A 1 151 ? -8.145  3.944   7.900   1.00 46.28 ? 151 ARG A CD  1 
ATOM   819  N  NE  . ARG A 1 151 ? -7.226  4.679   8.779   1.00 44.47 ? 151 ARG A NE  1 
ATOM   820  C  CZ  . ARG A 1 151 ? -5.905  4.498   8.828   1.00 49.92 ? 151 ARG A CZ  1 
ATOM   821  N  NH1 . ARG A 1 151 ? -5.277  3.563   8.050   1.00 39.65 ? 151 ARG A NH1 1 
ATOM   822  N  NH2 . ARG A 1 151 ? -5.205  5.256   9.701   1.00 49.64 ? 151 ARG A NH2 1 
ATOM   823  N  N   . LYS A 1 152 ? -9.825  5.123   2.722   1.00 28.00 ? 152 LYS A N   1 
ATOM   824  C  CA  . LYS A 1 152 ? -9.409  5.927   1.566   1.00 27.90 ? 152 LYS A CA  1 
ATOM   825  C  C   . LYS A 1 152 ? -8.293  6.860   1.994   1.00 26.04 ? 152 LYS A C   1 
ATOM   826  O  O   . LYS A 1 152 ? -8.407  7.493   2.995   1.00 26.75 ? 152 LYS A O   1 
ATOM   827  C  CB  . LYS A 1 152 ? -10.571 6.737   1.038   1.00 28.97 ? 152 LYS A CB  1 
ATOM   828  C  CG  . LYS A 1 152 ? -11.567 5.839   0.348   1.00 31.53 ? 152 LYS A CG  1 
ATOM   829  C  CD  . LYS A 1 152 ? -12.849 6.568   0.053   1.00 33.86 ? 152 LYS A CD  1 
ATOM   830  C  CE  . LYS A 1 152 ? -13.927 5.554   -0.282  1.00 38.69 ? 152 LYS A CE  1 
ATOM   831  N  NZ  . LYS A 1 152 ? -15.209 6.275   -0.557  1.00 47.65 ? 152 LYS A NZ  1 
ATOM   832  N  N   . ILE A 1 153 ? -7.193  6.911   1.269   1.00 26.10 ? 153 ILE A N   1 
ATOM   833  C  CA  . ILE A 1 153 ? -6.239  8.008   1.439   1.00 24.44 ? 153 ILE A CA  1 
ATOM   834  C  C   . ILE A 1 153 ? -6.666  8.999   0.353   1.00 24.87 ? 153 ILE A C   1 
ATOM   835  O  O   . ILE A 1 153 ? -6.826  8.610   -0.779  1.00 25.22 ? 153 ILE A O   1 
ATOM   836  C  CB  . ILE A 1 153 ? -4.804  7.548   1.206   1.00 25.86 ? 153 ILE A CB  1 
ATOM   837  C  CG1 . ILE A 1 153 ? -4.454  6.359   2.141   1.00 25.64 ? 153 ILE A CG1 1 
ATOM   838  C  CG2 . ILE A 1 153 ? -3.849  8.737   1.377   1.00 25.67 ? 153 ILE A CG2 1 
ATOM   839  C  CD1 . ILE A 1 153 ? -3.135  5.682   1.796   1.00 26.26 ? 153 ILE A CD1 1 
ATOM   840  N  N   . LYS A 1 154 ? -6.894  10.242  0.726   1.00 27.62 ? 154 LYS A N   1 
ATOM   841  C  CA  . LYS A 1 154 ? -7.437  11.271  -0.150  1.00 31.94 ? 154 LYS A CA  1 
ATOM   842  C  C   . LYS A 1 154 ? -6.504  12.453  -0.235  1.00 32.52 ? 154 LYS A C   1 
ATOM   843  O  O   . LYS A 1 154 ? -5.862  12.825  0.743   1.00 28.58 ? 154 LYS A O   1 
ATOM   844  C  CB  . LYS A 1 154 ? -8.829  11.725  0.340   1.00 34.72 ? 154 LYS A CB  1 
ATOM   845  C  CG  . LYS A 1 154 ? -9.908  10.723  -0.062  1.00 39.14 ? 154 LYS A CG  1 
ATOM   846  C  CD  . LYS A 1 154 ? -11.312 11.168  0.287   1.00 47.15 ? 154 LYS A CD  1 
ATOM   847  C  CE  . LYS A 1 154 ? -12.353 10.201  -0.291  1.00 54.85 ? 154 LYS A CE  1 
ATOM   848  N  NZ  . LYS A 1 154 ? -13.631 10.887  -0.686  1.00 57.46 ? 154 LYS A NZ  1 
ATOM   849  N  N   . ARG A 1 155 ? -6.413  13.002  -1.444  1.00 33.35 ? 155 ARG A N   1 
ATOM   850  C  CA  . ARG A 1 155 ? -5.751  14.277  -1.694  1.00 32.69 ? 155 ARG A CA  1 
ATOM   851  C  C   . ARG A 1 155 ? -6.672  15.085  -2.571  1.00 30.95 ? 155 ARG A C   1 
ATOM   852  O  O   . ARG A 1 155 ? -7.067  14.618  -3.640  1.00 26.54 ? 155 ARG A O   1 
ATOM   853  C  CB  . ARG A 1 155 ? -4.384  14.044  -2.368  1.00 33.47 ? 155 ARG A CB  1 
ATOM   854  C  CG  . ARG A 1 155 ? -3.390  13.380  -1.443  1.00 34.93 ? 155 ARG A CG  1 
ATOM   855  C  CD  . ARG A 1 155 ? -3.052  14.211  -0.203  1.00 37.19 ? 155 ARG A CD  1 
ATOM   856  N  NE  . ARG A 1 155 ? -2.052  15.256  -0.436  1.00 43.30 ? 155 ARG A NE  1 
ATOM   857  C  CZ  . ARG A 1 155 ? -2.310  16.525  -0.720  1.00 44.53 ? 155 ARG A CZ  1 
ATOM   858  N  NH1 . ARG A 1 155 ? -3.537  16.976  -0.857  1.00 52.95 ? 155 ARG A NH1 1 
ATOM   859  N  NH2 . ARG A 1 155 ? -1.320  17.368  -0.867  1.00 53.04 ? 155 ARG A NH2 1 
ATOM   860  N  N   . ASP A 1 156 ? -7.069  16.269  -2.094  1.00 37.55 ? 156 ASP A N   1 
ATOM   861  C  CA  . ASP A 1 156 ? -7.991  17.169  -2.817  1.00 39.88 ? 156 ASP A CA  1 
ATOM   862  C  C   . ASP A 1 156 ? -9.293  16.472  -3.163  1.00 36.79 ? 156 ASP A C   1 
ATOM   863  O  O   . ASP A 1 156 ? -9.802  16.612  -4.261  1.00 38.71 ? 156 ASP A O   1 
ATOM   864  C  CB  . ASP A 1 156 ? -7.371  17.708  -4.120  1.00 47.99 ? 156 ASP A CB  1 
ATOM   865  C  CG  . ASP A 1 156 ? -6.184  18.599  -3.882  1.00 63.47 ? 156 ASP A CG  1 
ATOM   866  O  OD1 . ASP A 1 156 ? -5.786  18.757  -2.701  1.00 71.58 ? 156 ASP A OD1 1 
ATOM   867  O  OD2 . ASP A 1 156 ? -5.658  19.156  -4.887  1.00 77.69 ? 156 ASP A OD2 1 
ATOM   868  N  N   . GLY A 1 157 ? -9.804  15.681  -2.246  1.00 34.88 ? 157 GLY A N   1 
ATOM   869  C  CA  . GLY A 1 157 ? -10.993 14.891  -2.502  1.00 35.72 ? 157 GLY A CA  1 
ATOM   870  C  C   . GLY A 1 157 ? -10.891 13.741  -3.474  1.00 36.82 ? 157 GLY A C   1 
ATOM   871  O  O   . GLY A 1 157 ? -11.914 13.160  -3.783  1.00 35.72 ? 157 GLY A O   1 
ATOM   872  N  N   . GLU A 1 158 ? -9.683  13.419  -3.970  1.00 35.15 ? 158 GLU A N   1 
ATOM   873  C  CA  . GLU A 1 158 ? -9.458  12.264  -4.838  1.00 33.16 ? 158 GLU A CA  1 
ATOM   874  C  C   . GLU A 1 158 ? -8.782  11.113  -4.027  1.00 30.57 ? 158 GLU A C   1 
ATOM   875  O  O   . GLU A 1 158 ? -7.829  11.341  -3.279  1.00 26.69 ? 158 GLU A O   1 
ATOM   876  C  CB  . GLU A 1 158 ? -8.583  12.675  -5.998  1.00 35.64 ? 158 GLU A CB  1 
ATOM   877  C  CG  . GLU A 1 158 ? -8.193  11.572  -6.973  1.00 39.75 ? 158 GLU A CG  1 
ATOM   878  C  CD  . GLU A 1 158 ? -7.298  12.140  -8.050  1.00 44.17 ? 158 GLU A CD  1 
ATOM   879  O  OE1 . GLU A 1 158 ? -7.764  13.020  -8.814  1.00 45.56 ? 158 GLU A OE1 1 
ATOM   880  O  OE2 . GLU A 1 158 ? -6.107  11.776  -8.095  1.00 50.70 ? 158 GLU A OE2 1 
ATOM   881  N  N   . ILE A 1 159 ? -9.288  9.889   -4.219  1.00 26.71 ? 159 ILE A N   1 
ATOM   882  C  CA  . ILE A 1 159 ? -8.723  8.681   -3.619  1.00 24.92 ? 159 ILE A CA  1 
ATOM   883  C  C   . ILE A 1 159 ? -7.381  8.393   -4.262  1.00 22.75 ? 159 ILE A C   1 
ATOM   884  O  O   . ILE A 1 159 ? -7.292  8.155   -5.462  1.00 20.51 ? 159 ILE A O   1 
ATOM   885  C  CB  . ILE A 1 159 ? -9.628  7.451   -3.814  1.00 26.84 ? 159 ILE A CB  1 
ATOM   886  C  CG1 . ILE A 1 159 ? -11.033 7.682   -3.219  1.00 28.32 ? 159 ILE A CG1 1 
ATOM   887  C  CG2 . ILE A 1 159 ? -9.001  6.209   -3.108  1.00 27.83 ? 159 ILE A CG2 1 
ATOM   888  C  CD1 . ILE A 1 159 ? -12.013 6.570   -3.566  1.00 28.88 ? 159 ILE A CD1 1 
ATOM   889  N  N   . VAL A 1 160 ? -6.328  8.422   -3.475  1.00 21.04 ? 160 VAL A N   1 
ATOM   890  C  CA  . VAL A 1 160 ? -5.001  8.085   -4.011  1.00 22.05 ? 160 VAL A CA  1 
ATOM   891  C  C   . VAL A 1 160 ? -4.495  6.693   -3.563  1.00 20.76 ? 160 VAL A C   1 
ATOM   892  O  O   . VAL A 1 160 ? -3.465  6.230   -3.999  1.00 18.86 ? 160 VAL A O   1 
ATOM   893  C  CB  . VAL A 1 160 ? -3.957  9.163   -3.719  1.00 21.47 ? 160 VAL A CB  1 
ATOM   894  C  CG1 . VAL A 1 160 ? -4.311  10.447  -4.440  1.00 23.22 ? 160 VAL A CG1 1 
ATOM   895  C  CG2 . VAL A 1 160 ? -3.803  9.416   -2.236  1.00 21.19 ? 160 VAL A CG2 1 
ATOM   896  N  N   . GLY A 1 161 ? -5.246  6.038   -2.708  1.00 21.15 ? 161 GLY A N   1 
ATOM   897  C  CA  . GLY A 1 161 ? -4.940  4.686   -2.300  1.00 21.98 ? 161 GLY A CA  1 
ATOM   898  C  C   . GLY A 1 161 ? -5.806  4.301   -1.124  1.00 23.31 ? 161 GLY A C   1 
ATOM   899  O  O   . GLY A 1 161 ? -6.636  5.108   -0.652  1.00 23.14 ? 161 GLY A O   1 
ATOM   900  N  N   . TYR A 1 162 ? -5.616  3.061   -0.683  1.00 23.23 ? 162 TYR A N   1 
ATOM   901  C  CA  . TYR A 1 162 ? -6.343  2.489   0.434   1.00 23.14 ? 162 TYR A CA  1 
ATOM   902  C  C   . TYR A 1 162 ? -5.343  1.981   1.430   1.00 21.18 ? 162 TYR A C   1 
ATOM   903  O  O   . TYR A 1 162 ? -4.370  1.347   1.048   1.00 23.01 ? 162 TYR A O   1 
ATOM   904  C  CB  . TYR A 1 162 ? -7.203  1.334   -0.039  1.00 23.27 ? 162 TYR A CB  1 
ATOM   905  C  CG  . TYR A 1 162 ? -8.259  1.726   -0.969  1.00 24.15 ? 162 TYR A CG  1 
ATOM   906  C  CD1 . TYR A 1 162 ? -9.470  2.249   -0.523  1.00 27.57 ? 162 TYR A CD1 1 
ATOM   907  C  CD2 . TYR A 1 162 ? -8.077  1.588   -2.332  1.00 26.18 ? 162 TYR A CD2 1 
ATOM   908  C  CE1 . TYR A 1 162 ? -10.477 2.611   -1.433  1.00 26.90 ? 162 TYR A CE1 1 
ATOM   909  C  CE2 . TYR A 1 162 ? -9.056  1.955   -3.245  1.00 24.79 ? 162 TYR A CE2 1 
ATOM   910  C  CZ  . TYR A 1 162 ? -10.252 2.449   -2.793  1.00 27.76 ? 162 TYR A CZ  1 
ATOM   911  O  OH  . TYR A 1 162 ? -11.210 2.790   -3.763  1.00 30.28 ? 162 TYR A OH  1 
ATOM   912  N  N   . SER A 1 163 ? -5.584  2.242   2.702   1.00 21.64 ? 163 SER A N   1 
ATOM   913  C  CA  . SER A 1 163 ? -4.651  1.907   3.793   1.00 20.95 ? 163 SER A CA  1 
ATOM   914  C  C   . SER A 1 163 ? -5.348  1.082   4.851   1.00 21.58 ? 163 SER A C   1 
ATOM   915  O  O   . SER A 1 163 ? -6.440  1.464   5.296   1.00 20.92 ? 163 SER A O   1 
ATOM   916  C  CB  . SER A 1 163 ? -4.174  3.193   4.474   1.00 20.51 ? 163 SER A CB  1 
ATOM   917  O  OG  . SER A 1 163 ? -3.520  2.916   5.680   1.00 21.30 ? 163 SER A OG  1 
ATOM   918  N  N   . HIS A 1 164 ? -4.705  -0.008  5.265   1.00 21.05 ? 164 HIS A N   1 
ATOM   919  C  CA  . HIS A 1 164 ? -5.029  -0.709  6.494   1.00 22.34 ? 164 HIS A CA  1 
ATOM   920  C  C   . HIS A 1 164 ? -3.791  -0.774  7.358   1.00 22.76 ? 164 HIS A C   1 
ATOM   921  O  O   . HIS A 1 164 ? -2.750  -1.268  6.921   1.00 23.26 ? 164 HIS A O   1 
ATOM   922  C  CB  . HIS A 1 164 ? -5.471  -2.129  6.205   1.00 23.01 ? 164 HIS A CB  1 
ATOM   923  C  CG  . HIS A 1 164 ? -5.788  -2.911  7.430   1.00 24.62 ? 164 HIS A CG  1 
ATOM   924  N  ND1 . HIS A 1 164 ? -5.775  -4.282  7.452   1.00 27.14 ? 164 HIS A ND1 1 
ATOM   925  C  CD2 . HIS A 1 164 ? -6.186  -2.517  8.671   1.00 27.11 ? 164 HIS A CD2 1 
ATOM   926  C  CE1 . HIS A 1 164 ? -6.120  -4.702  8.655   1.00 26.58 ? 164 HIS A CE1 1 
ATOM   927  N  NE2 . HIS A 1 164 ? -6.346  -3.648  9.419   1.00 26.97 ? 164 HIS A NE2 1 
ATOM   928  N  N   . TYR A 1 165 ? -3.916  -0.305  8.596   1.00 22.66 ? 165 TYR A N   1 
ATOM   929  C  CA  . TYR A 1 165 ? -2.797  -0.193  9.527   1.00 24.69 ? 165 TYR A CA  1 
ATOM   930  C  C   . TYR A 1 165 ? -3.139  -0.936  10.795  1.00 23.89 ? 165 TYR A C   1 
ATOM   931  O  O   . TYR A 1 165 ? -4.235  -0.758  11.308  1.00 22.99 ? 165 TYR A O   1 
ATOM   932  C  CB  . TYR A 1 165 ? -2.604  1.245   9.916   1.00 24.52 ? 165 TYR A CB  1 
ATOM   933  C  CG  . TYR A 1 165 ? -1.522  1.449   10.901  1.00 26.56 ? 165 TYR A CG  1 
ATOM   934  C  CD1 . TYR A 1 165 ? -0.210  1.250   10.549  1.00 28.31 ? 165 TYR A CD1 1 
ATOM   935  C  CD2 . TYR A 1 165 ? -1.805  1.857   12.200  1.00 30.23 ? 165 TYR A CD2 1 
ATOM   936  C  CE1 . TYR A 1 165 ? 0.827   1.481   11.441  1.00 31.51 ? 165 TYR A CE1 1 
ATOM   937  C  CE2 . TYR A 1 165 ? -0.786  2.098   13.101  1.00 33.78 ? 165 TYR A CE2 1 
ATOM   938  C  CZ  . TYR A 1 165 ? 0.530   1.913   12.723  1.00 34.47 ? 165 TYR A CZ  1 
ATOM   939  O  OH  . TYR A 1 165 ? 1.545   2.140   13.640  1.00 36.53 ? 165 TYR A OH  1 
ATOM   940  N  N   . PHE A 1 166 ? -2.205  -1.733  11.299  1.00 23.92 ? 166 PHE A N   1 
ATOM   941  C  CA  . PHE A 1 166 ? -2.393  -2.409  12.565  1.00 26.38 ? 166 PHE A CA  1 
ATOM   942  C  C   . PHE A 1 166 ? -1.084  -2.578  13.362  1.00 28.24 ? 166 PHE A C   1 
ATOM   943  O  O   . PHE A 1 166 ? -0.033  -2.901  12.817  1.00 27.72 ? 166 PHE A O   1 
ATOM   944  C  CB  . PHE A 1 166 ? -3.107  -3.754  12.372  1.00 25.95 ? 166 PHE A CB  1 
ATOM   945  C  CG  . PHE A 1 166 ? -2.453  -4.674  11.383  1.00 25.34 ? 166 PHE A CG  1 
ATOM   946  C  CD1 . PHE A 1 166 ? -2.699  -4.539  10.011  1.00 26.38 ? 166 PHE A CD1 1 
ATOM   947  C  CD2 . PHE A 1 166 ? -1.630  -5.687  11.803  1.00 23.97 ? 166 PHE A CD2 1 
ATOM   948  C  CE1 . PHE A 1 166 ? -2.131  -5.390  9.089   1.00 24.84 ? 166 PHE A CE1 1 
ATOM   949  C  CE2 . PHE A 1 166 ? -1.082  -6.562  10.884  1.00 24.90 ? 166 PHE A CE2 1 
ATOM   950  C  CZ  . PHE A 1 166 ? -1.333  -6.409  9.535   1.00 24.36 ? 166 PHE A CZ  1 
ATOM   951  N  N   . GLU A 1 167 ? -1.158  -2.353  14.664  1.00 33.11 ? 167 GLU A N   1 
ATOM   952  C  CA  . GLU A 1 167 ? 0.034   -2.526  15.524  1.00 38.94 ? 167 GLU A CA  1 
ATOM   953  C  C   . GLU A 1 167 ? 0.113   -3.999  15.856  1.00 37.30 ? 167 GLU A C   1 
ATOM   954  O  O   . GLU A 1 167 ? -0.891  -4.698  15.741  1.00 32.26 ? 167 GLU A O   1 
ATOM   955  C  CB  . GLU A 1 167 ? -0.073  -1.694  16.781  1.00 39.16 ? 167 GLU A CB  1 
ATOM   956  C  CG  . GLU A 1 167 ? 0.041   -0.217  16.481  1.00 48.30 ? 167 GLU A CG  1 
ATOM   957  C  CD  . GLU A 1 167 ? -0.595  0.663   17.539  1.00 51.80 ? 167 GLU A CD  1 
ATOM   958  O  OE1 . GLU A 1 167 ? -0.666  0.248   18.725  1.00 57.70 ? 167 GLU A OE1 1 
ATOM   959  O  OE2 . GLU A 1 167 ? -1.023  1.770   17.174  1.00 55.80 ? 167 GLU A OE2 1 
ATOM   960  N  N   . LEU A 1 168 ? 1.303   -4.481  16.187  1.00 36.46 ? 168 LEU A N   1 
ATOM   961  C  CA  . LEU A 1 168 ? 1.457   -5.868  16.618  1.00 43.40 ? 168 LEU A CA  1 
ATOM   962  C  C   . LEU A 1 168 ? 1.571   -5.899  18.132  1.00 46.67 ? 168 LEU A C   1 
ATOM   963  O  O   . LEU A 1 168 ? 2.138   -4.966  18.733  1.00 49.40 ? 168 LEU A O   1 
ATOM   964  C  CB  . LEU A 1 168 ? 2.702   -6.471  16.040  1.00 43.55 ? 168 LEU A CB  1 
ATOM   965  C  CG  . LEU A 1 168 ? 2.780   -6.443  14.530  1.00 46.11 ? 168 LEU A CG  1 
ATOM   966  C  CD1 . LEU A 1 168 ? 4.219   -6.755  14.158  1.00 47.81 ? 168 LEU A CD1 1 
ATOM   967  C  CD2 . LEU A 1 168 ? 1.785   -7.414  13.904  1.00 41.62 ? 168 LEU A CD2 1 
ATOM   968  N  N   . PRO A 1 169 ? 1.064   -6.965  18.766  1.00 52.28 ? 169 PRO A N   1 
ATOM   969  C  CA  . PRO A 1 169 ? 1.253   -6.990  20.232  1.00 54.74 ? 169 PRO A CA  1 
ATOM   970  C  C   . PRO A 1 169 ? 2.738   -7.209  20.606  1.00 56.02 ? 169 PRO A C   1 
ATOM   971  O  O   . PRO A 1 169 ? 3.474   -7.846  19.852  1.00 56.75 ? 169 PRO A O   1 
ATOM   972  C  CB  . PRO A 1 169 ? 0.347   -8.134  20.696  1.00 54.81 ? 169 PRO A CB  1 
ATOM   973  C  CG  . PRO A 1 169 ? -0.582  -8.415  19.549  1.00 55.48 ? 169 PRO A CG  1 
ATOM   974  C  CD  . PRO A 1 169 ? 0.142   -8.016  18.294  1.00 54.37 ? 169 PRO A CD  1 
ATOM   975  N  N   . HIS A 1 170 ? 3.161   -6.669  21.749  1.00 61.42 ? 170 HIS A N   1 
ATOM   976  C  CA  . HIS A 1 170 ? 4.573   -6.726  22.167  1.00 65.27 ? 170 HIS A CA  1 
ATOM   977  C  C   . HIS A 1 170 ? 5.134   -8.152  22.209  1.00 65.45 ? 170 HIS A C   1 
ATOM   978  O  O   . HIS A 1 170 ? 6.313   -8.349  21.941  1.00 64.34 ? 170 HIS A O   1 
ATOM   979  C  CB  . HIS A 1 170 ? 4.834   -5.994  23.497  1.00 61.18 ? 170 HIS A CB  1 
ATOM   980  C  CG  . HIS A 1 170 ? 5.999   -5.061  23.418  1.00 61.09 ? 170 HIS A CG  1 
ATOM   981  N  ND1 . HIS A 1 170 ? 7.295   -5.500  23.267  1.00 55.71 ? 170 HIS A ND1 1 
ATOM   982  C  CD2 . HIS A 1 170 ? 6.059   -3.709  23.400  1.00 59.52 ? 170 HIS A CD2 1 
ATOM   983  C  CE1 . HIS A 1 170 ? 8.101   -4.461  23.189  1.00 48.81 ? 170 HIS A CE1 1 
ATOM   984  N  NE2 . HIS A 1 170 ? 7.377   -3.366  23.262  1.00 50.53 ? 170 HIS A NE2 1 
ATOM   985  N  N   . GLU A 1 171 ? 4.271   -9.124  22.492  1.00 64.90 ? 171 GLU A N   1 
ATOM   986  C  CA  . GLU A 1 171 ? 4.591   -10.557 22.381  1.00 70.30 ? 171 GLU A CA  1 
ATOM   987  C  C   . GLU A 1 171 ? 5.151   -11.035 21.035  1.00 67.80 ? 171 GLU A C   1 
ATOM   988  O  O   . GLU A 1 171 ? 5.681   -12.132 20.964  1.00 67.66 ? 171 GLU A O   1 
ATOM   989  C  CB  . GLU A 1 171 ? 3.354   -11.386 22.725  1.00 71.18 ? 171 GLU A CB  1 
ATOM   990  N  N   . TYR A 1 172 ? 5.023   -10.249 19.970  1.00 72.12 ? 172 TYR A N   1 
ATOM   991  C  CA  . TYR A 1 172 ? 5.515   -10.650 18.642  1.00 69.10 ? 172 TYR A CA  1 
ATOM   992  C  C   . TYR A 1 172 ? 6.938   -10.134 18.466  1.00 65.40 ? 172 TYR A C   1 
ATOM   993  O  O   . TYR A 1 172 ? 7.217   -8.963  18.725  1.00 63.53 ? 172 TYR A O   1 
ATOM   994  C  CB  . TYR A 1 172 ? 4.618   -10.107 17.517  1.00 74.50 ? 172 TYR A CB  1 
ATOM   995  C  CG  . TYR A 1 172 ? 3.231   -10.727 17.446  1.00 81.40 ? 172 TYR A CG  1 
ATOM   996  C  CD1 . TYR A 1 172 ? 2.388   -10.735 18.569  1.00 87.85 ? 172 TYR A CD1 1 
ATOM   997  C  CD2 . TYR A 1 172 ? 2.737   -11.288 16.251  1.00 82.93 ? 172 TYR A CD2 1 
ATOM   998  C  CE1 . TYR A 1 172 ? 1.119   -11.292 18.518  1.00 88.57 ? 172 TYR A CE1 1 
ATOM   999  C  CE2 . TYR A 1 172 ? 1.456   -11.853 16.199  1.00 85.11 ? 172 TYR A CE2 1 
ATOM   1000 C  CZ  . TYR A 1 172 ? 0.657   -11.847 17.343  1.00 84.48 ? 172 TYR A CZ  1 
ATOM   1001 O  OH  . TYR A 1 172 ? -0.609  -12.374 17.372  1.00 85.76 ? 172 TYR A OH  1 
ATOM   1002 N  N   . ASN A 1 173 ? 7.842   -11.030 18.085  1.00 63.67 ? 173 ASN A N   1 
ATOM   1003 C  CA  . ASN A 1 173 ? 9.164   -10.668 17.559  1.00 66.83 ? 173 ASN A CA  1 
ATOM   1004 C  C   . ASN A 1 173 ? 9.189   -10.774 16.022  1.00 66.29 ? 173 ASN A C   1 
ATOM   1005 O  O   . ASN A 1 173 ? 10.195  -10.427 15.388  1.00 64.22 ? 173 ASN A O   1 
ATOM   1006 C  CB  . ASN A 1 173 ? 10.261  -11.572 18.153  1.00 69.46 ? 173 ASN A CB  1 
ATOM   1007 C  CG  . ASN A 1 173 ? 10.124  -13.026 17.723  1.00 71.43 ? 173 ASN A CG  1 
ATOM   1008 O  OD1 . ASN A 1 173 ? 9.321   -13.764 18.284  1.00 81.58 ? 173 ASN A OD1 1 
ATOM   1009 N  ND2 . ASN A 1 173 ? 10.893  -13.437 16.718  1.00 74.21 ? 173 ASN A ND2 1 
ATOM   1010 N  N   . SER A 1 174 ? 8.082   -11.267 15.447  1.00 64.61 ? 174 SER A N   1 
ATOM   1011 C  CA  . SER A 1 174 ? 7.956   -11.531 14.016  1.00 58.11 ? 174 SER A CA  1 
ATOM   1012 C  C   . SER A 1 174 ? 6.496   -11.539 13.583  1.00 53.80 ? 174 SER A C   1 
ATOM   1013 O  O   . SER A 1 174 ? 5.601   -11.642 14.426  1.00 55.36 ? 174 SER A O   1 
ATOM   1014 C  CB  . SER A 1 174 ? 8.572   -12.882 13.682  1.00 57.23 ? 174 SER A CB  1 
ATOM   1015 O  OG  . SER A 1 174 ? 9.953   -12.722 13.561  1.00 63.02 ? 174 SER A OG  1 
ATOM   1016 N  N   . ILE A 1 175 ? 6.280   -11.350 12.278  1.00 48.69 ? 175 ILE A N   1 
ATOM   1017 C  CA  . ILE A 1 175 ? 5.016   -11.660 11.588  1.00 46.78 ? 175 ILE A CA  1 
ATOM   1018 C  C   . ILE A 1 175 ? 5.417   -12.152 10.219  1.00 40.91 ? 175 ILE A C   1 
ATOM   1019 O  O   . ILE A 1 175 ? 6.295   -11.591 9.585   1.00 40.04 ? 175 ILE A O   1 
ATOM   1020 C  CB  . ILE A 1 175 ? 4.055   -10.477 11.281  1.00 49.49 ? 175 ILE A CB  1 
ATOM   1021 C  CG1 . ILE A 1 175 ? 4.543   -9.150  11.824  1.00 50.58 ? 175 ILE A CG1 1 
ATOM   1022 C  CG2 . ILE A 1 175 ? 2.615   -10.773 11.704  1.00 52.25 ? 175 ILE A CG2 1 
ATOM   1023 C  CD1 . ILE A 1 175 ? 5.363   -8.420  10.809  1.00 49.87 ? 175 ILE A CD1 1 
ATOM   1024 N  N   . SER A 1 176 ? 4.775   -13.220 9.790   1.00 41.09 ? 176 SER A N   1 
ATOM   1025 C  CA  . SER A 1 176 ? 4.720   -13.582 8.403   1.00 43.29 ? 176 SER A CA  1 
ATOM   1026 C  C   . SER A 1 176 ? 3.285   -13.223 7.921   1.00 40.98 ? 176 SER A C   1 
ATOM   1027 O  O   . SER A 1 176 ? 2.309   -13.404 8.647   1.00 36.28 ? 176 SER A O   1 
ATOM   1028 C  CB  . SER A 1 176 ? 5.049   -15.049 8.253   1.00 41.60 ? 176 SER A CB  1 
ATOM   1029 O  OG  . SER A 1 176 ? 3.989   -15.769 8.799   1.00 50.00 ? 176 SER A OG  1 
ATOM   1030 N  N   . LEU A 1 177 ? 3.183   -12.719 6.696   1.00 38.46 ? 177 LEU A N   1 
ATOM   1031 C  CA  . LEU A 1 177 ? 2.014   -11.982 6.249   1.00 35.42 ? 177 LEU A CA  1 
ATOM   1032 C  C   . LEU A 1 177 ? 1.826   -12.243 4.780   1.00 28.95 ? 177 LEU A C   1 
ATOM   1033 O  O   . LEU A 1 177 ? 2.783   -12.236 4.049   1.00 31.48 ? 177 LEU A O   1 
ATOM   1034 C  CB  . LEU A 1 177 ? 2.323   -10.497 6.483   1.00 42.34 ? 177 LEU A CB  1 
ATOM   1035 C  CG  . LEU A 1 177 ? 1.296   -9.379  6.382   1.00 47.99 ? 177 LEU A CG  1 
ATOM   1036 C  CD1 . LEU A 1 177 ? -0.114  -9.905  6.537   1.00 50.62 ? 177 LEU A CD1 1 
ATOM   1037 C  CD2 . LEU A 1 177 ? 1.552   -8.331  7.451   1.00 51.36 ? 177 LEU A CD2 1 
ATOM   1038 N  N   . ALA A 1 178 ? 0.606   -12.486 4.344   1.00 24.25 ? 178 ALA A N   1 
ATOM   1039 C  CA  . ALA A 1 178 ? 0.307   -12.582 2.942   1.00 22.54 ? 178 ALA A CA  1 
ATOM   1040 C  C   . ALA A 1 178 ? -0.906  -11.771 2.751   1.00 22.36 ? 178 ALA A C   1 
ATOM   1041 O  O   . ALA A 1 178 ? -1.793  -11.826 3.586   1.00 24.50 ? 178 ALA A O   1 
ATOM   1042 C  CB  . ALA A 1 178 ? 0.052   -14.030 2.517   1.00 22.01 ? 178 ALA A CB  1 
ATOM   1043 N  N   . VAL A 1 179 ? -0.928  -10.964 1.699   1.00 22.79 ? 179 VAL A N   1 
ATOM   1044 C  CA  . VAL A 1 179 ? -2.056  -10.122 1.417   1.00 23.76 ? 179 VAL A CA  1 
ATOM   1045 C  C   . VAL A 1 179 ? -2.240  -10.091 -0.074  1.00 22.99 ? 179 VAL A C   1 
ATOM   1046 O  O   . VAL A 1 179 ? -1.292  -10.157 -0.808  1.00 24.25 ? 179 VAL A O   1 
ATOM   1047 C  CB  . VAL A 1 179 ? -1.937  -8.699  1.997   1.00 25.75 ? 179 VAL A CB  1 
ATOM   1048 C  CG1 . VAL A 1 179 ? -0.892  -7.864  1.262   1.00 27.46 ? 179 VAL A CG1 1 
ATOM   1049 C  CG2 . VAL A 1 179 ? -3.293  -7.997  1.938   1.00 27.33 ? 179 VAL A CG2 1 
ATOM   1050 N  N   . SER A 1 180 ? -3.470  -10.005 -0.517  1.00 22.89 ? 180 SER A N   1 
ATOM   1051 C  CA  . SER A 1 180 ? -3.753  -10.033 -1.929  1.00 25.29 ? 180 SER A CA  1 
ATOM   1052 C  C   . SER A 1 180 ? -5.031  -9.278  -2.223  1.00 26.04 ? 180 SER A C   1 
ATOM   1053 O  O   . SER A 1 180 ? -5.960  -9.225  -1.383  1.00 23.93 ? 180 SER A O   1 
ATOM   1054 C  CB  . SER A 1 180 ? -3.820  -11.495 -2.386  1.00 30.10 ? 180 SER A CB  1 
ATOM   1055 O  OG  . SER A 1 180 ? -4.876  -11.767 -3.237  1.00 34.59 ? 180 SER A OG  1 
ATOM   1056 N  N   . GLY A 1 181 ? -5.078  -8.691  -3.418  1.00 23.91 ? 181 GLY A N   1 
ATOM   1057 C  CA  . GLY A 1 181 ? -6.248  -7.975  -3.893  1.00 21.67 ? 181 GLY A CA  1 
ATOM   1058 C  C   . GLY A 1 181 ? -6.317  -8.064  -5.400  1.00 23.85 ? 181 GLY A C   1 
ATOM   1059 O  O   . GLY A 1 181 ? -5.292  -8.273  -6.079  1.00 24.21 ? 181 GLY A O   1 
ATOM   1060 N  N   . VAL A 1 182 ? -7.539  -7.917  -5.913  1.00 24.31 ? 182 VAL A N   1 
ATOM   1061 C  CA  . VAL A 1 182 ? -7.844  -7.948  -7.325  1.00 24.54 ? 182 VAL A CA  1 
ATOM   1062 C  C   . VAL A 1 182 ? -8.329  -6.559  -7.754  1.00 26.48 ? 182 VAL A C   1 
ATOM   1063 O  O   . VAL A 1 182 ? -9.046  -5.841  -7.029  1.00 29.00 ? 182 VAL A O   1 
ATOM   1064 C  CB  . VAL A 1 182 ? -8.979  -8.950  -7.621  1.00 23.79 ? 182 VAL A CB  1 
ATOM   1065 C  CG1 . VAL A 1 182 ? -9.359  -8.958  -9.108  1.00 24.05 ? 182 VAL A CG1 1 
ATOM   1066 C  CG2 . VAL A 1 182 ? -8.585  -10.340 -7.154  1.00 25.10 ? 182 VAL A CG2 1 
ATOM   1067 N  N   . HIS A 1 183 ? -7.991  -6.204  -8.973  1.00 28.53 ? 183 HIS A N   1 
ATOM   1068 C  CA  . HIS A 1 183 ? -8.379  -4.905  -9.524  1.00 27.79 ? 183 HIS A CA  1 
ATOM   1069 C  C   . HIS A 1 183 ? -9.919  -4.811  -9.738  1.00 27.43 ? 183 HIS A C   1 
ATOM   1070 O  O   . HIS A 1 183 ? -10.575 -5.818  -9.955  1.00 24.81 ? 183 HIS A O   1 
ATOM   1071 C  CB  . HIS A 1 183 ? -7.524  -4.667  -10.781 1.00 29.35 ? 183 HIS A CB  1 
ATOM   1072 C  CG  . HIS A 1 183 ? -8.162  -5.027  -12.077 1.00 31.70 ? 183 HIS A CG  1 
ATOM   1073 N  ND1 . HIS A 1 183 ? -8.276  -4.111  -13.093 1.00 36.34 ? 183 HIS A ND1 1 
ATOM   1074 C  CD2 . HIS A 1 183 ? -8.674  -6.182  -12.557 1.00 32.35 ? 183 HIS A CD2 1 
ATOM   1075 C  CE1 . HIS A 1 183 ? -8.850  -4.668  -14.137 1.00 34.48 ? 183 HIS A CE1 1 
ATOM   1076 N  NE2 . HIS A 1 183 ? -9.104  -5.925  -13.840 1.00 33.49 ? 183 HIS A NE2 1 
ATOM   1077 N  N   . LYS A 1 184 ? -10.485 -3.622  -9.636  1.00 27.55 ? 184 LYS A N   1 
ATOM   1078 C  CA  . LYS A 1 184 ? -11.868 -3.380  -10.089 1.00 33.35 ? 184 LYS A CA  1 
ATOM   1079 C  C   . LYS A 1 184 ? -11.933 -3.528  -11.621 1.00 34.50 ? 184 LYS A C   1 
ATOM   1080 O  O   . LYS A 1 184 ? -10.964 -3.226  -12.308 1.00 39.29 ? 184 LYS A O   1 
ATOM   1081 C  CB  . LYS A 1 184 ? -12.310 -1.944  -9.803  1.00 33.03 ? 184 LYS A CB  1 
ATOM   1082 C  CG  . LYS A 1 184 ? -12.237 -1.403  -8.396  1.00 35.17 ? 184 LYS A CG  1 
ATOM   1083 C  CD  . LYS A 1 184 ? -12.029 0.135   -8.447  1.00 37.66 ? 184 LYS A CD  1 
ATOM   1084 C  CE  . LYS A 1 184 ? -12.261 0.825   -7.097  1.00 40.66 ? 184 LYS A CE  1 
ATOM   1085 N  NZ  . LYS A 1 184 ? -11.033 1.182   -6.347  1.00 40.32 ? 184 LYS A NZ  1 
ATOM   1086 N  N   . ASN A 1 185 ? -13.051 -3.935  -12.181 1.00 41.07 ? 185 ASN A N   1 
ATOM   1087 C  CA  . ASN A 1 185 ? -13.155 -3.912  -13.656 1.00 44.89 ? 185 ASN A CA  1 
ATOM   1088 C  C   . ASN A 1 185 ? -14.212 -2.981  -14.215 1.00 43.33 ? 185 ASN A C   1 
ATOM   1089 O  O   . ASN A 1 185 ? -15.156 -2.640  -13.530 1.00 47.71 ? 185 ASN A O   1 
ATOM   1090 C  CB  . ASN A 1 185 ? -13.378 -5.294  -14.180 1.00 48.05 ? 185 ASN A CB  1 
ATOM   1091 C  CG  . ASN A 1 185 ? -13.329 -5.335  -15.674 1.00 51.78 ? 185 ASN A CG  1 
ATOM   1092 O  OD1 . ASN A 1 185 ? -13.069 -4.318  -16.328 1.00 55.66 ? 185 ASN A OD1 1 
ATOM   1093 N  ND2 . ASN A 1 185 ? -13.589 -6.499  -16.232 1.00 54.75 ? 185 ASN A ND2 1 
ATOM   1094 N  N   . ASP A 1 202 ? 3.661   -13.889 -12.395 1.00 54.92 ? 205 ASP A N   1 
ATOM   1095 C  CA  . ASP A 1 202 ? 4.192   -14.031 -13.757 1.00 60.19 ? 205 ASP A CA  1 
ATOM   1096 C  C   . ASP A 1 202 ? 5.166   -12.866 -14.054 1.00 59.35 ? 205 ASP A C   1 
ATOM   1097 O  O   . ASP A 1 202 ? 6.400   -13.031 -13.948 1.00 61.92 ? 205 ASP A O   1 
ATOM   1098 C  CB  . ASP A 1 202 ? 3.051   -14.095 -14.812 1.00 68.86 ? 205 ASP A CB  1 
ATOM   1099 C  CG  . ASP A 1 202 ? 2.159   -15.359 -14.689 1.00 76.13 ? 205 ASP A CG  1 
ATOM   1100 O  OD1 . ASP A 1 202 ? 2.470   -16.288 -13.913 1.00 76.96 ? 205 ASP A OD1 1 
ATOM   1101 O  OD2 . ASP A 1 202 ? 1.127   -15.420 -15.398 1.00 81.21 ? 205 ASP A OD2 1 
ATOM   1102 N  N   . LEU A 1 203 ? 4.604   -11.688 -14.367 1.00 49.03 ? 206 LEU A N   1 
ATOM   1103 C  CA  . LEU A 1 203 ? 5.354   -10.490 -14.769 1.00 44.67 ? 206 LEU A CA  1 
ATOM   1104 C  C   . LEU A 1 203 ? 5.435   -9.409  -13.671 1.00 41.86 ? 206 LEU A C   1 
ATOM   1105 O  O   . LEU A 1 203 ? 5.821   -8.269  -13.945 1.00 46.35 ? 206 LEU A O   1 
ATOM   1106 C  CB  . LEU A 1 203 ? 4.757   -9.896  -16.044 1.00 41.52 ? 206 LEU A CB  1 
ATOM   1107 C  CG  . LEU A 1 203 ? 4.840   -10.815 -17.284 1.00 46.42 ? 206 LEU A CG  1 
ATOM   1108 C  CD1 . LEU A 1 203 ? 3.775   -10.476 -18.322 1.00 46.27 ? 206 LEU A CD1 1 
ATOM   1109 C  CD2 . LEU A 1 203 ? 6.215   -10.768 -17.938 1.00 46.72 ? 206 LEU A CD2 1 
ATOM   1110 N  N   . ALA A 1 204 ? 5.133   -9.761  -12.432 1.00 39.23 ? 207 ALA A N   1 
ATOM   1111 C  CA  . ALA A 1 204 ? 5.169   -8.786  -11.326 1.00 40.13 ? 207 ALA A CA  1 
ATOM   1112 C  C   . ALA A 1 204 ? 6.600   -8.408  -10.985 1.00 36.01 ? 207 ALA A C   1 
ATOM   1113 O  O   . ALA A 1 204 ? 7.488   -9.230  -11.065 1.00 41.80 ? 207 ALA A O   1 
ATOM   1114 C  CB  . ALA A 1 204 ? 4.471   -9.335  -10.106 1.00 41.53 ? 207 ALA A CB  1 
ATOM   1115 N  N   . LEU A 1 205 ? 6.824   -7.138  -10.703 1.00 32.31 ? 208 LEU A N   1 
ATOM   1116 C  CA  . LEU A 1 205 ? 8.116   -6.650  -10.231 1.00 30.81 ? 208 LEU A CA  1 
ATOM   1117 C  C   . LEU A 1 205 ? 7.947   -6.316  -8.772  1.00 29.58 ? 208 LEU A C   1 
ATOM   1118 O  O   . LEU A 1 205 ? 6.984   -5.645  -8.410  1.00 27.57 ? 208 LEU A O   1 
ATOM   1119 C  CB  . LEU A 1 205 ? 8.493   -5.408  -10.989 1.00 30.97 ? 208 LEU A CB  1 
ATOM   1120 C  CG  . LEU A 1 205 ? 8.679   -5.648  -12.502 1.00 32.80 ? 208 LEU A CG  1 
ATOM   1121 C  CD1 . LEU A 1 205 ? 8.751   -4.305  -13.225 1.00 29.81 ? 208 LEU A CD1 1 
ATOM   1122 C  CD2 . LEU A 1 205 ? 9.887   -6.549  -12.801 1.00 31.49 ? 208 LEU A CD2 1 
ATOM   1123 N  N   . ARG A 1 206 ? 8.874   -6.795  -7.967  1.00 28.26 ? 209 ARG A N   1 
ATOM   1124 C  CA  . ARG A 1 206 ? 8.922   -6.600  -6.563  1.00 32.86 ? 209 ARG A CA  1 
ATOM   1125 C  C   . ARG A 1 206 ? 10.099  -5.632  -6.285  1.00 33.26 ? 209 ARG A C   1 
ATOM   1126 O  O   . ARG A 1 206 ? 11.121  -5.708  -6.944  1.00 38.00 ? 209 ARG A O   1 
ATOM   1127 C  CB  . ARG A 1 206 ? 9.122   -7.969  -5.877  1.00 38.14 ? 209 ARG A CB  1 
ATOM   1128 C  CG  . ARG A 1 206 ? 9.254   -7.947  -4.339  1.00 45.48 ? 209 ARG A CG  1 
ATOM   1129 C  CD  . ARG A 1 206 ? 9.788   -9.254  -3.702  1.00 48.79 ? 209 ARG A CD  1 
ATOM   1130 N  NE  . ARG A 1 206 ? 10.073  -9.084  -2.260  1.00 54.09 ? 209 ARG A NE  1 
ATOM   1131 C  CZ  . ARG A 1 206 ? 11.189  -8.566  -1.701  1.00 55.50 ? 209 ARG A CZ  1 
ATOM   1132 N  NH1 . ARG A 1 206 ? 12.233  -8.147  -2.424  1.00 51.58 ? 209 ARG A NH1 1 
ATOM   1133 N  NH2 . ARG A 1 206 ? 11.259  -8.463  -0.367  1.00 55.14 ? 209 ARG A NH2 1 
ATOM   1134 N  N   . PHE A 1 207 ? 9.929   -4.729  -5.324  1.00 32.54 ? 210 PHE A N   1 
ATOM   1135 C  CA  . PHE A 1 207 ? 10.990  -3.861  -4.784  1.00 33.61 ? 210 PHE A CA  1 
ATOM   1136 C  C   . PHE A 1 207 ? 10.921  -3.901  -3.277  1.00 32.40 ? 210 PHE A C   1 
ATOM   1137 O  O   . PHE A 1 207 ? 9.834   -3.924  -2.717  1.00 32.26 ? 210 PHE A O   1 
ATOM   1138 C  CB  . PHE A 1 207 ? 10.822  -2.416  -5.245  1.00 34.50 ? 210 PHE A CB  1 
ATOM   1139 C  CG  . PHE A 1 207 ? 11.567  -1.391  -4.394  1.00 46.14 ? 210 PHE A CG  1 
ATOM   1140 C  CD1 . PHE A 1 207 ? 12.914  -1.063  -4.662  1.00 48.67 ? 210 PHE A CD1 1 
ATOM   1141 C  CD2 . PHE A 1 207 ? 10.911  -0.698  -3.330  1.00 50.07 ? 210 PHE A CD2 1 
ATOM   1142 C  CE1 . PHE A 1 207 ? 13.580  -0.106  -3.895  1.00 50.89 ? 210 PHE A CE1 1 
ATOM   1143 C  CE2 . PHE A 1 207 ? 11.595  0.257   -2.574  1.00 48.16 ? 210 PHE A CE2 1 
ATOM   1144 C  CZ  . PHE A 1 207 ? 12.924  0.550   -2.855  1.00 48.20 ? 210 PHE A CZ  1 
ATOM   1145 N  N   . CYS A 1 208 ? 12.078  -3.882  -2.624  1.00 33.31 ? 211 CYS A N   1 
ATOM   1146 C  CA  . CYS A 1 208 ? 12.149  -3.767  -1.171  1.00 37.21 ? 211 CYS A CA  1 
ATOM   1147 C  C   . CYS A 1 208 ? 13.219  -2.766  -0.790  1.00 32.37 ? 211 CYS A C   1 
ATOM   1148 O  O   . CYS A 1 208 ? 14.145  -2.509  -1.557  1.00 33.50 ? 211 CYS A O   1 
ATOM   1149 C  CB  . CYS A 1 208 ? 12.351  -5.135  -0.469  1.00 37.69 ? 211 CYS A CB  1 
ATOM   1150 S  SG  . CYS A 1 208 ? 13.663  -6.194  -1.095  1.00 59.21 ? 211 CYS A SG  1 
ATOM   1151 N  N   . ASN A 1 209 ? 13.020  -2.129  0.351   1.00 31.37 ? 212 ASN A N   1 
ATOM   1152 C  CA  . ASN A 1 209 ? 14.062  -1.286  0.949   1.00 36.04 ? 212 ASN A CA  1 
ATOM   1153 C  C   . ASN A 1 209 ? 13.796  -0.998  2.416   1.00 35.61 ? 212 ASN A C   1 
ATOM   1154 O  O   . ASN A 1 209 ? 12.732  -1.308  2.932   1.00 34.55 ? 212 ASN A O   1 
ATOM   1155 C  CB  . ASN A 1 209 ? 14.311  0.023   0.175   1.00 38.27 ? 212 ASN A CB  1 
ATOM   1156 C  CG  . ASN A 1 209 ? 15.780  0.506   0.274   1.00 43.82 ? 212 ASN A CG  1 
ATOM   1157 O  OD1 . ASN A 1 209 ? 16.643  -0.160  0.855   1.00 41.04 ? 212 ASN A OD1 1 
ATOM   1158 N  ND2 . ASN A 1 209 ? 16.060  1.666   -0.303  1.00 49.04 ? 212 ASN A ND2 1 
ATOM   1159 N  N   . ARG A 1 210 ? 14.822  -0.493  3.091   1.00 35.15 ? 213 ARG A N   1 
ATOM   1160 C  CA  . ARG A 1 210 ? 14.729  -0.085  4.434   1.00 32.99 ? 213 ARG A CA  1 
ATOM   1161 C  C   . ARG A 1 210 ? 15.203  1.344   4.543   1.00 31.56 ? 213 ARG A C   1 
ATOM   1162 O  O   . ARG A 1 210 ? 16.132  1.763   3.856   1.00 30.31 ? 213 ARG A O   1 
ATOM   1163 C  CB  . ARG A 1 210 ? 15.580  -0.992  5.253   1.00 37.82 ? 213 ARG A CB  1 
ATOM   1164 C  CG  . ARG A 1 210 ? 15.206  -0.986  6.696   1.00 43.37 ? 213 ARG A CG  1 
ATOM   1165 C  CD  . ARG A 1 210 ? 16.142  -1.885  7.449   1.00 50.39 ? 213 ARG A CD  1 
ATOM   1166 N  NE  . ARG A 1 210 ? 16.330  -1.393  8.801   1.00 57.03 ? 213 ARG A NE  1 
ATOM   1167 C  CZ  . ARG A 1 210 ? 17.330  -1.754  9.597   1.00 66.19 ? 213 ARG A CZ  1 
ATOM   1168 N  NH1 . ARG A 1 210 ? 18.249  -2.637  9.194   1.00 64.90 ? 213 ARG A NH1 1 
ATOM   1169 N  NH2 . ARG A 1 210 ? 17.406  -1.221  10.813  1.00 72.45 ? 213 ARG A NH2 1 
ATOM   1170 N  N   . TYR A 1 211 ? 14.527  2.109   5.380   1.00 30.36 ? 214 TYR A N   1 
ATOM   1171 C  CA  . TYR A 1 211 ? 14.864  3.479   5.638   1.00 29.56 ? 214 TYR A CA  1 
ATOM   1172 C  C   . TYR A 1 211 ? 15.007  3.583   7.130   1.00 32.23 ? 214 TYR A C   1 
ATOM   1173 O  O   . TYR A 1 211 ? 14.167  3.022   7.865   1.00 33.22 ? 214 TYR A O   1 
ATOM   1174 C  CB  . TYR A 1 211 ? 13.743  4.378   5.160   1.00 30.82 ? 214 TYR A CB  1 
ATOM   1175 C  CG  . TYR A 1 211 ? 13.616  4.290   3.711   1.00 28.76 ? 214 TYR A CG  1 
ATOM   1176 C  CD1 . TYR A 1 211 ? 12.813  3.322   3.144   1.00 28.77 ? 214 TYR A CD1 1 
ATOM   1177 C  CD2 . TYR A 1 211 ? 14.408  5.080   2.875   1.00 27.07 ? 214 TYR A CD2 1 
ATOM   1178 C  CE1 . TYR A 1 211 ? 12.752  3.195   1.782   1.00 29.95 ? 214 TYR A CE1 1 
ATOM   1179 C  CE2 . TYR A 1 211 ? 14.319  4.960   1.512   1.00 26.26 ? 214 TYR A CE2 1 
ATOM   1180 C  CZ  . TYR A 1 211 ? 13.501  4.016   0.988   1.00 27.16 ? 214 TYR A CZ  1 
ATOM   1181 O  OH  . TYR A 1 211 ? 13.403  3.837   -0.361  1.00 33.19 ? 214 TYR A OH  1 
ATOM   1182 N  N   . TRP A 1 212 ? 16.037  4.314   7.570   1.00 34.44 ? 215 TRP A N   1 
ATOM   1183 C  CA  . TRP A 1 212 ? 16.354  4.441   9.005   1.00 39.82 ? 215 TRP A CA  1 
ATOM   1184 C  C   . TRP A 1 212 ? 15.335  5.272   9.776   1.00 33.56 ? 215 TRP A C   1 
ATOM   1185 O  O   . TRP A 1 212 ? 15.266  5.175   10.977  1.00 30.50 ? 215 TRP A O   1 
ATOM   1186 C  CB  . TRP A 1 212 ? 17.817  4.897   9.268   1.00 44.99 ? 215 TRP A CB  1 
ATOM   1187 C  CG  . TRP A 1 212 ? 18.246  6.201   8.628   1.00 51.98 ? 215 TRP A CG  1 
ATOM   1188 C  CD1 . TRP A 1 212 ? 18.810  6.371   7.378   1.00 59.06 ? 215 TRP A CD1 1 
ATOM   1189 C  CD2 . TRP A 1 212 ? 18.175  7.507   9.208   1.00 53.75 ? 215 TRP A CD2 1 
ATOM   1190 N  NE1 . TRP A 1 212 ? 19.079  7.705   7.147   1.00 56.81 ? 215 TRP A NE1 1 
ATOM   1191 C  CE2 . TRP A 1 212 ? 18.699  8.425   8.250   1.00 55.67 ? 215 TRP A CE2 1 
ATOM   1192 C  CE3 . TRP A 1 212 ? 17.723  7.993   10.436  1.00 51.16 ? 215 TRP A CE3 1 
ATOM   1193 C  CZ2 . TRP A 1 212 ? 18.773  9.789   8.490   1.00 49.94 ? 215 TRP A CZ2 1 
ATOM   1194 C  CZ3 . TRP A 1 212 ? 17.794  9.343   10.673  1.00 53.22 ? 215 TRP A CZ3 1 
ATOM   1195 C  CH2 . TRP A 1 212 ? 18.314  10.232  9.703   1.00 54.04 ? 215 TRP A CH2 1 
ATOM   1196 N  N   . ALA A 1 213 ? 14.506  6.036   9.074   1.00 32.55 ? 216 ALA A N   1 
ATOM   1197 C  CA  . ALA A 1 213 ? 13.353  6.682   9.685   1.00 31.53 ? 216 ALA A CA  1 
ATOM   1198 C  C   . ALA A 1 213 ? 12.218  6.947   8.664   1.00 29.46 ? 216 ALA A C   1 
ATOM   1199 O  O   . ALA A 1 213 ? 12.444  7.033   7.455   1.00 29.99 ? 216 ALA A O   1 
ATOM   1200 C  CB  . ALA A 1 213 ? 13.817  7.983   10.352  1.00 32.59 ? 216 ALA A CB  1 
ATOM   1201 N  N   . GLU A 1 214 ? 11.006  7.098   9.179   1.00 27.88 ? 217 GLU A N   1 
ATOM   1202 C  CA  . GLU A 1 214 ? 9.813   7.406   8.378   1.00 29.28 ? 217 GLU A CA  1 
ATOM   1203 C  C   . GLU A 1 214 ? 9.991   8.722   7.586   1.00 30.32 ? 217 GLU A C   1 
ATOM   1204 O  O   . GLU A 1 214 ? 9.501   8.854   6.462   1.00 26.55 ? 217 GLU A O   1 
ATOM   1205 C  CB  . GLU A 1 214 ? 8.545   7.440   9.257   1.00 26.58 ? 217 GLU A CB  1 
ATOM   1206 C  CG  . GLU A 1 214 ? 7.265   7.426   8.464   1.00 28.96 ? 217 GLU A CG  1 
ATOM   1207 C  CD  . GLU A 1 214 ? 5.953   7.382   9.257   1.00 28.40 ? 217 GLU A CD  1 
ATOM   1208 O  OE1 . GLU A 1 214 ? 5.732   8.135   10.225  1.00 28.56 ? 217 GLU A OE1 1 
ATOM   1209 O  OE2 . GLU A 1 214 ? 5.051   6.657   8.807   1.00 30.13 ? 217 GLU A OE2 1 
ATOM   1210 N  N   . LEU A 1 215 ? 10.688  9.701   8.168   1.00 32.71 ? 218 LEU A N   1 
ATOM   1211 C  CA  . LEU A 1 215 ? 11.008  10.921  7.432   1.00 33.51 ? 218 LEU A CA  1 
ATOM   1212 C  C   . LEU A 1 215 ? 11.849  10.639  6.167   1.00 31.74 ? 218 LEU A C   1 
ATOM   1213 O  O   . LEU A 1 215 ? 11.599  11.214  5.128   1.00 31.51 ? 218 LEU A O   1 
ATOM   1214 C  CB  . LEU A 1 215 ? 11.705  11.913  8.364   1.00 36.48 ? 218 LEU A CB  1 
ATOM   1215 C  CG  . LEU A 1 215 ? 12.151  13.210  7.691   1.00 39.95 ? 218 LEU A CG  1 
ATOM   1216 C  CD1 . LEU A 1 215 ? 11.029  13.862  6.915   1.00 39.61 ? 218 LEU A CD1 1 
ATOM   1217 C  CD2 . LEU A 1 215 ? 12.693  14.170  8.738   1.00 40.00 ? 218 LEU A CD2 1 
ATOM   1218 N  N   . GLU A 1 216 ? 12.812  9.722   6.257   1.00 30.53 ? 219 GLU A N   1 
ATOM   1219 C  CA  . GLU A 1 216 ? 13.629  9.316   5.112   1.00 33.34 ? 219 GLU A CA  1 
ATOM   1220 C  C   . GLU A 1 216 ? 12.814  8.596   4.038   1.00 31.58 ? 219 GLU A C   1 
ATOM   1221 O  O   . GLU A 1 216 ? 12.967  8.876   2.852   1.00 27.27 ? 219 GLU A O   1 
ATOM   1222 C  CB  . GLU A 1 216 ? 14.825  8.437   5.564   1.00 38.63 ? 219 GLU A CB  1 
ATOM   1223 C  CG  . GLU A 1 216 ? 16.188  9.147   5.510   1.00 46.02 ? 219 GLU A CG  1 
ATOM   1224 C  CD  . GLU A 1 216 ? 16.145  10.538  6.074   1.00 47.07 ? 219 GLU A CD  1 
ATOM   1225 O  OE1 . GLU A 1 216 ? 16.421  11.511  5.339   1.00 54.63 ? 219 GLU A OE1 1 
ATOM   1226 O  OE2 . GLU A 1 216 ? 15.762  10.672  7.245   1.00 56.81 ? 219 GLU A OE2 1 
ATOM   1227 N  N   . LEU A 1 217 ? 11.945  7.685   4.477   1.00 28.96 ? 220 LEU A N   1 
ATOM   1228 C  CA  . LEU A 1 217 ? 10.947  7.062   3.595   1.00 28.46 ? 220 LEU A CA  1 
ATOM   1229 C  C   . LEU A 1 217 ? 10.191  8.100   2.808   1.00 27.36 ? 220 LEU A C   1 
ATOM   1230 O  O   . LEU A 1 217 ? 10.051  8.011   1.600   1.00 26.72 ? 220 LEU A O   1 
ATOM   1231 C  CB  . LEU A 1 217 ? 9.960   6.246   4.433   1.00 28.58 ? 220 LEU A CB  1 
ATOM   1232 C  CG  . LEU A 1 217 ? 8.865   5.556   3.669   1.00 28.54 ? 220 LEU A CG  1 
ATOM   1233 C  CD1 . LEU A 1 217 ? 9.401   4.434   2.808   1.00 29.92 ? 220 LEU A CD1 1 
ATOM   1234 C  CD2 . LEU A 1 217 ? 7.895   5.014   4.685   1.00 30.49 ? 220 LEU A CD2 1 
ATOM   1235 N  N   . VAL A 1 218 ? 9.715   9.094   3.518   1.00 28.75 ? 221 VAL A N   1 
ATOM   1236 C  CA  . VAL A 1 218 ? 8.905   10.133  2.917   1.00 32.94 ? 221 VAL A CA  1 
ATOM   1237 C  C   . VAL A 1 218 ? 9.712   10.955  1.917   1.00 32.40 ? 221 VAL A C   1 
ATOM   1238 O  O   . VAL A 1 218 ? 9.237   11.175  0.804   1.00 30.99 ? 221 VAL A O   1 
ATOM   1239 C  CB  . VAL A 1 218 ? 8.181   11.002  3.991   1.00 33.33 ? 221 VAL A CB  1 
ATOM   1240 C  CG1 . VAL A 1 218 ? 7.823   12.384  3.440   1.00 36.28 ? 221 VAL A CG1 1 
ATOM   1241 C  CG2 . VAL A 1 218 ? 6.948   10.254  4.463   1.00 30.38 ? 221 VAL A CG2 1 
ATOM   1242 N  N   . ASN A 1 219 ? 10.915  11.376  2.297   1.00 31.74 ? 222 ASN A N   1 
ATOM   1243 C  CA  . ASN A 1 219 ? 11.741  12.225  1.419   1.00 31.82 ? 222 ASN A CA  1 
ATOM   1244 C  C   . ASN A 1 219 ? 12.342  11.475  0.268   1.00 30.28 ? 222 ASN A C   1 
ATOM   1245 O  O   . ASN A 1 219 ? 12.465  12.029  -0.790  1.00 29.14 ? 222 ASN A O   1 
ATOM   1246 C  CB  . ASN A 1 219 ? 12.891  12.869  2.187   1.00 38.47 ? 222 ASN A CB  1 
ATOM   1247 C  CG  . ASN A 1 219 ? 12.404  13.760  3.298   1.00 45.45 ? 222 ASN A CG  1 
ATOM   1248 O  OD1 . ASN A 1 219 ? 11.320  14.355  3.211   1.00 42.76 ? 222 ASN A OD1 1 
ATOM   1249 N  ND2 . ASN A 1 219 ? 13.188  13.846  4.367   1.00 52.66 ? 222 ASN A ND2 1 
ATOM   1250 N  N   . HIS A 1 220 ? 12.735  10.228  0.489   1.00 29.59 ? 223 HIS A N   1 
ATOM   1251 C  CA  . HIS A 1 220 ? 13.509  9.492   -0.498  1.00 33.29 ? 223 HIS A CA  1 
ATOM   1252 C  C   . HIS A 1 220 ? 12.742  8.435   -1.283  1.00 30.98 ? 223 HIS A C   1 
ATOM   1253 O  O   . HIS A 1 220 ? 13.296  7.887   -2.203  1.00 31.85 ? 223 HIS A O   1 
ATOM   1254 C  CB  . HIS A 1 220 ? 14.738  8.848   0.155   1.00 34.66 ? 223 HIS A CB  1 
ATOM   1255 C  CG  . HIS A 1 220 ? 15.782  9.830   0.580   1.00 44.87 ? 223 HIS A CG  1 
ATOM   1256 N  ND1 . HIS A 1 220 ? 15.855  11.118  0.086   1.00 48.47 ? 223 HIS A ND1 1 
ATOM   1257 C  CD2 . HIS A 1 220 ? 16.822  9.698   1.427   1.00 46.14 ? 223 HIS A CD2 1 
ATOM   1258 C  CE1 . HIS A 1 220 ? 16.877  11.741  0.635   1.00 48.98 ? 223 HIS A CE1 1 
ATOM   1259 N  NE2 . HIS A 1 220 ? 17.481  10.901  1.448   1.00 47.83 ? 223 HIS A NE2 1 
ATOM   1260 N  N   . TYR A 1 221 ? 11.499  8.156   -0.924  1.00 27.43 ? 224 TYR A N   1 
ATOM   1261 C  CA  . TYR A 1 221 ? 10.700  7.118   -1.581  1.00 25.45 ? 224 TYR A CA  1 
ATOM   1262 C  C   . TYR A 1 221 ? 9.281   7.613   -1.908  1.00 22.57 ? 224 TYR A C   1 
ATOM   1263 O  O   . TYR A 1 221 ? 8.908   7.649   -3.053  1.00 25.34 ? 224 TYR A O   1 
ATOM   1264 C  CB  . TYR A 1 221 ? 10.672  5.881   -0.682  1.00 25.62 ? 224 TYR A CB  1 
ATOM   1265 C  CG  . TYR A 1 221 ? 9.922   4.728   -1.282  1.00 27.93 ? 224 TYR A CG  1 
ATOM   1266 C  CD1 . TYR A 1 221 ? 10.473  3.974   -2.310  1.00 29.31 ? 224 TYR A CD1 1 
ATOM   1267 C  CD2 . TYR A 1 221 ? 8.653   4.408   -0.852  1.00 27.22 ? 224 TYR A CD2 1 
ATOM   1268 C  CE1 . TYR A 1 221 ? 9.769   2.906   -2.883  1.00 31.75 ? 224 TYR A CE1 1 
ATOM   1269 C  CE2 . TYR A 1 221 ? 7.931   3.347   -1.438  1.00 29.48 ? 224 TYR A CE2 1 
ATOM   1270 C  CZ  . TYR A 1 221 ? 8.494   2.602   -2.434  1.00 27.15 ? 224 TYR A CZ  1 
ATOM   1271 O  OH  . TYR A 1 221 ? 7.813   1.577   -2.980  1.00 26.60 ? 224 TYR A OH  1 
ATOM   1272 N  N   . ILE A 1 222 ? 8.519   8.043   -0.923  1.00 21.83 ? 225 ILE A N   1 
ATOM   1273 C  CA  . ILE A 1 222 ? 7.103   8.429   -1.127  1.00 22.25 ? 225 ILE A CA  1 
ATOM   1274 C  C   . ILE A 1 222 ? 7.039   9.648   -2.000  1.00 23.02 ? 225 ILE A C   1 
ATOM   1275 O  O   . ILE A 1 222 ? 6.375   9.656   -3.047  1.00 20.59 ? 225 ILE A O   1 
ATOM   1276 C  CB  . ILE A 1 222 ? 6.363   8.691   0.221   1.00 23.34 ? 225 ILE A CB  1 
ATOM   1277 C  CG1 . ILE A 1 222 ? 6.251   7.412   1.061   1.00 24.34 ? 225 ILE A CG1 1 
ATOM   1278 C  CG2 . ILE A 1 222 ? 4.988   9.309   0.025   1.00 23.91 ? 225 ILE A CG2 1 
ATOM   1279 C  CD1 . ILE A 1 222 ? 5.556   6.240   0.385   1.00 24.88 ? 225 ILE A CD1 1 
ATOM   1280 N  N   . SER A 1 223 ? 7.727   10.705  -1.575  1.00 26.84 ? 226 SER A N   1 
ATOM   1281 C  CA  . SER A 1 223 ? 7.621   12.017  -2.264  1.00 27.69 ? 226 SER A CA  1 
ATOM   1282 C  C   . SER A 1 223 ? 8.108   12.025  -3.728  1.00 26.29 ? 226 SER A C   1 
ATOM   1283 O  O   . SER A 1 223 ? 7.354   12.486  -4.639  1.00 26.41 ? 226 SER A O   1 
ATOM   1284 C  CB  . SER A 1 223 ? 8.277   13.124  -1.423  1.00 31.07 ? 226 SER A CB  1 
ATOM   1285 O  OG  . SER A 1 223 ? 8.302   14.356  -2.131  1.00 39.70 ? 226 SER A OG  1 
ATOM   1286 N  N   . PRO A 1 224 ? 9.305   11.468  -4.010  1.00 27.21 ? 227 PRO A N   1 
ATOM   1287 C  CA  . PRO A 1 224 ? 9.764   11.495  -5.433  1.00 27.09 ? 227 PRO A CA  1 
ATOM   1288 C  C   . PRO A 1 224 ? 9.017   10.575  -6.371  1.00 27.43 ? 227 PRO A C   1 
ATOM   1289 O  O   . PRO A 1 224 ? 9.146   10.711  -7.610  1.00 29.38 ? 227 PRO A O   1 
ATOM   1290 C  CB  . PRO A 1 224 ? 11.243  11.076  -5.367  1.00 27.91 ? 227 PRO A CB  1 
ATOM   1291 C  CG  . PRO A 1 224 ? 11.497  10.632  -3.989  1.00 28.18 ? 227 PRO A CG  1 
ATOM   1292 C  CD  . PRO A 1 224 ? 10.373  11.049  -3.086  1.00 29.20 ? 227 PRO A CD  1 
ATOM   1293 N  N   . ASN A 1 225 ? 8.278   9.612   -5.815  1.00 24.50 ? 228 ASN A N   1 
ATOM   1294 C  CA  . ASN A 1 225 ? 7.504   8.688   -6.638  1.00 25.57 ? 228 ASN A CA  1 
ATOM   1295 C  C   . ASN A 1 225 ? 6.042   9.077   -6.692  1.00 23.45 ? 228 ASN A C   1 
ATOM   1296 O  O   . ASN A 1 225 ? 5.288   8.448   -7.404  1.00 22.74 ? 228 ASN A O   1 
ATOM   1297 C  CB  . ASN A 1 225 ? 7.610   7.277   -6.097  1.00 26.24 ? 228 ASN A CB  1 
ATOM   1298 C  CG  . ASN A 1 225 ? 8.938   6.660   -6.373  1.00 28.19 ? 228 ASN A CG  1 
ATOM   1299 O  OD1 . ASN A 1 225 ? 9.321   6.501   -7.535  1.00 31.15 ? 228 ASN A OD1 1 
ATOM   1300 N  ND2 . ASN A 1 225 ? 9.631   6.273   -5.335  1.00 26.13 ? 228 ASN A ND2 1 
ATOM   1301 N  N   . ALA A 1 226 ? 5.660   10.105  -5.930  1.00 23.45 ? 229 ALA A N   1 
ATOM   1302 C  CA  . ALA A 1 226 ? 4.269   10.535  -5.857  1.00 24.75 ? 229 ALA A CA  1 
ATOM   1303 C  C   . ALA A 1 226 ? 3.411   9.382   -5.400  1.00 23.75 ? 229 ALA A C   1 
ATOM   1304 O  O   . ALA A 1 226 ? 2.350   9.177   -5.930  1.00 23.50 ? 229 ALA A O   1 
ATOM   1305 C  CB  . ALA A 1 226 ? 3.785   11.055  -7.209  1.00 26.22 ? 229 ALA A CB  1 
ATOM   1306 N  N   . TYR A 1 227 ? 3.877   8.613   -4.423  1.00 22.40 ? 230 TYR A N   1 
ATOM   1307 C  CA  . TYR A 1 227 ? 3.099   7.495   -3.960  1.00 22.85 ? 230 TYR A CA  1 
ATOM   1308 C  C   . TYR A 1 227 ? 2.117   7.845   -2.869  1.00 22.80 ? 230 TYR A C   1 
ATOM   1309 O  O   . TYR A 1 227 ? 2.320   8.779   -2.108  1.00 24.55 ? 230 TYR A O   1 
ATOM   1310 C  CB  . TYR A 1 227 ? 3.991   6.366   -3.489  1.00 25.40 ? 230 TYR A CB  1 
ATOM   1311 C  CG  . TYR A 1 227 ? 4.721   5.618   -4.579  1.00 23.94 ? 230 TYR A CG  1 
ATOM   1312 C  CD1 . TYR A 1 227 ? 4.277   5.587   -5.908  1.00 25.40 ? 230 TYR A CD1 1 
ATOM   1313 C  CD2 . TYR A 1 227 ? 5.808   4.873   -4.252  1.00 25.92 ? 230 TYR A CD2 1 
ATOM   1314 C  CE1 . TYR A 1 227 ? 4.937   4.837   -6.860  1.00 25.55 ? 230 TYR A CE1 1 
ATOM   1315 C  CE2 . TYR A 1 227 ? 6.458   4.115   -5.186  1.00 26.13 ? 230 TYR A CE2 1 
ATOM   1316 C  CZ  . TYR A 1 227 ? 6.024   4.096   -6.478  1.00 25.67 ? 230 TYR A CZ  1 
ATOM   1317 O  OH  . TYR A 1 227 ? 6.748   3.317   -7.357  1.00 27.34 ? 230 TYR A OH  1 
ATOM   1318 N  N   . PRO A 1 228 ? 1.032   7.060   -2.770  1.00 21.92 ? 231 PRO A N   1 
ATOM   1319 C  CA  . PRO A 1 228 ? 0.138   7.287   -1.681  1.00 21.46 ? 231 PRO A CA  1 
ATOM   1320 C  C   . PRO A 1 228 ? 0.782   6.878   -0.364  1.00 22.00 ? 231 PRO A C   1 
ATOM   1321 O  O   . PRO A 1 228 ? 1.491   5.868   -0.310  1.00 23.08 ? 231 PRO A O   1 
ATOM   1322 C  CB  . PRO A 1 228 ? -1.058  6.385   -2.036  1.00 23.58 ? 231 PRO A CB  1 
ATOM   1323 C  CG  . PRO A 1 228 ? -0.529  5.270   -2.883  1.00 21.58 ? 231 PRO A CG  1 
ATOM   1324 C  CD  . PRO A 1 228 ? 0.588   5.949   -3.645  1.00 21.83 ? 231 PRO A CD  1 
ATOM   1325 N  N   . TYR A 1 229 ? 0.531   7.629   0.705   1.00 21.65 ? 232 TYR A N   1 
ATOM   1326 C  CA  . TYR A 1 229 ? 1.030   7.232   2.015   1.00 23.20 ? 232 TYR A CA  1 
ATOM   1327 C  C   . TYR A 1 229 ? 0.231   7.889   3.121   1.00 23.20 ? 232 TYR A C   1 
ATOM   1328 O  O   . TYR A 1 229 ? -0.507  8.869   2.896   1.00 23.37 ? 232 TYR A O   1 
ATOM   1329 C  CB  . TYR A 1 229 ? 2.533   7.536   2.159   1.00 22.64 ? 232 TYR A CB  1 
ATOM   1330 C  CG  . TYR A 1 229 ? 3.210   6.904   3.358   1.00 22.60 ? 232 TYR A CG  1 
ATOM   1331 C  CD1 . TYR A 1 229 ? 3.346   5.535   3.467   1.00 22.17 ? 232 TYR A CD1 1 
ATOM   1332 C  CD2 . TYR A 1 229 ? 3.750   7.683   4.381   1.00 24.34 ? 232 TYR A CD2 1 
ATOM   1333 C  CE1 . TYR A 1 229 ? 3.979   4.972   4.555   1.00 20.63 ? 232 TYR A CE1 1 
ATOM   1334 C  CE2 . TYR A 1 229 ? 4.369   7.115   5.477   1.00 22.14 ? 232 TYR A CE2 1 
ATOM   1335 C  CZ  . TYR A 1 229 ? 4.455   5.761   5.569   1.00 21.44 ? 232 TYR A CZ  1 
ATOM   1336 O  OH  . TYR A 1 229 ? 5.074   5.183   6.648   1.00 20.16 ? 232 TYR A OH  1 
ATOM   1337 N  N   . LEU A 1 230 ? 0.360   7.288   4.298   1.00 23.91 ? 233 LEU A N   1 
ATOM   1338 C  CA  . LEU A 1 230 ? -0.137  7.814   5.553   1.00 25.27 ? 233 LEU A CA  1 
ATOM   1339 C  C   . LEU A 1 230 ? 0.945   7.680   6.604   1.00 23.52 ? 233 LEU A C   1 
ATOM   1340 O  O   . LEU A 1 230 ? 1.402   6.581   6.906   1.00 24.73 ? 233 LEU A O   1 
ATOM   1341 C  CB  . LEU A 1 230 ? -1.358  7.002   5.951   1.00 30.07 ? 233 LEU A CB  1 
ATOM   1342 C  CG  . LEU A 1 230 ? -2.680  7.671   6.283   1.00 35.44 ? 233 LEU A CG  1 
ATOM   1343 C  CD1 . LEU A 1 230 ? -3.183  8.700   5.272   1.00 35.20 ? 233 LEU A CD1 1 
ATOM   1344 C  CD2 . LEU A 1 230 ? -3.690  6.526   6.457   1.00 37.74 ? 233 LEU A CD2 1 
ATOM   1345 N  N   . ASP A 1 231 ? 1.343   8.776   7.206   1.00 23.10 ? 234 ASP A N   1 
ATOM   1346 C  CA  . ASP A 1 231 ? 2.416   8.704   8.145   1.00 24.46 ? 234 ASP A CA  1 
ATOM   1347 C  C   . ASP A 1 231 ? 1.896   8.562   9.561   1.00 24.14 ? 234 ASP A C   1 
ATOM   1348 O  O   . ASP A 1 231 ? 0.726   8.503   9.807   1.00 22.01 ? 234 ASP A O   1 
ATOM   1349 C  CB  . ASP A 1 231 ? 3.382   9.883   7.970   1.00 25.10 ? 234 ASP A CB  1 
ATOM   1350 C  CG  . ASP A 1 231 ? 2.815   11.228  8.448   1.00 30.71 ? 234 ASP A CG  1 
ATOM   1351 O  OD1 . ASP A 1 231 ? 1.739   11.289  9.182   1.00 26.85 ? 234 ASP A OD1 1 
ATOM   1352 O  OD2 . ASP A 1 231 ? 3.475   12.243  8.027   1.00 26.70 ? 234 ASP A OD2 1 
ATOM   1353 N  N   . ILE A 1 232 ? 2.804   8.531   10.496  1.00 28.66 ? 235 ILE A N   1 
ATOM   1354 C  CA  . ILE A 1 232 ? 2.450   8.259   11.879  1.00 33.04 ? 235 ILE A CA  1 
ATOM   1355 C  C   . ILE A 1 232 ? 1.454   9.264   12.430  1.00 31.64 ? 235 ILE A C   1 
ATOM   1356 O  O   . ILE A 1 232 ? 0.639   8.908   13.265  1.00 30.18 ? 235 ILE A O   1 
ATOM   1357 C  CB  . ILE A 1 232 ? 3.709   8.177   12.759  1.00 35.58 ? 235 ILE A CB  1 
ATOM   1358 C  CG1 . ILE A 1 232 ? 3.385   7.532   14.132  1.00 36.47 ? 235 ILE A CG1 1 
ATOM   1359 C  CG2 . ILE A 1 232 ? 4.371   9.556   12.878  1.00 38.55 ? 235 ILE A CG2 1 
ATOM   1360 C  CD1 . ILE A 1 232 ? 4.029   6.181   14.327  1.00 38.54 ? 235 ILE A CD1 1 
ATOM   1361 N  N   . ASN A 1 233 ? 1.469   10.488  11.915  1.00 29.63 ? 236 ASN A N   1 
ATOM   1362 C  CA  . ASN A 1 233 ? 0.527   11.495  12.355  1.00 28.82 ? 236 ASN A CA  1 
ATOM   1363 C  C   . ASN A 1 233 ? -0.748  11.459  11.578  1.00 27.76 ? 236 ASN A C   1 
ATOM   1364 O  O   . ASN A 1 233 ? -1.571  12.356  11.702  1.00 29.66 ? 236 ASN A O   1 
ATOM   1365 C  CB  . ASN A 1 233 ? 1.176   12.888  12.301  1.00 31.68 ? 236 ASN A CB  1 
ATOM   1366 C  CG  . ASN A 1 233 ? 2.486   12.949  13.094  1.00 34.34 ? 236 ASN A CG  1 
ATOM   1367 O  OD1 . ASN A 1 233 ? 2.555   12.412  14.170  1.00 38.24 ? 236 ASN A OD1 1 
ATOM   1368 N  ND2 . ASN A 1 233 ? 3.521   13.600  12.556  1.00 38.60 ? 236 ASN A ND2 1 
ATOM   1369 N  N   . ASN A 1 234 ? -0.953  10.425  10.778  1.00 26.58 ? 237 ASN A N   1 
ATOM   1370 C  CA  . ASN A 1 234 ? -2.080  10.351  9.869   1.00 26.68 ? 237 ASN A CA  1 
ATOM   1371 C  C   . ASN A 1 234 ? -2.089  11.445  8.815   1.00 28.83 ? 237 ASN A C   1 
ATOM   1372 O  O   . ASN A 1 234 ? -3.162  11.831  8.321   1.00 26.10 ? 237 ASN A O   1 
ATOM   1373 C  CB  . ASN A 1 234 ? -3.417  10.381  10.626  1.00 28.45 ? 237 ASN A CB  1 
ATOM   1374 C  CG  . ASN A 1 234 ? -4.472  9.533   9.945   1.00 32.36 ? 237 ASN A CG  1 
ATOM   1375 O  OD1 . ASN A 1 234 ? -4.297  8.318   9.796   1.00 40.56 ? 237 ASN A OD1 1 
ATOM   1376 N  ND2 . ASN A 1 234 ? -5.542  10.151  9.507   1.00 32.03 ? 237 ASN A ND2 1 
ATOM   1377 N  N   . HIS A 1 235 ? -0.905  11.956  8.463   1.00 26.79 ? 238 HIS A N   1 
ATOM   1378 C  CA  . HIS A 1 235 ? -0.841  12.897  7.386   1.00 26.43 ? 238 HIS A CA  1 
ATOM   1379 C  C   . HIS A 1 235 ? -0.898  12.108  6.070   1.00 24.41 ? 238 HIS A C   1 
ATOM   1380 O  O   . HIS A 1 235 ? -0.213  11.099  5.938   1.00 26.91 ? 238 HIS A O   1 
ATOM   1381 C  CB  . HIS A 1 235 ? 0.464   13.690  7.477   1.00 27.22 ? 238 HIS A CB  1 
ATOM   1382 C  CG  . HIS A 1 235 ? 0.455   14.867  6.608   1.00 29.63 ? 238 HIS A CG  1 
ATOM   1383 N  ND1 . HIS A 1 235 ? -0.404  15.921  6.818   1.00 35.02 ? 238 HIS A ND1 1 
ATOM   1384 C  CD2 . HIS A 1 235 ? 1.078   15.116  5.443   1.00 32.53 ? 238 HIS A CD2 1 
ATOM   1385 C  CE1 . HIS A 1 235 ? -0.277  16.798  5.849   1.00 32.74 ? 238 HIS A CE1 1 
ATOM   1386 N  NE2 . HIS A 1 235 ? 0.641   16.345  5.023   1.00 36.96 ? 238 HIS A NE2 1 
ATOM   1387 N  N   . SER A 1 236 ? -1.695  12.571  5.120   1.00 22.89 ? 239 SER A N   1 
ATOM   1388 C  CA  . SER A 1 236 ? -1.838  11.971  3.799   1.00 23.90 ? 239 SER A CA  1 
ATOM   1389 C  C   . SER A 1 236 ? -0.881  12.505  2.763   1.00 23.46 ? 239 SER A C   1 
ATOM   1390 O  O   . SER A 1 236 ? -0.659  13.727  2.679   1.00 26.94 ? 239 SER A O   1 
ATOM   1391 C  CB  . SER A 1 236 ? -3.197  12.261  3.268   1.00 24.46 ? 239 SER A CB  1 
ATOM   1392 O  OG  . SER A 1 236 ? -4.104  11.728  4.176   1.00 27.81 ? 239 SER A OG  1 
ATOM   1393 N  N   . TYR A 1 237 ? -0.334  11.584  1.986   1.00 22.84 ? 240 TYR A N   1 
ATOM   1394 C  CA  . TYR A 1 237 ? 0.530   11.867  0.852   1.00 25.27 ? 240 TYR A CA  1 
ATOM   1395 C  C   . TYR A 1 237 ? -0.033  11.292  -0.441  1.00 25.66 ? 240 TYR A C   1 
ATOM   1396 O  O   . TYR A 1 237 ? -0.668  10.245  -0.445  1.00 26.39 ? 240 TYR A O   1 
ATOM   1397 C  CB  . TYR A 1 237 ? 1.901   11.254  1.035   1.00 25.06 ? 240 TYR A CB  1 
ATOM   1398 C  CG  . TYR A 1 237 ? 2.619   11.732  2.262   1.00 26.46 ? 240 TYR A CG  1 
ATOM   1399 C  CD1 . TYR A 1 237 ? 2.252   11.272  3.530   1.00 27.52 ? 240 TYR A CD1 1 
ATOM   1400 C  CD2 . TYR A 1 237 ? 3.668   12.614  2.166   1.00 26.21 ? 240 TYR A CD2 1 
ATOM   1401 C  CE1 . TYR A 1 237 ? 2.911   11.684  4.665   1.00 26.56 ? 240 TYR A CE1 1 
ATOM   1402 C  CE2 . TYR A 1 237 ? 4.309   13.060  3.301   1.00 26.77 ? 240 TYR A CE2 1 
ATOM   1403 C  CZ  . TYR A 1 237 ? 3.934   12.602  4.545   1.00 27.08 ? 240 TYR A CZ  1 
ATOM   1404 O  OH  . TYR A 1 237 ? 4.578   13.070  5.692   1.00 24.61 ? 240 TYR A OH  1 
ATOM   1405 N  N   . GLY A 1 238 ? 0.276   11.953  -1.536  1.00 25.22 ? 241 GLY A N   1 
ATOM   1406 C  CA  . GLY A 1 238 ? -0.137  11.517  -2.882  1.00 25.95 ? 241 GLY A CA  1 
ATOM   1407 C  C   . GLY A 1 238 ? -0.414  12.750  -3.716  1.00 25.29 ? 241 GLY A C   1 
ATOM   1408 O  O   . GLY A 1 238 ? -0.308  13.861  -3.227  1.00 26.74 ? 241 GLY A O   1 
ATOM   1409 N  N   . VAL A 1 239 ? -0.795  12.561  -4.964  1.00 26.53 ? 242 VAL A N   1 
ATOM   1410 C  CA  . VAL A 1 239 ? -1.008  13.691  -5.869  1.00 29.35 ? 242 VAL A CA  1 
ATOM   1411 C  C   . VAL A 1 239 ? -2.370  13.486  -6.534  1.00 30.24 ? 242 VAL A C   1 
ATOM   1412 O  O   . VAL A 1 239 ? -2.628  12.406  -7.100  1.00 26.95 ? 242 VAL A O   1 
ATOM   1413 C  CB  . VAL A 1 239 ? 0.140   13.786  -6.953  1.00 32.32 ? 242 VAL A CB  1 
ATOM   1414 C  CG1 . VAL A 1 239 ? -0.048  15.013  -7.838  1.00 32.57 ? 242 VAL A CG1 1 
ATOM   1415 C  CG2 . VAL A 1 239 ? 1.522   13.861  -6.294  1.00 32.57 ? 242 VAL A CG2 1 
ATOM   1416 N  N   . ALA A 1 240 ? -3.236  14.507  -6.439  1.00 30.21 ? 243 ALA A N   1 
ATOM   1417 C  CA  . ALA A 1 240 ? -4.542  14.459  -7.111  1.00 32.24 ? 243 ALA A CA  1 
ATOM   1418 C  C   . ALA A 1 240 ? -4.344  14.891  -8.567  1.00 33.92 ? 243 ALA A C   1 
ATOM   1419 O  O   . ALA A 1 240 ? -3.747  15.946  -8.832  1.00 28.86 ? 243 ALA A O   1 
ATOM   1420 C  CB  . ALA A 1 240 ? -5.539  15.367  -6.421  1.00 33.63 ? 243 ALA A CB  1 
ATOM   1421 N  N   . LEU A 1 241 ? -4.858  14.057  -9.484  1.00 34.32 ? 244 LEU A N   1 
ATOM   1422 C  CA  . LEU A 1 241 ? -4.633  14.153  -10.924 1.00 34.35 ? 244 LEU A CA  1 
ATOM   1423 C  C   . LEU A 1 241 ? -5.907  14.282  -11.791 1.00 37.86 ? 244 LEU A C   1 
ATOM   1424 O  O   . LEU A 1 241 ? -5.868  14.998  -12.795 1.00 36.14 ? 244 LEU A O   1 
ATOM   1425 C  CB  . LEU A 1 241 ? -3.831  12.929  -11.357 1.00 35.84 ? 244 LEU A CB  1 
ATOM   1426 C  CG  . LEU A 1 241 ? -2.430  12.819  -10.730 1.00 35.13 ? 244 LEU A CG  1 
ATOM   1427 C  CD1 . LEU A 1 241 ? -1.835  11.423  -10.859 1.00 35.45 ? 244 LEU A CD1 1 
ATOM   1428 C  CD2 . LEU A 1 241 ? -1.492  13.865  -11.306 1.00 38.10 ? 244 LEU A CD2 1 
ATOM   1429 N  N   . SER A 1 242 ? -7.010  13.598  -11.436 1.00 37.73 ? 245 SER A N   1 
ATOM   1430 C  CA  . SER A 1 242 ? -8.220  13.602  -12.265 1.00 41.67 ? 245 SER A CA  1 
ATOM   1431 C  C   . SER A 1 242 ? -8.657  15.017  -12.548 1.00 38.20 ? 245 SER A C   1 
ATOM   1432 O  O   . SER A 1 242 ? -9.023  15.740  -11.623 1.00 34.16 ? 245 SER A O   1 
ATOM   1433 C  CB  . SER A 1 242 ? -9.414  12.850  -11.634 1.00 46.95 ? 245 SER A CB  1 
ATOM   1434 O  OG  . SER A 1 242 ? -9.550  11.562  -12.188 1.00 53.30 ? 245 SER A OG  1 
ATOM   1435 N  N   . ASN A 1 243 ? -8.575  15.400  -13.820 1.00 38.35 ? 246 ASN A N   1 
ATOM   1436 C  CA  . ASN A 1 243 ? -9.044  16.692  -14.285 1.00 43.24 ? 246 ASN A CA  1 
ATOM   1437 C  C   . ASN A 1 243 ? -8.601  17.892  -13.443 1.00 43.25 ? 246 ASN A C   1 
ATOM   1438 O  O   . ASN A 1 243 ? -9.380  18.804  -13.167 1.00 41.19 ? 246 ASN A O   1 
ATOM   1439 C  CB  . ASN A 1 243 ? -10.560 16.687  -14.424 1.00 47.98 ? 246 ASN A CB  1 
ATOM   1440 C  CG  . ASN A 1 243 ? -11.020 17.861  -15.231 1.00 52.78 ? 246 ASN A CG  1 
ATOM   1441 O  OD1 . ASN A 1 243 ? -10.693 17.965  -16.415 1.00 55.69 ? 246 ASN A OD1 1 
ATOM   1442 N  ND2 . ASN A 1 243 ? -11.675 18.809  -14.577 1.00 55.42 ? 246 ASN A ND2 1 
ATOM   1443 N  N   . ARG A 1 244 ? -7.334  17.850  -13.047 1.00 41.40 ? 247 ARG A N   1 
ATOM   1444 C  CA  . ARG A 1 244 ? -6.675  18.885  -12.270 1.00 39.66 ? 247 ARG A CA  1 
ATOM   1445 C  C   . ARG A 1 244 ? -5.426  19.300  -13.016 1.00 37.43 ? 247 ARG A C   1 
ATOM   1446 O  O   . ARG A 1 244 ? -4.834  18.519  -13.774 1.00 35.02 ? 247 ARG A O   1 
ATOM   1447 C  CB  . ARG A 1 244 ? -6.261  18.341  -10.903 1.00 41.65 ? 247 ARG A CB  1 
ATOM   1448 C  CG  . ARG A 1 244 ? -7.430  18.076  -9.986  1.00 44.15 ? 247 ARG A CG  1 
ATOM   1449 C  CD  . ARG A 1 244 ? -6.952  17.332  -8.781  1.00 48.69 ? 247 ARG A CD  1 
ATOM   1450 N  NE  . ARG A 1 244 ? -7.935  17.415  -7.712  1.00 53.85 ? 247 ARG A NE  1 
ATOM   1451 C  CZ  . ARG A 1 244 ? -9.035  16.673  -7.645  1.00 50.05 ? 247 ARG A CZ  1 
ATOM   1452 N  NH1 . ARG A 1 244 ? -9.325  15.764  -8.578  1.00 51.96 ? 247 ARG A NH1 1 
ATOM   1453 N  NH2 . ARG A 1 244 ? -9.843  16.832  -6.624  1.00 49.47 ? 247 ARG A NH2 1 
ATOM   1454 N  N   . GLN A 1 245 ? -5.000  20.530  -12.735 1.00 41.09 ? 248 GLN A N   1 
ATOM   1455 C  CA  . GLN A 1 245 ? -3.745  21.088  -13.244 1.00 43.13 ? 248 GLN A CA  1 
ATOM   1456 C  C   . GLN A 1 245 ? -2.590  21.001  -12.215 1.00 49.53 ? 248 GLN A C   1 
ATOM   1457 O  O   . GLN A 1 245 ? -2.821  20.970  -11.003 1.00 57.56 ? 248 GLN A O   1 
ATOM   1458 C  CB  . GLN A 1 245 ? -3.997  22.518  -13.684 1.00 40.42 ? 248 GLN A CB  1 
ATOM   1459 C  CG  . GLN A 1 245 ? -4.988  22.614  -14.843 1.00 36.41 ? 248 GLN A CG  1 
ATOM   1460 C  CD  . GLN A 1 245 ? -5.252  24.052  -15.252 1.00 35.43 ? 248 GLN A CD  1 
ATOM   1461 O  OE1 . GLN A 1 245 ? -5.271  24.956  -14.409 1.00 34.51 ? 248 GLN A OE1 1 
ATOM   1462 N  NE2 . GLN A 1 245 ? -5.468  24.273  -16.542 1.00 34.79 ? 248 GLN A NE2 1 
ATOM   1463 O  OXT . GLN A 1 245 ? -1.392  20.921  -12.543 1.00 47.59 ? 248 GLN A OXT 1 
HETATM 1464 PD PD  . PD  B 2 .   ? -9.800  -7.878  -14.740 1.00 43.69 ? 301 PD  A PD  1 
HETATM 1465 PD PD  . PD  C 2 .   ? 17.943  11.672  3.626   0.78 50.75 ? 302 PD  A PD  1 
HETATM 1466 PD PD  . PD  D 2 .   ? 16.226  10.978  -2.266  1.00 49.11 ? 303 PD  A PD  1 
HETATM 1467 PD PD  . PD  E 2 .   ? 13.651  -7.866  0.439   0.40 55.79 ? 304 PD  A PD  1 
HETATM 1468 PD PD  . PD  F 2 .   ? 15.138  -5.645  0.837   0.40 52.57 ? 305 PD  A PD  1 
HETATM 1469 PD PD  . PD  G 2 .   ? 14.094  -6.551  -3.285  0.40 55.81 ? 306 PD  A PD  1 
HETATM 1470 PD PD  . PD  H 2 .   ? -2.062  16.157  8.745   0.40 57.20 ? 307 PD  A PD  1 
HETATM 1471 C  C20 . PLL I 3 .   ? 1.712   16.905  1.029   1.00 42.29 ? 308 PLL A C20 1 
HETATM 1472 C  C21 . PLL I 3 .   ? 2.589   16.087  1.933   1.00 38.11 ? 308 PLL A C21 1 
HETATM 1473 PD PD  . PLL I 3 .   ? 1.073   16.924  2.853   1.00 35.26 ? 308 PLL A PD  1 
HETATM 1474 C  C19 . PLL I 3 .   ? 2.941   16.746  3.219   1.00 36.88 ? 308 PLL A C19 1 
HETATM 1475 O  O   . HOH J 4 .   ? 14.081  -4.566  -3.671  1.00 21.62 ? 401 HOH A O   1 
HETATM 1476 O  O   . HOH J 4 .   ? -12.002 -7.881  1.500   1.00 19.87 ? 402 HOH A O   1 
HETATM 1477 O  O   . HOH J 4 .   ? -5.348  -6.275  5.303   1.00 19.73 ? 403 HOH A O   1 
HETATM 1478 O  O   . HOH J 4 .   ? 2.391   3.397   -0.671  1.00 19.71 ? 404 HOH A O   1 
HETATM 1479 O  O   . HOH J 4 .   ? -13.966 -6.999  4.736   1.00 20.77 ? 405 HOH A O   1 
HETATM 1480 O  O   . HOH J 4 .   ? 0.738   -29.754 21.601  1.00 27.94 ? 406 HOH A O   1 
HETATM 1481 O  O   . HOH J 4 .   ? -5.127  20.241  -7.371  1.00 52.80 ? 407 HOH A O   1 
HETATM 1482 O  O   . HOH J 4 .   ? -2.077  7.244   -6.221  1.00 31.85 ? 408 HOH A O   1 
HETATM 1483 O  O   . HOH J 4 .   ? -13.367 -11.146 -0.247  1.00 42.14 ? 409 HOH A O   1 
HETATM 1484 O  O   . HOH J 4 .   ? 3.445   14.458  9.855   1.00 29.76 ? 410 HOH A O   1 
HETATM 1485 O  O   . HOH J 4 .   ? -0.467  9.597   -5.366  1.00 30.02 ? 411 HOH A O   1 
HETATM 1486 O  O   . HOH J 4 .   ? -1.830  15.740  -23.083 1.00 43.76 ? 412 HOH A O   1 
HETATM 1487 O  O   . HOH J 4 .   ? -0.073  -25.696 15.288  1.00 34.90 ? 413 HOH A O   1 
HETATM 1488 O  O   . HOH J 4 .   ? -15.151 -13.821 7.380   1.00 39.62 ? 414 HOH A O   1 
HETATM 1489 O  O   . HOH J 4 .   ? 10.509  10.023  11.198  1.00 37.22 ? 415 HOH A O   1 
HETATM 1490 O  O   . HOH J 4 .   ? -11.300 9.465   -6.539  1.00 39.88 ? 416 HOH A O   1 
HETATM 1491 O  O   . HOH J 4 .   ? -2.130  17.044  -4.999  1.00 35.43 ? 417 HOH A O   1 
HETATM 1492 O  O   . HOH J 4 .   ? -4.897  -15.253 9.333   1.00 46.08 ? 418 HOH A O   1 
HETATM 1493 O  O   . HOH J 4 .   ? 17.329  8.988   -2.490  1.00 35.33 ? 419 HOH A O   1 
HETATM 1494 O  O   . HOH J 4 .   ? -10.039 -9.334  -12.838 1.00 24.01 ? 420 HOH A O   1 
HETATM 1495 O  O   . HOH J 4 .   ? -0.696  4.380   -7.131  1.00 54.08 ? 421 HOH A O   1 
# 
